data_3CSR
# 
_entry.id   3CSR 
# 
_audit_conform.dict_name       mmcif_pdbx.dic 
_audit_conform.dict_version    5.387 
_audit_conform.dict_location   http://mmcif.pdb.org/dictionaries/ascii/mmcif_pdbx.dic 
# 
loop_
_database_2.database_id 
_database_2.database_code 
_database_2.pdbx_database_accession 
_database_2.pdbx_DOI 
PDB   3CSR         pdb_00003csr 10.2210/pdb3csr/pdb 
RCSB  RCSB047166   ?            ?                   
WWPDB D_1000047166 ?            ?                   
# 
loop_
_pdbx_audit_revision_history.ordinal 
_pdbx_audit_revision_history.data_content_type 
_pdbx_audit_revision_history.major_revision 
_pdbx_audit_revision_history.minor_revision 
_pdbx_audit_revision_history.revision_date 
1 'Structure model' 1 0 2008-07-01 
2 'Structure model' 1 1 2011-07-13 
3 'Structure model' 1 2 2024-02-21 
# 
_pdbx_audit_revision_details.ordinal             1 
_pdbx_audit_revision_details.revision_ordinal    1 
_pdbx_audit_revision_details.data_content_type   'Structure model' 
_pdbx_audit_revision_details.provider            repository 
_pdbx_audit_revision_details.type                'Initial release' 
_pdbx_audit_revision_details.description         ? 
_pdbx_audit_revision_details.details             ? 
# 
loop_
_pdbx_audit_revision_group.ordinal 
_pdbx_audit_revision_group.revision_ordinal 
_pdbx_audit_revision_group.data_content_type 
_pdbx_audit_revision_group.group 
1 2 'Structure model' Advisory                    
2 2 'Structure model' 'Version format compliance' 
3 3 'Structure model' 'Data collection'           
4 3 'Structure model' 'Database references'       
# 
loop_
_pdbx_audit_revision_category.ordinal 
_pdbx_audit_revision_category.revision_ordinal 
_pdbx_audit_revision_category.data_content_type 
_pdbx_audit_revision_category.category 
1 3 'Structure model' chem_comp_atom 
2 3 'Structure model' chem_comp_bond 
3 3 'Structure model' database_2     
# 
loop_
_pdbx_audit_revision_item.ordinal 
_pdbx_audit_revision_item.revision_ordinal 
_pdbx_audit_revision_item.data_content_type 
_pdbx_audit_revision_item.item 
1 3 'Structure model' '_database_2.pdbx_DOI'                
2 3 'Structure model' '_database_2.pdbx_database_accession' 
# 
_pdbx_database_status.status_code                     REL 
_pdbx_database_status.entry_id                        3CSR 
_pdbx_database_status.recvd_initial_deposition_date   2008-04-10 
_pdbx_database_status.deposit_site                    RCSB 
_pdbx_database_status.process_site                    RCSB 
_pdbx_database_status.status_code_sf                  REL 
_pdbx_database_status.status_code_mr                  ? 
_pdbx_database_status.SG_entry                        ? 
_pdbx_database_status.pdb_format_compatible           Y 
_pdbx_database_status.status_code_cs                  ? 
_pdbx_database_status.status_code_nmr_data            ? 
_pdbx_database_status.methods_development_category    ? 
# 
loop_
_pdbx_database_related.db_name 
_pdbx_database_related.db_id 
_pdbx_database_related.details 
_pdbx_database_related.content_type 
PDB 3CSQ . unspecified 
PDB 3CSZ . unspecified 
PDB 3CT0 . unspecified 
PDB 3CT1 . unspecified 
PDB 3CT5 . unspecified 
# 
loop_
_audit_author.name 
_audit_author.pdbx_ordinal 
'Xiang, Y.'      1 
'Rossmann, M.G.' 2 
# 
_citation.id                        primary 
_citation.title                     
'Crystal and cryoEM structural studies of a cell wall degrading enzyme in the bacteriophage phi29 tail.' 
_citation.journal_abbrev            Proc.Natl.Acad.Sci.Usa 
_citation.journal_volume            105 
_citation.page_first                9552 
_citation.page_last                 9557 
_citation.year                      2008 
_citation.journal_id_ASTM           PNASA6 
_citation.country                   US 
_citation.journal_id_ISSN           0027-8424 
_citation.journal_id_CSD            0040 
_citation.book_publisher            ? 
_citation.pdbx_database_id_PubMed   18606992 
_citation.pdbx_database_id_DOI      10.1073/pnas.0803787105 
# 
loop_
_citation_author.citation_id 
_citation_author.name 
_citation_author.ordinal 
_citation_author.identifier_ORCID 
primary 'Xiang, Y.'      1 ? 
primary 'Morais, M.C.'   2 ? 
primary 'Cohen, D.N.'    3 ? 
primary 'Bowman, V.D.'   4 ? 
primary 'Anderson, D.L.' 5 ? 
primary 'Rossmann, M.G.' 6 ? 
# 
loop_
_entity.id 
_entity.type 
_entity.src_method 
_entity.pdbx_description 
_entity.formula_weight 
_entity.pdbx_number_of_molecules 
_entity.pdbx_ec 
_entity.pdbx_mutation 
_entity.pdbx_fragment 
_entity.details 
1 polymer man 'Morphogenesis protein 1' 18440.746 1   ? ? ? ? 
2 water   nat water                     18.015    102 ? ? ? ? 
# 
_entity_name_com.entity_id   1 
_entity_name_com.name        'Late protein GP13' 
# 
_entity_poly.entity_id                      1 
_entity_poly.type                           'polypeptide(L)' 
_entity_poly.nstd_linkage                   no 
_entity_poly.nstd_monomer                   no 
_entity_poly.pdbx_seq_one_letter_code       
;MVYVSNKYLTMSEMKVNAQYILNYLSSNGWTKQAICGMLGNMQSESTINPGLWQNLDEGNTSLGFGLVQWTPASNYINWA
NSQGLPYKNMDSELKRIIWEVNNNAQWINLRDMTFKEYIKSTKTPRELAMIFLASYERPANPNQPERGDQAEYWYKNLS
;
_entity_poly.pdbx_seq_one_letter_code_can   
;MVYVSNKYLTMSEMKVNAQYILNYLSSNGWTKQAICGMLGNMQSESTINPGLWQNLDEGNTSLGFGLVQWTPASNYINWA
NSQGLPYKNMDSELKRIIWEVNNNAQWINLRDMTFKEYIKSTKTPRELAMIFLASYERPANPNQPERGDQAEYWYKNLS
;
_entity_poly.pdbx_strand_id                 A 
_entity_poly.pdbx_target_identifier         ? 
# 
_pdbx_entity_nonpoly.entity_id   2 
_pdbx_entity_nonpoly.name        water 
_pdbx_entity_nonpoly.comp_id     HOH 
# 
loop_
_entity_poly_seq.entity_id 
_entity_poly_seq.num 
_entity_poly_seq.mon_id 
_entity_poly_seq.hetero 
1 1   MET n 
1 2   VAL n 
1 3   TYR n 
1 4   VAL n 
1 5   SER n 
1 6   ASN n 
1 7   LYS n 
1 8   TYR n 
1 9   LEU n 
1 10  THR n 
1 11  MET n 
1 12  SER n 
1 13  GLU n 
1 14  MET n 
1 15  LYS n 
1 16  VAL n 
1 17  ASN n 
1 18  ALA n 
1 19  GLN n 
1 20  TYR n 
1 21  ILE n 
1 22  LEU n 
1 23  ASN n 
1 24  TYR n 
1 25  LEU n 
1 26  SER n 
1 27  SER n 
1 28  ASN n 
1 29  GLY n 
1 30  TRP n 
1 31  THR n 
1 32  LYS n 
1 33  GLN n 
1 34  ALA n 
1 35  ILE n 
1 36  CYS n 
1 37  GLY n 
1 38  MET n 
1 39  LEU n 
1 40  GLY n 
1 41  ASN n 
1 42  MET n 
1 43  GLN n 
1 44  SER n 
1 45  GLU n 
1 46  SER n 
1 47  THR n 
1 48  ILE n 
1 49  ASN n 
1 50  PRO n 
1 51  GLY n 
1 52  LEU n 
1 53  TRP n 
1 54  GLN n 
1 55  ASN n 
1 56  LEU n 
1 57  ASP n 
1 58  GLU n 
1 59  GLY n 
1 60  ASN n 
1 61  THR n 
1 62  SER n 
1 63  LEU n 
1 64  GLY n 
1 65  PHE n 
1 66  GLY n 
1 67  LEU n 
1 68  VAL n 
1 69  GLN n 
1 70  TRP n 
1 71  THR n 
1 72  PRO n 
1 73  ALA n 
1 74  SER n 
1 75  ASN n 
1 76  TYR n 
1 77  ILE n 
1 78  ASN n 
1 79  TRP n 
1 80  ALA n 
1 81  ASN n 
1 82  SER n 
1 83  GLN n 
1 84  GLY n 
1 85  LEU n 
1 86  PRO n 
1 87  TYR n 
1 88  LYS n 
1 89  ASN n 
1 90  MET n 
1 91  ASP n 
1 92  SER n 
1 93  GLU n 
1 94  LEU n 
1 95  LYS n 
1 96  ARG n 
1 97  ILE n 
1 98  ILE n 
1 99  TRP n 
1 100 GLU n 
1 101 VAL n 
1 102 ASN n 
1 103 ASN n 
1 104 ASN n 
1 105 ALA n 
1 106 GLN n 
1 107 TRP n 
1 108 ILE n 
1 109 ASN n 
1 110 LEU n 
1 111 ARG n 
1 112 ASP n 
1 113 MET n 
1 114 THR n 
1 115 PHE n 
1 116 LYS n 
1 117 GLU n 
1 118 TYR n 
1 119 ILE n 
1 120 LYS n 
1 121 SER n 
1 122 THR n 
1 123 LYS n 
1 124 THR n 
1 125 PRO n 
1 126 ARG n 
1 127 GLU n 
1 128 LEU n 
1 129 ALA n 
1 130 MET n 
1 131 ILE n 
1 132 PHE n 
1 133 LEU n 
1 134 ALA n 
1 135 SER n 
1 136 TYR n 
1 137 GLU n 
1 138 ARG n 
1 139 PRO n 
1 140 ALA n 
1 141 ASN n 
1 142 PRO n 
1 143 ASN n 
1 144 GLN n 
1 145 PRO n 
1 146 GLU n 
1 147 ARG n 
1 148 GLY n 
1 149 ASP n 
1 150 GLN n 
1 151 ALA n 
1 152 GLU n 
1 153 TYR n 
1 154 TRP n 
1 155 TYR n 
1 156 LYS n 
1 157 ASN n 
1 158 LEU n 
1 159 SER n 
# 
_entity_src_gen.entity_id                          1 
_entity_src_gen.pdbx_src_id                        1 
_entity_src_gen.pdbx_alt_source_flag               sample 
_entity_src_gen.pdbx_seq_type                      ? 
_entity_src_gen.pdbx_beg_seq_num                   ? 
_entity_src_gen.pdbx_end_seq_num                   ? 
_entity_src_gen.gene_src_common_name               ? 
_entity_src_gen.gene_src_genus                     ? 
_entity_src_gen.pdbx_gene_src_gene                 13 
_entity_src_gen.gene_src_species                   ? 
_entity_src_gen.gene_src_strain                    ? 
_entity_src_gen.gene_src_tissue                    ? 
_entity_src_gen.gene_src_tissue_fraction           ? 
_entity_src_gen.gene_src_details                   ? 
_entity_src_gen.pdbx_gene_src_fragment             ? 
_entity_src_gen.pdbx_gene_src_scientific_name      'Bacteriophage phi-29' 
_entity_src_gen.pdbx_gene_src_ncbi_taxonomy_id     ? 
_entity_src_gen.pdbx_gene_src_variant              ? 
_entity_src_gen.pdbx_gene_src_cell_line            ? 
_entity_src_gen.pdbx_gene_src_atcc                 ? 
_entity_src_gen.pdbx_gene_src_organ                ? 
_entity_src_gen.pdbx_gene_src_organelle            ? 
_entity_src_gen.pdbx_gene_src_cell                 ? 
_entity_src_gen.pdbx_gene_src_cellular_location    ? 
_entity_src_gen.host_org_common_name               ? 
_entity_src_gen.pdbx_host_org_scientific_name      'Escherichia coli' 
_entity_src_gen.pdbx_host_org_ncbi_taxonomy_id     ? 
_entity_src_gen.host_org_genus                     ? 
_entity_src_gen.pdbx_host_org_gene                 ? 
_entity_src_gen.pdbx_host_org_organ                ? 
_entity_src_gen.host_org_species                   ? 
_entity_src_gen.pdbx_host_org_tissue               ? 
_entity_src_gen.pdbx_host_org_tissue_fraction      ? 
_entity_src_gen.pdbx_host_org_strain               'BL21DE3 CODON PLUS RP' 
_entity_src_gen.pdbx_host_org_variant              ? 
_entity_src_gen.pdbx_host_org_cell_line            ? 
_entity_src_gen.pdbx_host_org_atcc                 ? 
_entity_src_gen.pdbx_host_org_culture_collection   ? 
_entity_src_gen.pdbx_host_org_cell                 ? 
_entity_src_gen.pdbx_host_org_organelle            ? 
_entity_src_gen.pdbx_host_org_cellular_location    ? 
_entity_src_gen.pdbx_host_org_vector_type          PLASMID 
_entity_src_gen.pdbx_host_org_vector               ? 
_entity_src_gen.host_org_details                   ? 
_entity_src_gen.expression_system_id               ? 
_entity_src_gen.plasmid_name                       PTYB1 
_entity_src_gen.plasmid_details                    ? 
_entity_src_gen.pdbx_description                   ? 
# 
loop_
_chem_comp.id 
_chem_comp.type 
_chem_comp.mon_nstd_flag 
_chem_comp.name 
_chem_comp.pdbx_synonyms 
_chem_comp.formula 
_chem_comp.formula_weight 
ALA 'L-peptide linking' y ALANINE         ? 'C3 H7 N O2'     89.093  
ARG 'L-peptide linking' y ARGININE        ? 'C6 H15 N4 O2 1' 175.209 
ASN 'L-peptide linking' y ASPARAGINE      ? 'C4 H8 N2 O3'    132.118 
ASP 'L-peptide linking' y 'ASPARTIC ACID' ? 'C4 H7 N O4'     133.103 
CYS 'L-peptide linking' y CYSTEINE        ? 'C3 H7 N O2 S'   121.158 
GLN 'L-peptide linking' y GLUTAMINE       ? 'C5 H10 N2 O3'   146.144 
GLU 'L-peptide linking' y 'GLUTAMIC ACID' ? 'C5 H9 N O4'     147.129 
GLY 'peptide linking'   y GLYCINE         ? 'C2 H5 N O2'     75.067  
HOH non-polymer         . WATER           ? 'H2 O'           18.015  
ILE 'L-peptide linking' y ISOLEUCINE      ? 'C6 H13 N O2'    131.173 
LEU 'L-peptide linking' y LEUCINE         ? 'C6 H13 N O2'    131.173 
LYS 'L-peptide linking' y LYSINE          ? 'C6 H15 N2 O2 1' 147.195 
MET 'L-peptide linking' y METHIONINE      ? 'C5 H11 N O2 S'  149.211 
PHE 'L-peptide linking' y PHENYLALANINE   ? 'C9 H11 N O2'    165.189 
PRO 'L-peptide linking' y PROLINE         ? 'C5 H9 N O2'     115.130 
SER 'L-peptide linking' y SERINE          ? 'C3 H7 N O3'     105.093 
THR 'L-peptide linking' y THREONINE       ? 'C4 H9 N O3'     119.119 
TRP 'L-peptide linking' y TRYPTOPHAN      ? 'C11 H12 N2 O2'  204.225 
TYR 'L-peptide linking' y TYROSINE        ? 'C9 H11 N O3'    181.189 
VAL 'L-peptide linking' y VALINE          ? 'C5 H11 N O2'    117.146 
# 
loop_
_pdbx_poly_seq_scheme.asym_id 
_pdbx_poly_seq_scheme.entity_id 
_pdbx_poly_seq_scheme.seq_id 
_pdbx_poly_seq_scheme.mon_id 
_pdbx_poly_seq_scheme.ndb_seq_num 
_pdbx_poly_seq_scheme.pdb_seq_num 
_pdbx_poly_seq_scheme.auth_seq_num 
_pdbx_poly_seq_scheme.pdb_mon_id 
_pdbx_poly_seq_scheme.auth_mon_id 
_pdbx_poly_seq_scheme.pdb_strand_id 
_pdbx_poly_seq_scheme.pdb_ins_code 
_pdbx_poly_seq_scheme.hetero 
A 1 1   MET 1   1   1   MET MET A . n 
A 1 2   VAL 2   2   2   VAL VAL A . n 
A 1 3   TYR 3   3   3   TYR TYR A . n 
A 1 4   VAL 4   4   4   VAL VAL A . n 
A 1 5   SER 5   5   5   SER SER A . n 
A 1 6   ASN 6   6   6   ASN ASN A . n 
A 1 7   LYS 7   7   7   LYS LYS A . n 
A 1 8   TYR 8   8   8   TYR TYR A . n 
A 1 9   LEU 9   9   9   LEU LEU A . n 
A 1 10  THR 10  10  10  THR THR A . n 
A 1 11  MET 11  11  11  MET MET A . n 
A 1 12  SER 12  12  12  SER SER A . n 
A 1 13  GLU 13  13  13  GLU GLU A . n 
A 1 14  MET 14  14  14  MET MET A . n 
A 1 15  LYS 15  15  15  LYS LYS A . n 
A 1 16  VAL 16  16  16  VAL VAL A . n 
A 1 17  ASN 17  17  17  ASN ASN A . n 
A 1 18  ALA 18  18  18  ALA ALA A . n 
A 1 19  GLN 19  19  19  GLN GLN A . n 
A 1 20  TYR 20  20  20  TYR TYR A . n 
A 1 21  ILE 21  21  21  ILE ILE A . n 
A 1 22  LEU 22  22  22  LEU LEU A . n 
A 1 23  ASN 23  23  23  ASN ASN A . n 
A 1 24  TYR 24  24  24  TYR TYR A . n 
A 1 25  LEU 25  25  25  LEU LEU A . n 
A 1 26  SER 26  26  26  SER SER A . n 
A 1 27  SER 27  27  27  SER SER A . n 
A 1 28  ASN 28  28  28  ASN ASN A . n 
A 1 29  GLY 29  29  29  GLY GLY A . n 
A 1 30  TRP 30  30  30  TRP TRP A . n 
A 1 31  THR 31  31  31  THR THR A . n 
A 1 32  LYS 32  32  32  LYS LYS A . n 
A 1 33  GLN 33  33  33  GLN GLN A . n 
A 1 34  ALA 34  34  34  ALA ALA A . n 
A 1 35  ILE 35  35  35  ILE ILE A . n 
A 1 36  CYS 36  36  36  CYS CYS A . n 
A 1 37  GLY 37  37  37  GLY GLY A . n 
A 1 38  MET 38  38  38  MET MET A . n 
A 1 39  LEU 39  39  39  LEU LEU A . n 
A 1 40  GLY 40  40  40  GLY GLY A . n 
A 1 41  ASN 41  41  41  ASN ASN A . n 
A 1 42  MET 42  42  42  MET MET A . n 
A 1 43  GLN 43  43  43  GLN GLN A . n 
A 1 44  SER 44  44  44  SER SER A . n 
A 1 45  GLU 45  45  45  GLU GLU A . n 
A 1 46  SER 46  46  46  SER SER A . n 
A 1 47  THR 47  47  47  THR THR A . n 
A 1 48  ILE 48  48  48  ILE ILE A . n 
A 1 49  ASN 49  49  49  ASN ASN A . n 
A 1 50  PRO 50  50  50  PRO PRO A . n 
A 1 51  GLY 51  51  51  GLY GLY A . n 
A 1 52  LEU 52  52  52  LEU LEU A . n 
A 1 53  TRP 53  53  53  TRP TRP A . n 
A 1 54  GLN 54  54  54  GLN GLN A . n 
A 1 55  ASN 55  55  55  ASN ASN A . n 
A 1 56  LEU 56  56  56  LEU LEU A . n 
A 1 57  ASP 57  57  57  ASP ASP A . n 
A 1 58  GLU 58  58  58  GLU GLU A . n 
A 1 59  GLY 59  59  59  GLY GLY A . n 
A 1 60  ASN 60  60  60  ASN ASN A . n 
A 1 61  THR 61  61  61  THR THR A . n 
A 1 62  SER 62  62  62  SER SER A . n 
A 1 63  LEU 63  63  63  LEU LEU A . n 
A 1 64  GLY 64  64  64  GLY GLY A . n 
A 1 65  PHE 65  65  65  PHE PHE A . n 
A 1 66  GLY 66  66  66  GLY GLY A . n 
A 1 67  LEU 67  67  67  LEU LEU A . n 
A 1 68  VAL 68  68  68  VAL VAL A . n 
A 1 69  GLN 69  69  69  GLN GLN A . n 
A 1 70  TRP 70  70  70  TRP TRP A . n 
A 1 71  THR 71  71  71  THR THR A . n 
A 1 72  PRO 72  72  72  PRO PRO A . n 
A 1 73  ALA 73  73  73  ALA ALA A . n 
A 1 74  SER 74  74  74  SER SER A . n 
A 1 75  ASN 75  75  75  ASN ASN A . n 
A 1 76  TYR 76  76  76  TYR TYR A . n 
A 1 77  ILE 77  77  77  ILE ILE A . n 
A 1 78  ASN 78  78  78  ASN ASN A . n 
A 1 79  TRP 79  79  79  TRP TRP A . n 
A 1 80  ALA 80  80  80  ALA ALA A . n 
A 1 81  ASN 81  81  81  ASN ASN A . n 
A 1 82  SER 82  82  82  SER SER A . n 
A 1 83  GLN 83  83  83  GLN GLN A . n 
A 1 84  GLY 84  84  84  GLY GLY A . n 
A 1 85  LEU 85  85  85  LEU LEU A . n 
A 1 86  PRO 86  86  86  PRO PRO A . n 
A 1 87  TYR 87  87  87  TYR TYR A . n 
A 1 88  LYS 88  88  88  LYS LYS A . n 
A 1 89  ASN 89  89  89  ASN ASN A . n 
A 1 90  MET 90  90  90  MET MET A . n 
A 1 91  ASP 91  91  91  ASP ASP A . n 
A 1 92  SER 92  92  92  SER SER A . n 
A 1 93  GLU 93  93  93  GLU GLU A . n 
A 1 94  LEU 94  94  94  LEU LEU A . n 
A 1 95  LYS 95  95  95  LYS LYS A . n 
A 1 96  ARG 96  96  96  ARG ARG A . n 
A 1 97  ILE 97  97  97  ILE ILE A . n 
A 1 98  ILE 98  98  98  ILE ILE A . n 
A 1 99  TRP 99  99  99  TRP TRP A . n 
A 1 100 GLU 100 100 100 GLU GLU A . n 
A 1 101 VAL 101 101 101 VAL VAL A . n 
A 1 102 ASN 102 102 102 ASN ASN A . n 
A 1 103 ASN 103 103 103 ASN ASN A . n 
A 1 104 ASN 104 104 104 ASN ASN A . n 
A 1 105 ALA 105 105 105 ALA ALA A . n 
A 1 106 GLN 106 106 106 GLN GLN A . n 
A 1 107 TRP 107 107 107 TRP TRP A . n 
A 1 108 ILE 108 108 108 ILE ILE A . n 
A 1 109 ASN 109 109 109 ASN ASN A . n 
A 1 110 LEU 110 110 110 LEU LEU A . n 
A 1 111 ARG 111 111 111 ARG ARG A . n 
A 1 112 ASP 112 112 112 ASP ASP A . n 
A 1 113 MET 113 113 113 MET MET A . n 
A 1 114 THR 114 114 114 THR THR A . n 
A 1 115 PHE 115 115 115 PHE PHE A . n 
A 1 116 LYS 116 116 116 LYS LYS A . n 
A 1 117 GLU 117 117 117 GLU GLU A . n 
A 1 118 TYR 118 118 118 TYR TYR A . n 
A 1 119 ILE 119 119 119 ILE ILE A . n 
A 1 120 LYS 120 120 120 LYS LYS A . n 
A 1 121 SER 121 121 121 SER SER A . n 
A 1 122 THR 122 122 122 THR THR A . n 
A 1 123 LYS 123 123 123 LYS LYS A . n 
A 1 124 THR 124 124 124 THR THR A . n 
A 1 125 PRO 125 125 125 PRO PRO A . n 
A 1 126 ARG 126 126 126 ARG ARG A . n 
A 1 127 GLU 127 127 127 GLU GLU A . n 
A 1 128 LEU 128 128 128 LEU LEU A . n 
A 1 129 ALA 129 129 129 ALA ALA A . n 
A 1 130 MET 130 130 130 MET MET A . n 
A 1 131 ILE 131 131 131 ILE ILE A . n 
A 1 132 PHE 132 132 132 PHE PHE A . n 
A 1 133 LEU 133 133 133 LEU LEU A . n 
A 1 134 ALA 134 134 134 ALA ALA A . n 
A 1 135 SER 135 135 135 SER SER A . n 
A 1 136 TYR 136 136 136 TYR TYR A . n 
A 1 137 GLU 137 137 137 GLU GLU A . n 
A 1 138 ARG 138 138 138 ARG ARG A . n 
A 1 139 PRO 139 139 139 PRO PRO A . n 
A 1 140 ALA 140 140 140 ALA ALA A . n 
A 1 141 ASN 141 141 141 ASN ASN A . n 
A 1 142 PRO 142 142 142 PRO PRO A . n 
A 1 143 ASN 143 143 143 ASN ASN A . n 
A 1 144 GLN 144 144 144 GLN GLN A . n 
A 1 145 PRO 145 145 145 PRO PRO A . n 
A 1 146 GLU 146 146 146 GLU GLU A . n 
A 1 147 ARG 147 147 147 ARG ARG A . n 
A 1 148 GLY 148 148 148 GLY GLY A . n 
A 1 149 ASP 149 149 149 ASP ASP A . n 
A 1 150 GLN 150 150 150 GLN GLN A . n 
A 1 151 ALA 151 151 151 ALA ALA A . n 
A 1 152 GLU 152 152 152 GLU GLU A . n 
A 1 153 TYR 153 153 153 TYR TYR A . n 
A 1 154 TRP 154 154 154 TRP TRP A . n 
A 1 155 TYR 155 155 155 TYR TYR A . n 
A 1 156 LYS 156 156 156 LYS LYS A . n 
A 1 157 ASN 157 157 157 ASN ASN A . n 
A 1 158 LEU 158 158 158 LEU LEU A . n 
A 1 159 SER 159 159 159 SER SER A . n 
# 
loop_
_pdbx_nonpoly_scheme.asym_id 
_pdbx_nonpoly_scheme.entity_id 
_pdbx_nonpoly_scheme.mon_id 
_pdbx_nonpoly_scheme.ndb_seq_num 
_pdbx_nonpoly_scheme.pdb_seq_num 
_pdbx_nonpoly_scheme.auth_seq_num 
_pdbx_nonpoly_scheme.pdb_mon_id 
_pdbx_nonpoly_scheme.auth_mon_id 
_pdbx_nonpoly_scheme.pdb_strand_id 
_pdbx_nonpoly_scheme.pdb_ins_code 
B 2 HOH 1   160 1   HOH HOH A . 
B 2 HOH 2   161 2   HOH HOH A . 
B 2 HOH 3   162 3   HOH HOH A . 
B 2 HOH 4   163 4   HOH HOH A . 
B 2 HOH 5   164 5   HOH HOH A . 
B 2 HOH 6   165 6   HOH HOH A . 
B 2 HOH 7   166 7   HOH HOH A . 
B 2 HOH 8   167 8   HOH HOH A . 
B 2 HOH 9   168 9   HOH HOH A . 
B 2 HOH 10  169 10  HOH HOH A . 
B 2 HOH 11  170 11  HOH HOH A . 
B 2 HOH 12  171 12  HOH HOH A . 
B 2 HOH 13  172 13  HOH HOH A . 
B 2 HOH 14  173 14  HOH HOH A . 
B 2 HOH 15  174 15  HOH HOH A . 
B 2 HOH 16  175 16  HOH HOH A . 
B 2 HOH 17  176 17  HOH HOH A . 
B 2 HOH 18  177 18  HOH HOH A . 
B 2 HOH 19  178 19  HOH HOH A . 
B 2 HOH 20  179 20  HOH HOH A . 
B 2 HOH 21  180 21  HOH HOH A . 
B 2 HOH 22  181 22  HOH HOH A . 
B 2 HOH 23  182 23  HOH HOH A . 
B 2 HOH 24  183 24  HOH HOH A . 
B 2 HOH 25  184 25  HOH HOH A . 
B 2 HOH 26  185 26  HOH HOH A . 
B 2 HOH 27  186 27  HOH HOH A . 
B 2 HOH 28  187 28  HOH HOH A . 
B 2 HOH 29  188 29  HOH HOH A . 
B 2 HOH 30  189 30  HOH HOH A . 
B 2 HOH 31  190 31  HOH HOH A . 
B 2 HOH 32  191 32  HOH HOH A . 
B 2 HOH 33  192 33  HOH HOH A . 
B 2 HOH 34  193 34  HOH HOH A . 
B 2 HOH 35  194 35  HOH HOH A . 
B 2 HOH 36  195 36  HOH HOH A . 
B 2 HOH 37  196 38  HOH HOH A . 
B 2 HOH 38  197 39  HOH HOH A . 
B 2 HOH 39  198 40  HOH HOH A . 
B 2 HOH 40  199 41  HOH HOH A . 
B 2 HOH 41  200 42  HOH HOH A . 
B 2 HOH 42  201 43  HOH HOH A . 
B 2 HOH 43  202 44  HOH HOH A . 
B 2 HOH 44  203 45  HOH HOH A . 
B 2 HOH 45  204 46  HOH HOH A . 
B 2 HOH 46  205 47  HOH HOH A . 
B 2 HOH 47  206 48  HOH HOH A . 
B 2 HOH 48  207 49  HOH HOH A . 
B 2 HOH 49  208 50  HOH HOH A . 
B 2 HOH 50  209 51  HOH HOH A . 
B 2 HOH 51  210 53  HOH HOH A . 
B 2 HOH 52  211 54  HOH HOH A . 
B 2 HOH 53  212 55  HOH HOH A . 
B 2 HOH 54  213 56  HOH HOH A . 
B 2 HOH 55  214 57  HOH HOH A . 
B 2 HOH 56  215 58  HOH HOH A . 
B 2 HOH 57  216 59  HOH HOH A . 
B 2 HOH 58  217 60  HOH HOH A . 
B 2 HOH 59  218 61  HOH HOH A . 
B 2 HOH 60  219 62  HOH HOH A . 
B 2 HOH 61  220 63  HOH HOH A . 
B 2 HOH 62  221 65  HOH HOH A . 
B 2 HOH 63  222 66  HOH HOH A . 
B 2 HOH 64  223 67  HOH HOH A . 
B 2 HOH 65  224 68  HOH HOH A . 
B 2 HOH 66  225 69  HOH HOH A . 
B 2 HOH 67  226 70  HOH HOH A . 
B 2 HOH 68  227 71  HOH HOH A . 
B 2 HOH 69  228 73  HOH HOH A . 
B 2 HOH 70  229 75  HOH HOH A . 
B 2 HOH 71  230 76  HOH HOH A . 
B 2 HOH 72  231 77  HOH HOH A . 
B 2 HOH 73  232 79  HOH HOH A . 
B 2 HOH 74  233 80  HOH HOH A . 
B 2 HOH 75  234 82  HOH HOH A . 
B 2 HOH 76  235 86  HOH HOH A . 
B 2 HOH 77  236 87  HOH HOH A . 
B 2 HOH 78  237 88  HOH HOH A . 
B 2 HOH 79  238 90  HOH HOH A . 
B 2 HOH 80  239 91  HOH HOH A . 
B 2 HOH 81  240 92  HOH HOH A . 
B 2 HOH 82  241 93  HOH HOH A . 
B 2 HOH 83  242 94  HOH HOH A . 
B 2 HOH 84  243 95  HOH HOH A . 
B 2 HOH 85  244 96  HOH HOH A . 
B 2 HOH 86  245 98  HOH HOH A . 
B 2 HOH 87  246 99  HOH HOH A . 
B 2 HOH 88  247 100 HOH HOH A . 
B 2 HOH 89  248 101 HOH HOH A . 
B 2 HOH 90  249 103 HOH HOH A . 
B 2 HOH 91  250 105 HOH HOH A . 
B 2 HOH 92  251 107 HOH HOH A . 
B 2 HOH 93  252 109 HOH HOH A . 
B 2 HOH 94  253 110 HOH HOH A . 
B 2 HOH 95  254 111 HOH HOH A . 
B 2 HOH 96  255 112 HOH HOH A . 
B 2 HOH 97  256 113 HOH HOH A . 
B 2 HOH 98  257 114 HOH HOH A . 
B 2 HOH 99  258 115 HOH HOH A . 
B 2 HOH 100 259 116 HOH HOH A . 
B 2 HOH 101 260 117 HOH HOH A . 
B 2 HOH 102 261 118 HOH HOH A . 
# 
loop_
_software.name 
_software.classification 
_software.version 
_software.citation_id 
_software.pdbx_ordinal 
REFMAC       refinement        5.2.0019 ? 1 
CrystalClear 'data collection' .        ? 2 
HKL-2000     'data reduction'  .        ? 3 
HKL-2000     'data scaling'    .        ? 4 
PHASER       phasing           .        ? 5 
# 
_cell.entry_id           3CSR 
_cell.length_a           30.906 
_cell.length_b           69.506 
_cell.length_c           71.255 
_cell.angle_alpha        90.00 
_cell.angle_beta         90.00 
_cell.angle_gamma        90.00 
_cell.Z_PDB              4 
_cell.pdbx_unique_axis   ? 
_cell.length_a_esd       ? 
_cell.length_b_esd       ? 
_cell.length_c_esd       ? 
_cell.angle_alpha_esd    ? 
_cell.angle_beta_esd     ? 
_cell.angle_gamma_esd    ? 
# 
_symmetry.entry_id                         3CSR 
_symmetry.space_group_name_H-M             'P 21 21 21' 
_symmetry.pdbx_full_space_group_name_H-M   ? 
_symmetry.cell_setting                     ? 
_symmetry.Int_Tables_number                19 
_symmetry.space_group_name_Hall            ? 
# 
_exptl.entry_id          3CSR 
_exptl.method            'X-RAY DIFFRACTION' 
_exptl.crystals_number   ? 
# 
_exptl_crystal.id                    1 
_exptl_crystal.density_meas          ? 
_exptl_crystal.density_Matthews      2.08 
_exptl_crystal.density_percent_sol   40.73 
_exptl_crystal.description           ? 
_exptl_crystal.F_000                 ? 
_exptl_crystal.preparation           ? 
# 
_exptl_crystal_grow.crystal_id      1 
_exptl_crystal_grow.method          'VAPOR DIFFUSION, SITTING DROP' 
_exptl_crystal_grow.temp            293 
_exptl_crystal_grow.temp_details    ? 
_exptl_crystal_grow.pH              8.0 
_exptl_crystal_grow.pdbx_details    
'20% PEG4000, 100mM Tris-HCl, 10% glycerol, pH 8.0, VAPOR DIFFUSION, SITTING DROP, temperature 293K' 
_exptl_crystal_grow.pdbx_pH_range   . 
# 
_diffrn.id                     1 
_diffrn.ambient_temp           100 
_diffrn.ambient_temp_details   ? 
_diffrn.crystal_id             1 
# 
_diffrn_detector.diffrn_id              1 
_diffrn_detector.detector               'IMAGE PLATE' 
_diffrn_detector.type                   'RIGAKU RAXIS IV' 
_diffrn_detector.pdbx_collection_date   2007-02-01 
_diffrn_detector.details                mirrors 
# 
_diffrn_radiation.diffrn_id                        1 
_diffrn_radiation.wavelength_id                    1 
_diffrn_radiation.pdbx_monochromatic_or_laue_m_l   M 
_diffrn_radiation.monochromator                    GRAPHITE 
_diffrn_radiation.pdbx_diffrn_protocol             'SINGLE WAVELENGTH' 
_diffrn_radiation.pdbx_scattering_type             x-ray 
# 
_diffrn_radiation_wavelength.id           1 
_diffrn_radiation_wavelength.wavelength   1.5418 
_diffrn_radiation_wavelength.wt           1.0 
# 
_diffrn_source.diffrn_id                   1 
_diffrn_source.source                      'ROTATING ANODE' 
_diffrn_source.type                        RIGAKU 
_diffrn_source.pdbx_synchrotron_site       ? 
_diffrn_source.pdbx_synchrotron_beamline   ? 
_diffrn_source.pdbx_wavelength             1.5418 
_diffrn_source.pdbx_wavelength_list        ? 
# 
_reflns.entry_id                     3CSR 
_reflns.observed_criterion_sigma_F   ? 
_reflns.observed_criterion_sigma_I   ? 
_reflns.d_resolution_high            1.8 
_reflns.d_resolution_low             49.75 
_reflns.number_all                   ? 
_reflns.number_obs                   14312 
_reflns.percent_possible_obs         99.2 
_reflns.pdbx_Rmerge_I_obs            0.057 
_reflns.pdbx_Rsym_value              5.7 
_reflns.pdbx_netI_over_sigmaI        23.0 
_reflns.B_iso_Wilson_estimate        ? 
_reflns.pdbx_redundancy              ? 
_reflns.R_free_details               ? 
_reflns.limit_h_max                  ? 
_reflns.limit_h_min                  ? 
_reflns.limit_k_max                  ? 
_reflns.limit_k_min                  ? 
_reflns.limit_l_max                  ? 
_reflns.limit_l_min                  ? 
_reflns.observed_criterion_F_max     ? 
_reflns.observed_criterion_F_min     ? 
_reflns.pdbx_chi_squared             ? 
_reflns.pdbx_scaling_rejects         ? 
_reflns.pdbx_ordinal                 1 
_reflns.pdbx_diffrn_id               1 
# 
_reflns_shell.d_res_high             1.8 
_reflns_shell.d_res_low              1.86 
_reflns_shell.percent_possible_all   96.8 
_reflns_shell.Rmerge_I_obs           0.164 
_reflns_shell.pdbx_Rsym_value        16.4 
_reflns_shell.meanI_over_sigI_obs    12.6 
_reflns_shell.pdbx_redundancy        ? 
_reflns_shell.percent_possible_obs   ? 
_reflns_shell.number_unique_all      ? 
_reflns_shell.number_measured_all    ? 
_reflns_shell.number_measured_obs    ? 
_reflns_shell.number_unique_obs      ? 
_reflns_shell.pdbx_chi_squared       ? 
_reflns_shell.pdbx_ordinal           1 
_reflns_shell.pdbx_diffrn_id         1 
# 
_refine.entry_id                                 3CSR 
_refine.ls_number_reflns_obs                     13595 
_refine.ls_number_reflns_all                     ? 
_refine.pdbx_ls_sigma_I                          ? 
_refine.pdbx_ls_sigma_F                          ? 
_refine.pdbx_data_cutoff_high_absF               ? 
_refine.pdbx_data_cutoff_low_absF                ? 
_refine.pdbx_data_cutoff_high_rms_absF           ? 
_refine.ls_d_res_low                             49.75 
_refine.ls_d_res_high                            1.80 
_refine.ls_percent_reflns_obs                    96.42 
_refine.ls_R_factor_obs                          0.19468 
_refine.ls_R_factor_all                          ? 
_refine.ls_R_factor_R_work                       0.19258 
_refine.ls_R_factor_R_free                       0.23736 
_refine.ls_R_factor_R_free_error                 ? 
_refine.ls_R_factor_R_free_error_details         ? 
_refine.ls_percent_reflns_R_free                 5.0 
_refine.ls_number_reflns_R_free                  717 
_refine.ls_number_parameters                     ? 
_refine.ls_number_restraints                     ? 
_refine.occupancy_min                            ? 
_refine.occupancy_max                            ? 
_refine.correlation_coeff_Fo_to_Fc               0.952 
_refine.correlation_coeff_Fo_to_Fc_free          0.938 
_refine.B_iso_mean                               27.177 
_refine.aniso_B[1][1]                            -0.02 
_refine.aniso_B[2][2]                            -1.03 
_refine.aniso_B[3][3]                            1.05 
_refine.aniso_B[1][2]                            0.00 
_refine.aniso_B[1][3]                            0.00 
_refine.aniso_B[2][3]                            0.00 
_refine.solvent_model_details                    'BABINET MODEL WITH MASK' 
_refine.solvent_model_param_ksol                 ? 
_refine.solvent_model_param_bsol                 ? 
_refine.pdbx_solvent_vdw_probe_radii             1.40 
_refine.pdbx_solvent_ion_probe_radii             0.80 
_refine.pdbx_solvent_shrinkage_radii             0.80 
_refine.pdbx_ls_cross_valid_method               THROUGHOUT 
_refine.details                                  ? 
_refine.pdbx_starting_model                      ? 
_refine.pdbx_method_to_determine_struct          'MOLECULAR REPLACEMENT' 
_refine.pdbx_isotropic_thermal_model             ? 
_refine.pdbx_stereochemistry_target_values       'MAXIMUM LIKELIHOOD' 
_refine.pdbx_stereochem_target_val_spec_case     ? 
_refine.pdbx_R_Free_selection_details            RANDOM 
_refine.pdbx_overall_ESU_R                       0.150 
_refine.pdbx_overall_ESU_R_Free                  0.141 
_refine.overall_SU_ML                            0.091 
_refine.overall_SU_B                             5.857 
_refine.ls_redundancy_reflns_obs                 ? 
_refine.B_iso_min                                ? 
_refine.B_iso_max                                ? 
_refine.overall_SU_R_Cruickshank_DPI             ? 
_refine.overall_SU_R_free                        ? 
_refine.ls_wR_factor_R_free                      ? 
_refine.ls_wR_factor_R_work                      ? 
_refine.overall_FOM_free_R_set                   ? 
_refine.overall_FOM_work_R_set                   ? 
_refine.pdbx_overall_phase_error                 ? 
_refine.pdbx_refine_id                           'X-RAY DIFFRACTION' 
_refine.pdbx_TLS_residual_ADP_flag               'LIKELY RESIDUAL' 
_refine.pdbx_diffrn_id                           1 
_refine.pdbx_overall_SU_R_free_Cruickshank_DPI   ? 
_refine.pdbx_overall_SU_R_Blow_DPI               ? 
_refine.pdbx_overall_SU_R_free_Blow_DPI          ? 
# 
_refine_hist.pdbx_refine_id                   'X-RAY DIFFRACTION' 
_refine_hist.cycle_id                         LAST 
_refine_hist.pdbx_number_atoms_protein        1296 
_refine_hist.pdbx_number_atoms_nucleic_acid   0 
_refine_hist.pdbx_number_atoms_ligand         0 
_refine_hist.number_atoms_solvent             102 
_refine_hist.number_atoms_total               1398 
_refine_hist.d_res_high                       1.80 
_refine_hist.d_res_low                        49.75 
# 
loop_
_refine_ls_restr.type 
_refine_ls_restr.dev_ideal 
_refine_ls_restr.dev_ideal_target 
_refine_ls_restr.weight 
_refine_ls_restr.number 
_refine_ls_restr.pdbx_refine_id 
_refine_ls_restr.pdbx_restraint_function 
r_bond_refined_d             0.014  0.022  ? 1333 'X-RAY DIFFRACTION' ? 
r_bond_other_d               ?      ?      ? ?    'X-RAY DIFFRACTION' ? 
r_angle_refined_deg          1.345  1.934  ? 1812 'X-RAY DIFFRACTION' ? 
r_angle_other_deg            ?      ?      ? ?    'X-RAY DIFFRACTION' ? 
r_dihedral_angle_1_deg       6.030  5.000  ? 160  'X-RAY DIFFRACTION' ? 
r_dihedral_angle_2_deg       35.646 25.522 ? 67   'X-RAY DIFFRACTION' ? 
r_dihedral_angle_3_deg       13.087 15.000 ? 230  'X-RAY DIFFRACTION' ? 
r_dihedral_angle_4_deg       18.052 15.000 ? 5    'X-RAY DIFFRACTION' ? 
r_chiral_restr               0.093  0.200  ? 187  'X-RAY DIFFRACTION' ? 
r_gen_planes_refined         0.006  0.020  ? 1032 'X-RAY DIFFRACTION' ? 
r_gen_planes_other           ?      ?      ? ?    'X-RAY DIFFRACTION' ? 
r_nbd_refined                0.207  0.200  ? 694  'X-RAY DIFFRACTION' ? 
r_nbd_other                  ?      ?      ? ?    'X-RAY DIFFRACTION' ? 
r_nbtor_refined              0.310  0.200  ? 939  'X-RAY DIFFRACTION' ? 
r_nbtor_other                ?      ?      ? ?    'X-RAY DIFFRACTION' ? 
r_xyhbond_nbd_refined        0.167  0.200  ? 103  'X-RAY DIFFRACTION' ? 
r_xyhbond_nbd_other          ?      ?      ? ?    'X-RAY DIFFRACTION' ? 
r_metal_ion_refined          ?      ?      ? ?    'X-RAY DIFFRACTION' ? 
r_metal_ion_other            ?      ?      ? ?    'X-RAY DIFFRACTION' ? 
r_symmetry_vdw_refined       0.145  0.200  ? 22   'X-RAY DIFFRACTION' ? 
r_symmetry_vdw_other         ?      ?      ? ?    'X-RAY DIFFRACTION' ? 
r_symmetry_hbond_refined     0.177  0.200  ? 4    'X-RAY DIFFRACTION' ? 
r_symmetry_hbond_other       ?      ?      ? ?    'X-RAY DIFFRACTION' ? 
r_symmetry_metal_ion_refined ?      ?      ? ?    'X-RAY DIFFRACTION' ? 
r_symmetry_metal_ion_other   ?      ?      ? ?    'X-RAY DIFFRACTION' ? 
r_mcbond_it                  0.721  1.500  ? 817  'X-RAY DIFFRACTION' ? 
r_mcbond_other               ?      ?      ? ?    'X-RAY DIFFRACTION' ? 
r_mcangle_it                 1.073  2.000  ? 1284 'X-RAY DIFFRACTION' ? 
r_scbond_it                  1.889  3.000  ? 620  'X-RAY DIFFRACTION' ? 
r_scangle_it                 2.756  4.500  ? 527  'X-RAY DIFFRACTION' ? 
r_rigid_bond_restr           ?      ?      ? ?    'X-RAY DIFFRACTION' ? 
r_sphericity_free            ?      ?      ? ?    'X-RAY DIFFRACTION' ? 
r_sphericity_bonded          ?      ?      ? ?    'X-RAY DIFFRACTION' ? 
# 
_refine_ls_shell.pdbx_total_number_of_bins_used   20 
_refine_ls_shell.d_res_high                       1.800 
_refine_ls_shell.d_res_low                        1.847 
_refine_ls_shell.number_reflns_R_work             1003 
_refine_ls_shell.R_factor_R_work                  0.269 
_refine_ls_shell.percent_reflns_obs               98.69 
_refine_ls_shell.R_factor_R_free                  0.294 
_refine_ls_shell.R_factor_R_free_error            ? 
_refine_ls_shell.percent_reflns_R_free            ? 
_refine_ls_shell.number_reflns_R_free             52 
_refine_ls_shell.number_reflns_all                ? 
_refine_ls_shell.R_factor_all                     ? 
_refine_ls_shell.number_reflns_obs                ? 
_refine_ls_shell.redundancy_reflns_obs            ? 
_refine_ls_shell.pdbx_refine_id                   'X-RAY DIFFRACTION' 
# 
_struct.entry_id                  3CSR 
_struct.title                     
'Crystal and cryoEM structural studies of a cell wall degrading enzyme in the bacteriophage phi29 tail' 
_struct.pdbx_model_details        ? 
_struct.pdbx_CASP_flag            ? 
_struct.pdbx_model_type_details   ? 
# 
_struct_keywords.entry_id        3CSR 
_struct_keywords.pdbx_keywords   HYDROLASE 
_struct_keywords.text            'phi29, hydrolase, cell wall, infection, Late protein' 
# 
loop_
_struct_asym.id 
_struct_asym.pdbx_blank_PDB_chainid_flag 
_struct_asym.pdbx_modified 
_struct_asym.entity_id 
_struct_asym.details 
A N N 1 ? 
B N N 2 ? 
# 
_struct_ref.id                         1 
_struct_ref.db_name                    UNP 
_struct_ref.db_code                    VG13_BPPH2 
_struct_ref.pdbx_db_accession          P15132 
_struct_ref.entity_id                  1 
_struct_ref.pdbx_seq_one_letter_code   
;MVYVSNKYLTMSEMKVNAQYILNYLSSNGWTKQAICGMLGNMQSESTINPGLWQNLDEGNTSLGFGLVQWTPASNYINWA
NSQGLPYKDMDSELKRIIWEVNNNAQWINLRDMTFKEYIKSTKTPRELAMIFLASYERPANPNQPERGDQAEYWYKNLS
;
_struct_ref.pdbx_align_begin           1 
_struct_ref.pdbx_db_isoform            ? 
# 
_struct_ref_seq.align_id                      1 
_struct_ref_seq.ref_id                        1 
_struct_ref_seq.pdbx_PDB_id_code              3CSR 
_struct_ref_seq.pdbx_strand_id                A 
_struct_ref_seq.seq_align_beg                 1 
_struct_ref_seq.pdbx_seq_align_beg_ins_code   ? 
_struct_ref_seq.seq_align_end                 159 
_struct_ref_seq.pdbx_seq_align_end_ins_code   ? 
_struct_ref_seq.pdbx_db_accession             P15132 
_struct_ref_seq.db_align_beg                  1 
_struct_ref_seq.pdbx_db_align_beg_ins_code    ? 
_struct_ref_seq.db_align_end                  159 
_struct_ref_seq.pdbx_db_align_end_ins_code    ? 
_struct_ref_seq.pdbx_auth_seq_align_beg       1 
_struct_ref_seq.pdbx_auth_seq_align_end       159 
# 
_struct_ref_seq_dif.align_id                     1 
_struct_ref_seq_dif.pdbx_pdb_id_code             3CSR 
_struct_ref_seq_dif.mon_id                       ASN 
_struct_ref_seq_dif.pdbx_pdb_strand_id           A 
_struct_ref_seq_dif.seq_num                      89 
_struct_ref_seq_dif.pdbx_pdb_ins_code            ? 
_struct_ref_seq_dif.pdbx_seq_db_name             UNP 
_struct_ref_seq_dif.pdbx_seq_db_accession_code   P15132 
_struct_ref_seq_dif.db_mon_id                    ASP 
_struct_ref_seq_dif.pdbx_seq_db_seq_num          89 
_struct_ref_seq_dif.details                      'SEE REMARK 999' 
_struct_ref_seq_dif.pdbx_auth_seq_num            89 
_struct_ref_seq_dif.pdbx_ordinal                 1 
# 
_pdbx_struct_assembly.id                   1 
_pdbx_struct_assembly.details              author_and_software_defined_assembly 
_pdbx_struct_assembly.method_details       PISA 
_pdbx_struct_assembly.oligomeric_details   monomeric 
_pdbx_struct_assembly.oligomeric_count     1 
# 
_pdbx_struct_assembly_gen.assembly_id       1 
_pdbx_struct_assembly_gen.oper_expression   1 
_pdbx_struct_assembly_gen.asym_id_list      A,B 
# 
_pdbx_struct_oper_list.id                   1 
_pdbx_struct_oper_list.type                 'identity operation' 
_pdbx_struct_oper_list.name                 1_555 
_pdbx_struct_oper_list.symmetry_operation   x,y,z 
_pdbx_struct_oper_list.matrix[1][1]         1.0000000000 
_pdbx_struct_oper_list.matrix[1][2]         0.0000000000 
_pdbx_struct_oper_list.matrix[1][3]         0.0000000000 
_pdbx_struct_oper_list.vector[1]            0.0000000000 
_pdbx_struct_oper_list.matrix[2][1]         0.0000000000 
_pdbx_struct_oper_list.matrix[2][2]         1.0000000000 
_pdbx_struct_oper_list.matrix[2][3]         0.0000000000 
_pdbx_struct_oper_list.vector[2]            0.0000000000 
_pdbx_struct_oper_list.matrix[3][1]         0.0000000000 
_pdbx_struct_oper_list.matrix[3][2]         0.0000000000 
_pdbx_struct_oper_list.matrix[3][3]         1.0000000000 
_pdbx_struct_oper_list.vector[3]            0.0000000000 
# 
_struct_biol.id        1 
_struct_biol.details   ? 
# 
loop_
_struct_conf.conf_type_id 
_struct_conf.id 
_struct_conf.pdbx_PDB_helix_id 
_struct_conf.beg_label_comp_id 
_struct_conf.beg_label_asym_id 
_struct_conf.beg_label_seq_id 
_struct_conf.pdbx_beg_PDB_ins_code 
_struct_conf.end_label_comp_id 
_struct_conf.end_label_asym_id 
_struct_conf.end_label_seq_id 
_struct_conf.pdbx_end_PDB_ins_code 
_struct_conf.beg_auth_comp_id 
_struct_conf.beg_auth_asym_id 
_struct_conf.beg_auth_seq_id 
_struct_conf.end_auth_comp_id 
_struct_conf.end_auth_asym_id 
_struct_conf.end_auth_seq_id 
_struct_conf.pdbx_PDB_helix_class 
_struct_conf.details 
_struct_conf.pdbx_PDB_helix_length 
HELX_P HELX_P1 1 THR A 10  ? ASN A 28  ? THR A 10  ASN A 28  1 ? 19 
HELX_P HELX_P2 2 THR A 31  ? THR A 47  ? THR A 31  THR A 47  1 ? 17 
HELX_P HELX_P3 3 TRP A 53  ? ASP A 57  ? TRP A 53  ASP A 57  5 ? 5  
HELX_P HELX_P4 4 PRO A 72  ? GLN A 83  ? PRO A 72  GLN A 83  1 ? 12 
HELX_P HELX_P5 5 ASN A 89  ? ASN A 104 ? ASN A 89  ASN A 104 1 ? 16 
HELX_P HELX_P6 6 THR A 114 ? LYS A 120 ? THR A 114 LYS A 120 1 ? 7  
HELX_P HELX_P7 7 THR A 124 ? TYR A 136 ? THR A 124 TYR A 136 1 ? 13 
HELX_P HELX_P8 8 PRO A 145 ? LEU A 158 ? PRO A 145 LEU A 158 1 ? 14 
# 
_struct_conf_type.id          HELX_P 
_struct_conf_type.criteria    ? 
_struct_conf_type.reference   ? 
# 
_struct_mon_prot_cis.pdbx_id                1 
_struct_mon_prot_cis.label_comp_id          THR 
_struct_mon_prot_cis.label_seq_id           71 
_struct_mon_prot_cis.label_asym_id          A 
_struct_mon_prot_cis.label_alt_id           . 
_struct_mon_prot_cis.pdbx_PDB_ins_code      ? 
_struct_mon_prot_cis.auth_comp_id           THR 
_struct_mon_prot_cis.auth_seq_id            71 
_struct_mon_prot_cis.auth_asym_id           A 
_struct_mon_prot_cis.pdbx_label_comp_id_2   PRO 
_struct_mon_prot_cis.pdbx_label_seq_id_2    72 
_struct_mon_prot_cis.pdbx_label_asym_id_2   A 
_struct_mon_prot_cis.pdbx_PDB_ins_code_2    ? 
_struct_mon_prot_cis.pdbx_auth_comp_id_2    PRO 
_struct_mon_prot_cis.pdbx_auth_seq_id_2     72 
_struct_mon_prot_cis.pdbx_auth_asym_id_2    A 
_struct_mon_prot_cis.pdbx_PDB_model_num     1 
_struct_mon_prot_cis.pdbx_omega_angle       -11.04 
# 
loop_
_pdbx_validate_torsion.id 
_pdbx_validate_torsion.PDB_model_num 
_pdbx_validate_torsion.auth_comp_id 
_pdbx_validate_torsion.auth_asym_id 
_pdbx_validate_torsion.auth_seq_id 
_pdbx_validate_torsion.PDB_ins_code 
_pdbx_validate_torsion.label_alt_id 
_pdbx_validate_torsion.phi 
_pdbx_validate_torsion.psi 
1 1 SER A 46  ? ? -151.23 9.45    
2 1 LEU A 63  ? ? -120.75 -160.12 
3 1 GLN A 106 ? ? 73.34   -52.99  
# 
_pdbx_refine_tls.id               1 
_pdbx_refine_tls.details          ? 
_pdbx_refine_tls.method           refined 
_pdbx_refine_tls.origin_x         0.0170 
_pdbx_refine_tls.origin_y         0.1137 
_pdbx_refine_tls.origin_z         0.1050 
_pdbx_refine_tls.T[1][1]          -0.1238 
_pdbx_refine_tls.T[2][2]          -0.1497 
_pdbx_refine_tls.T[3][3]          -0.1590 
_pdbx_refine_tls.T[1][2]          -0.0141 
_pdbx_refine_tls.T[1][3]          0.0115 
_pdbx_refine_tls.T[2][3]          -0.0018 
_pdbx_refine_tls.L[1][1]          4.0824 
_pdbx_refine_tls.L[2][2]          1.4146 
_pdbx_refine_tls.L[3][3]          1.5396 
_pdbx_refine_tls.L[1][2]          -0.8781 
_pdbx_refine_tls.L[1][3]          -0.2697 
_pdbx_refine_tls.L[2][3]          -0.0787 
_pdbx_refine_tls.S[1][1]          0.1460 
_pdbx_refine_tls.S[1][2]          -0.1810 
_pdbx_refine_tls.S[1][3]          0.2683 
_pdbx_refine_tls.S[2][1]          0.0398 
_pdbx_refine_tls.S[2][2]          -0.0068 
_pdbx_refine_tls.S[2][3]          0.0089 
_pdbx_refine_tls.S[3][1]          -0.0579 
_pdbx_refine_tls.S[3][2]          -0.0174 
_pdbx_refine_tls.S[3][3]          -0.1390 
_pdbx_refine_tls.pdbx_refine_id   'X-RAY DIFFRACTION' 
# 
_pdbx_refine_tls_group.id                  1 
_pdbx_refine_tls_group.refine_tls_id       1 
_pdbx_refine_tls_group.beg_auth_asym_id    A 
_pdbx_refine_tls_group.beg_auth_seq_id     1 
_pdbx_refine_tls_group.beg_label_asym_id   A 
_pdbx_refine_tls_group.beg_label_seq_id    1 
_pdbx_refine_tls_group.end_auth_asym_id    A 
_pdbx_refine_tls_group.end_auth_seq_id     159 
_pdbx_refine_tls_group.end_label_asym_id   A 
_pdbx_refine_tls_group.end_label_seq_id    159 
_pdbx_refine_tls_group.selection           ? 
_pdbx_refine_tls_group.pdbx_refine_id      'X-RAY DIFFRACTION' 
_pdbx_refine_tls_group.selection_details   ? 
# 
_pdbx_entry_details.sequence_details         
'AUTORS STATE THAT RESIDUE 89 SHOULD BE ASN ACCORDING TO THEIR SEQUENCING RESULTS OF THE GENE.' 
_pdbx_entry_details.entry_id                 3CSR 
_pdbx_entry_details.compound_details         ? 
_pdbx_entry_details.source_details           ? 
_pdbx_entry_details.nonpolymer_details       ? 
_pdbx_entry_details.has_ligand_of_interest   ? 
# 
loop_
_chem_comp_atom.comp_id 
_chem_comp_atom.atom_id 
_chem_comp_atom.type_symbol 
_chem_comp_atom.pdbx_aromatic_flag 
_chem_comp_atom.pdbx_stereo_config 
_chem_comp_atom.pdbx_ordinal 
ALA N    N N N 1   
ALA CA   C N S 2   
ALA C    C N N 3   
ALA O    O N N 4   
ALA CB   C N N 5   
ALA OXT  O N N 6   
ALA H    H N N 7   
ALA H2   H N N 8   
ALA HA   H N N 9   
ALA HB1  H N N 10  
ALA HB2  H N N 11  
ALA HB3  H N N 12  
ALA HXT  H N N 13  
ARG N    N N N 14  
ARG CA   C N S 15  
ARG C    C N N 16  
ARG O    O N N 17  
ARG CB   C N N 18  
ARG CG   C N N 19  
ARG CD   C N N 20  
ARG NE   N N N 21  
ARG CZ   C N N 22  
ARG NH1  N N N 23  
ARG NH2  N N N 24  
ARG OXT  O N N 25  
ARG H    H N N 26  
ARG H2   H N N 27  
ARG HA   H N N 28  
ARG HB2  H N N 29  
ARG HB3  H N N 30  
ARG HG2  H N N 31  
ARG HG3  H N N 32  
ARG HD2  H N N 33  
ARG HD3  H N N 34  
ARG HE   H N N 35  
ARG HH11 H N N 36  
ARG HH12 H N N 37  
ARG HH21 H N N 38  
ARG HH22 H N N 39  
ARG HXT  H N N 40  
ASN N    N N N 41  
ASN CA   C N S 42  
ASN C    C N N 43  
ASN O    O N N 44  
ASN CB   C N N 45  
ASN CG   C N N 46  
ASN OD1  O N N 47  
ASN ND2  N N N 48  
ASN OXT  O N N 49  
ASN H    H N N 50  
ASN H2   H N N 51  
ASN HA   H N N 52  
ASN HB2  H N N 53  
ASN HB3  H N N 54  
ASN HD21 H N N 55  
ASN HD22 H N N 56  
ASN HXT  H N N 57  
ASP N    N N N 58  
ASP CA   C N S 59  
ASP C    C N N 60  
ASP O    O N N 61  
ASP CB   C N N 62  
ASP CG   C N N 63  
ASP OD1  O N N 64  
ASP OD2  O N N 65  
ASP OXT  O N N 66  
ASP H    H N N 67  
ASP H2   H N N 68  
ASP HA   H N N 69  
ASP HB2  H N N 70  
ASP HB3  H N N 71  
ASP HD2  H N N 72  
ASP HXT  H N N 73  
CYS N    N N N 74  
CYS CA   C N R 75  
CYS C    C N N 76  
CYS O    O N N 77  
CYS CB   C N N 78  
CYS SG   S N N 79  
CYS OXT  O N N 80  
CYS H    H N N 81  
CYS H2   H N N 82  
CYS HA   H N N 83  
CYS HB2  H N N 84  
CYS HB3  H N N 85  
CYS HG   H N N 86  
CYS HXT  H N N 87  
GLN N    N N N 88  
GLN CA   C N S 89  
GLN C    C N N 90  
GLN O    O N N 91  
GLN CB   C N N 92  
GLN CG   C N N 93  
GLN CD   C N N 94  
GLN OE1  O N N 95  
GLN NE2  N N N 96  
GLN OXT  O N N 97  
GLN H    H N N 98  
GLN H2   H N N 99  
GLN HA   H N N 100 
GLN HB2  H N N 101 
GLN HB3  H N N 102 
GLN HG2  H N N 103 
GLN HG3  H N N 104 
GLN HE21 H N N 105 
GLN HE22 H N N 106 
GLN HXT  H N N 107 
GLU N    N N N 108 
GLU CA   C N S 109 
GLU C    C N N 110 
GLU O    O N N 111 
GLU CB   C N N 112 
GLU CG   C N N 113 
GLU CD   C N N 114 
GLU OE1  O N N 115 
GLU OE2  O N N 116 
GLU OXT  O N N 117 
GLU H    H N N 118 
GLU H2   H N N 119 
GLU HA   H N N 120 
GLU HB2  H N N 121 
GLU HB3  H N N 122 
GLU HG2  H N N 123 
GLU HG3  H N N 124 
GLU HE2  H N N 125 
GLU HXT  H N N 126 
GLY N    N N N 127 
GLY CA   C N N 128 
GLY C    C N N 129 
GLY O    O N N 130 
GLY OXT  O N N 131 
GLY H    H N N 132 
GLY H2   H N N 133 
GLY HA2  H N N 134 
GLY HA3  H N N 135 
GLY HXT  H N N 136 
HOH O    O N N 137 
HOH H1   H N N 138 
HOH H2   H N N 139 
ILE N    N N N 140 
ILE CA   C N S 141 
ILE C    C N N 142 
ILE O    O N N 143 
ILE CB   C N S 144 
ILE CG1  C N N 145 
ILE CG2  C N N 146 
ILE CD1  C N N 147 
ILE OXT  O N N 148 
ILE H    H N N 149 
ILE H2   H N N 150 
ILE HA   H N N 151 
ILE HB   H N N 152 
ILE HG12 H N N 153 
ILE HG13 H N N 154 
ILE HG21 H N N 155 
ILE HG22 H N N 156 
ILE HG23 H N N 157 
ILE HD11 H N N 158 
ILE HD12 H N N 159 
ILE HD13 H N N 160 
ILE HXT  H N N 161 
LEU N    N N N 162 
LEU CA   C N S 163 
LEU C    C N N 164 
LEU O    O N N 165 
LEU CB   C N N 166 
LEU CG   C N N 167 
LEU CD1  C N N 168 
LEU CD2  C N N 169 
LEU OXT  O N N 170 
LEU H    H N N 171 
LEU H2   H N N 172 
LEU HA   H N N 173 
LEU HB2  H N N 174 
LEU HB3  H N N 175 
LEU HG   H N N 176 
LEU HD11 H N N 177 
LEU HD12 H N N 178 
LEU HD13 H N N 179 
LEU HD21 H N N 180 
LEU HD22 H N N 181 
LEU HD23 H N N 182 
LEU HXT  H N N 183 
LYS N    N N N 184 
LYS CA   C N S 185 
LYS C    C N N 186 
LYS O    O N N 187 
LYS CB   C N N 188 
LYS CG   C N N 189 
LYS CD   C N N 190 
LYS CE   C N N 191 
LYS NZ   N N N 192 
LYS OXT  O N N 193 
LYS H    H N N 194 
LYS H2   H N N 195 
LYS HA   H N N 196 
LYS HB2  H N N 197 
LYS HB3  H N N 198 
LYS HG2  H N N 199 
LYS HG3  H N N 200 
LYS HD2  H N N 201 
LYS HD3  H N N 202 
LYS HE2  H N N 203 
LYS HE3  H N N 204 
LYS HZ1  H N N 205 
LYS HZ2  H N N 206 
LYS HZ3  H N N 207 
LYS HXT  H N N 208 
MET N    N N N 209 
MET CA   C N S 210 
MET C    C N N 211 
MET O    O N N 212 
MET CB   C N N 213 
MET CG   C N N 214 
MET SD   S N N 215 
MET CE   C N N 216 
MET OXT  O N N 217 
MET H    H N N 218 
MET H2   H N N 219 
MET HA   H N N 220 
MET HB2  H N N 221 
MET HB3  H N N 222 
MET HG2  H N N 223 
MET HG3  H N N 224 
MET HE1  H N N 225 
MET HE2  H N N 226 
MET HE3  H N N 227 
MET HXT  H N N 228 
PHE N    N N N 229 
PHE CA   C N S 230 
PHE C    C N N 231 
PHE O    O N N 232 
PHE CB   C N N 233 
PHE CG   C Y N 234 
PHE CD1  C Y N 235 
PHE CD2  C Y N 236 
PHE CE1  C Y N 237 
PHE CE2  C Y N 238 
PHE CZ   C Y N 239 
PHE OXT  O N N 240 
PHE H    H N N 241 
PHE H2   H N N 242 
PHE HA   H N N 243 
PHE HB2  H N N 244 
PHE HB3  H N N 245 
PHE HD1  H N N 246 
PHE HD2  H N N 247 
PHE HE1  H N N 248 
PHE HE2  H N N 249 
PHE HZ   H N N 250 
PHE HXT  H N N 251 
PRO N    N N N 252 
PRO CA   C N S 253 
PRO C    C N N 254 
PRO O    O N N 255 
PRO CB   C N N 256 
PRO CG   C N N 257 
PRO CD   C N N 258 
PRO OXT  O N N 259 
PRO H    H N N 260 
PRO HA   H N N 261 
PRO HB2  H N N 262 
PRO HB3  H N N 263 
PRO HG2  H N N 264 
PRO HG3  H N N 265 
PRO HD2  H N N 266 
PRO HD3  H N N 267 
PRO HXT  H N N 268 
SER N    N N N 269 
SER CA   C N S 270 
SER C    C N N 271 
SER O    O N N 272 
SER CB   C N N 273 
SER OG   O N N 274 
SER OXT  O N N 275 
SER H    H N N 276 
SER H2   H N N 277 
SER HA   H N N 278 
SER HB2  H N N 279 
SER HB3  H N N 280 
SER HG   H N N 281 
SER HXT  H N N 282 
THR N    N N N 283 
THR CA   C N S 284 
THR C    C N N 285 
THR O    O N N 286 
THR CB   C N R 287 
THR OG1  O N N 288 
THR CG2  C N N 289 
THR OXT  O N N 290 
THR H    H N N 291 
THR H2   H N N 292 
THR HA   H N N 293 
THR HB   H N N 294 
THR HG1  H N N 295 
THR HG21 H N N 296 
THR HG22 H N N 297 
THR HG23 H N N 298 
THR HXT  H N N 299 
TRP N    N N N 300 
TRP CA   C N S 301 
TRP C    C N N 302 
TRP O    O N N 303 
TRP CB   C N N 304 
TRP CG   C Y N 305 
TRP CD1  C Y N 306 
TRP CD2  C Y N 307 
TRP NE1  N Y N 308 
TRP CE2  C Y N 309 
TRP CE3  C Y N 310 
TRP CZ2  C Y N 311 
TRP CZ3  C Y N 312 
TRP CH2  C Y N 313 
TRP OXT  O N N 314 
TRP H    H N N 315 
TRP H2   H N N 316 
TRP HA   H N N 317 
TRP HB2  H N N 318 
TRP HB3  H N N 319 
TRP HD1  H N N 320 
TRP HE1  H N N 321 
TRP HE3  H N N 322 
TRP HZ2  H N N 323 
TRP HZ3  H N N 324 
TRP HH2  H N N 325 
TRP HXT  H N N 326 
TYR N    N N N 327 
TYR CA   C N S 328 
TYR C    C N N 329 
TYR O    O N N 330 
TYR CB   C N N 331 
TYR CG   C Y N 332 
TYR CD1  C Y N 333 
TYR CD2  C Y N 334 
TYR CE1  C Y N 335 
TYR CE2  C Y N 336 
TYR CZ   C Y N 337 
TYR OH   O N N 338 
TYR OXT  O N N 339 
TYR H    H N N 340 
TYR H2   H N N 341 
TYR HA   H N N 342 
TYR HB2  H N N 343 
TYR HB3  H N N 344 
TYR HD1  H N N 345 
TYR HD2  H N N 346 
TYR HE1  H N N 347 
TYR HE2  H N N 348 
TYR HH   H N N 349 
TYR HXT  H N N 350 
VAL N    N N N 351 
VAL CA   C N S 352 
VAL C    C N N 353 
VAL O    O N N 354 
VAL CB   C N N 355 
VAL CG1  C N N 356 
VAL CG2  C N N 357 
VAL OXT  O N N 358 
VAL H    H N N 359 
VAL H2   H N N 360 
VAL HA   H N N 361 
VAL HB   H N N 362 
VAL HG11 H N N 363 
VAL HG12 H N N 364 
VAL HG13 H N N 365 
VAL HG21 H N N 366 
VAL HG22 H N N 367 
VAL HG23 H N N 368 
VAL HXT  H N N 369 
# 
loop_
_chem_comp_bond.comp_id 
_chem_comp_bond.atom_id_1 
_chem_comp_bond.atom_id_2 
_chem_comp_bond.value_order 
_chem_comp_bond.pdbx_aromatic_flag 
_chem_comp_bond.pdbx_stereo_config 
_chem_comp_bond.pdbx_ordinal 
ALA N   CA   sing N N 1   
ALA N   H    sing N N 2   
ALA N   H2   sing N N 3   
ALA CA  C    sing N N 4   
ALA CA  CB   sing N N 5   
ALA CA  HA   sing N N 6   
ALA C   O    doub N N 7   
ALA C   OXT  sing N N 8   
ALA CB  HB1  sing N N 9   
ALA CB  HB2  sing N N 10  
ALA CB  HB3  sing N N 11  
ALA OXT HXT  sing N N 12  
ARG N   CA   sing N N 13  
ARG N   H    sing N N 14  
ARG N   H2   sing N N 15  
ARG CA  C    sing N N 16  
ARG CA  CB   sing N N 17  
ARG CA  HA   sing N N 18  
ARG C   O    doub N N 19  
ARG C   OXT  sing N N 20  
ARG CB  CG   sing N N 21  
ARG CB  HB2  sing N N 22  
ARG CB  HB3  sing N N 23  
ARG CG  CD   sing N N 24  
ARG CG  HG2  sing N N 25  
ARG CG  HG3  sing N N 26  
ARG CD  NE   sing N N 27  
ARG CD  HD2  sing N N 28  
ARG CD  HD3  sing N N 29  
ARG NE  CZ   sing N N 30  
ARG NE  HE   sing N N 31  
ARG CZ  NH1  sing N N 32  
ARG CZ  NH2  doub N N 33  
ARG NH1 HH11 sing N N 34  
ARG NH1 HH12 sing N N 35  
ARG NH2 HH21 sing N N 36  
ARG NH2 HH22 sing N N 37  
ARG OXT HXT  sing N N 38  
ASN N   CA   sing N N 39  
ASN N   H    sing N N 40  
ASN N   H2   sing N N 41  
ASN CA  C    sing N N 42  
ASN CA  CB   sing N N 43  
ASN CA  HA   sing N N 44  
ASN C   O    doub N N 45  
ASN C   OXT  sing N N 46  
ASN CB  CG   sing N N 47  
ASN CB  HB2  sing N N 48  
ASN CB  HB3  sing N N 49  
ASN CG  OD1  doub N N 50  
ASN CG  ND2  sing N N 51  
ASN ND2 HD21 sing N N 52  
ASN ND2 HD22 sing N N 53  
ASN OXT HXT  sing N N 54  
ASP N   CA   sing N N 55  
ASP N   H    sing N N 56  
ASP N   H2   sing N N 57  
ASP CA  C    sing N N 58  
ASP CA  CB   sing N N 59  
ASP CA  HA   sing N N 60  
ASP C   O    doub N N 61  
ASP C   OXT  sing N N 62  
ASP CB  CG   sing N N 63  
ASP CB  HB2  sing N N 64  
ASP CB  HB3  sing N N 65  
ASP CG  OD1  doub N N 66  
ASP CG  OD2  sing N N 67  
ASP OD2 HD2  sing N N 68  
ASP OXT HXT  sing N N 69  
CYS N   CA   sing N N 70  
CYS N   H    sing N N 71  
CYS N   H2   sing N N 72  
CYS CA  C    sing N N 73  
CYS CA  CB   sing N N 74  
CYS CA  HA   sing N N 75  
CYS C   O    doub N N 76  
CYS C   OXT  sing N N 77  
CYS CB  SG   sing N N 78  
CYS CB  HB2  sing N N 79  
CYS CB  HB3  sing N N 80  
CYS SG  HG   sing N N 81  
CYS OXT HXT  sing N N 82  
GLN N   CA   sing N N 83  
GLN N   H    sing N N 84  
GLN N   H2   sing N N 85  
GLN CA  C    sing N N 86  
GLN CA  CB   sing N N 87  
GLN CA  HA   sing N N 88  
GLN C   O    doub N N 89  
GLN C   OXT  sing N N 90  
GLN CB  CG   sing N N 91  
GLN CB  HB2  sing N N 92  
GLN CB  HB3  sing N N 93  
GLN CG  CD   sing N N 94  
GLN CG  HG2  sing N N 95  
GLN CG  HG3  sing N N 96  
GLN CD  OE1  doub N N 97  
GLN CD  NE2  sing N N 98  
GLN NE2 HE21 sing N N 99  
GLN NE2 HE22 sing N N 100 
GLN OXT HXT  sing N N 101 
GLU N   CA   sing N N 102 
GLU N   H    sing N N 103 
GLU N   H2   sing N N 104 
GLU CA  C    sing N N 105 
GLU CA  CB   sing N N 106 
GLU CA  HA   sing N N 107 
GLU C   O    doub N N 108 
GLU C   OXT  sing N N 109 
GLU CB  CG   sing N N 110 
GLU CB  HB2  sing N N 111 
GLU CB  HB3  sing N N 112 
GLU CG  CD   sing N N 113 
GLU CG  HG2  sing N N 114 
GLU CG  HG3  sing N N 115 
GLU CD  OE1  doub N N 116 
GLU CD  OE2  sing N N 117 
GLU OE2 HE2  sing N N 118 
GLU OXT HXT  sing N N 119 
GLY N   CA   sing N N 120 
GLY N   H    sing N N 121 
GLY N   H2   sing N N 122 
GLY CA  C    sing N N 123 
GLY CA  HA2  sing N N 124 
GLY CA  HA3  sing N N 125 
GLY C   O    doub N N 126 
GLY C   OXT  sing N N 127 
GLY OXT HXT  sing N N 128 
HOH O   H1   sing N N 129 
HOH O   H2   sing N N 130 
ILE N   CA   sing N N 131 
ILE N   H    sing N N 132 
ILE N   H2   sing N N 133 
ILE CA  C    sing N N 134 
ILE CA  CB   sing N N 135 
ILE CA  HA   sing N N 136 
ILE C   O    doub N N 137 
ILE C   OXT  sing N N 138 
ILE CB  CG1  sing N N 139 
ILE CB  CG2  sing N N 140 
ILE CB  HB   sing N N 141 
ILE CG1 CD1  sing N N 142 
ILE CG1 HG12 sing N N 143 
ILE CG1 HG13 sing N N 144 
ILE CG2 HG21 sing N N 145 
ILE CG2 HG22 sing N N 146 
ILE CG2 HG23 sing N N 147 
ILE CD1 HD11 sing N N 148 
ILE CD1 HD12 sing N N 149 
ILE CD1 HD13 sing N N 150 
ILE OXT HXT  sing N N 151 
LEU N   CA   sing N N 152 
LEU N   H    sing N N 153 
LEU N   H2   sing N N 154 
LEU CA  C    sing N N 155 
LEU CA  CB   sing N N 156 
LEU CA  HA   sing N N 157 
LEU C   O    doub N N 158 
LEU C   OXT  sing N N 159 
LEU CB  CG   sing N N 160 
LEU CB  HB2  sing N N 161 
LEU CB  HB3  sing N N 162 
LEU CG  CD1  sing N N 163 
LEU CG  CD2  sing N N 164 
LEU CG  HG   sing N N 165 
LEU CD1 HD11 sing N N 166 
LEU CD1 HD12 sing N N 167 
LEU CD1 HD13 sing N N 168 
LEU CD2 HD21 sing N N 169 
LEU CD2 HD22 sing N N 170 
LEU CD2 HD23 sing N N 171 
LEU OXT HXT  sing N N 172 
LYS N   CA   sing N N 173 
LYS N   H    sing N N 174 
LYS N   H2   sing N N 175 
LYS CA  C    sing N N 176 
LYS CA  CB   sing N N 177 
LYS CA  HA   sing N N 178 
LYS C   O    doub N N 179 
LYS C   OXT  sing N N 180 
LYS CB  CG   sing N N 181 
LYS CB  HB2  sing N N 182 
LYS CB  HB3  sing N N 183 
LYS CG  CD   sing N N 184 
LYS CG  HG2  sing N N 185 
LYS CG  HG3  sing N N 186 
LYS CD  CE   sing N N 187 
LYS CD  HD2  sing N N 188 
LYS CD  HD3  sing N N 189 
LYS CE  NZ   sing N N 190 
LYS CE  HE2  sing N N 191 
LYS CE  HE3  sing N N 192 
LYS NZ  HZ1  sing N N 193 
LYS NZ  HZ2  sing N N 194 
LYS NZ  HZ3  sing N N 195 
LYS OXT HXT  sing N N 196 
MET N   CA   sing N N 197 
MET N   H    sing N N 198 
MET N   H2   sing N N 199 
MET CA  C    sing N N 200 
MET CA  CB   sing N N 201 
MET CA  HA   sing N N 202 
MET C   O    doub N N 203 
MET C   OXT  sing N N 204 
MET CB  CG   sing N N 205 
MET CB  HB2  sing N N 206 
MET CB  HB3  sing N N 207 
MET CG  SD   sing N N 208 
MET CG  HG2  sing N N 209 
MET CG  HG3  sing N N 210 
MET SD  CE   sing N N 211 
MET CE  HE1  sing N N 212 
MET CE  HE2  sing N N 213 
MET CE  HE3  sing N N 214 
MET OXT HXT  sing N N 215 
PHE N   CA   sing N N 216 
PHE N   H    sing N N 217 
PHE N   H2   sing N N 218 
PHE CA  C    sing N N 219 
PHE CA  CB   sing N N 220 
PHE CA  HA   sing N N 221 
PHE C   O    doub N N 222 
PHE C   OXT  sing N N 223 
PHE CB  CG   sing N N 224 
PHE CB  HB2  sing N N 225 
PHE CB  HB3  sing N N 226 
PHE CG  CD1  doub Y N 227 
PHE CG  CD2  sing Y N 228 
PHE CD1 CE1  sing Y N 229 
PHE CD1 HD1  sing N N 230 
PHE CD2 CE2  doub Y N 231 
PHE CD2 HD2  sing N N 232 
PHE CE1 CZ   doub Y N 233 
PHE CE1 HE1  sing N N 234 
PHE CE2 CZ   sing Y N 235 
PHE CE2 HE2  sing N N 236 
PHE CZ  HZ   sing N N 237 
PHE OXT HXT  sing N N 238 
PRO N   CA   sing N N 239 
PRO N   CD   sing N N 240 
PRO N   H    sing N N 241 
PRO CA  C    sing N N 242 
PRO CA  CB   sing N N 243 
PRO CA  HA   sing N N 244 
PRO C   O    doub N N 245 
PRO C   OXT  sing N N 246 
PRO CB  CG   sing N N 247 
PRO CB  HB2  sing N N 248 
PRO CB  HB3  sing N N 249 
PRO CG  CD   sing N N 250 
PRO CG  HG2  sing N N 251 
PRO CG  HG3  sing N N 252 
PRO CD  HD2  sing N N 253 
PRO CD  HD3  sing N N 254 
PRO OXT HXT  sing N N 255 
SER N   CA   sing N N 256 
SER N   H    sing N N 257 
SER N   H2   sing N N 258 
SER CA  C    sing N N 259 
SER CA  CB   sing N N 260 
SER CA  HA   sing N N 261 
SER C   O    doub N N 262 
SER C   OXT  sing N N 263 
SER CB  OG   sing N N 264 
SER CB  HB2  sing N N 265 
SER CB  HB3  sing N N 266 
SER OG  HG   sing N N 267 
SER OXT HXT  sing N N 268 
THR N   CA   sing N N 269 
THR N   H    sing N N 270 
THR N   H2   sing N N 271 
THR CA  C    sing N N 272 
THR CA  CB   sing N N 273 
THR CA  HA   sing N N 274 
THR C   O    doub N N 275 
THR C   OXT  sing N N 276 
THR CB  OG1  sing N N 277 
THR CB  CG2  sing N N 278 
THR CB  HB   sing N N 279 
THR OG1 HG1  sing N N 280 
THR CG2 HG21 sing N N 281 
THR CG2 HG22 sing N N 282 
THR CG2 HG23 sing N N 283 
THR OXT HXT  sing N N 284 
TRP N   CA   sing N N 285 
TRP N   H    sing N N 286 
TRP N   H2   sing N N 287 
TRP CA  C    sing N N 288 
TRP CA  CB   sing N N 289 
TRP CA  HA   sing N N 290 
TRP C   O    doub N N 291 
TRP C   OXT  sing N N 292 
TRP CB  CG   sing N N 293 
TRP CB  HB2  sing N N 294 
TRP CB  HB3  sing N N 295 
TRP CG  CD1  doub Y N 296 
TRP CG  CD2  sing Y N 297 
TRP CD1 NE1  sing Y N 298 
TRP CD1 HD1  sing N N 299 
TRP CD2 CE2  doub Y N 300 
TRP CD2 CE3  sing Y N 301 
TRP NE1 CE2  sing Y N 302 
TRP NE1 HE1  sing N N 303 
TRP CE2 CZ2  sing Y N 304 
TRP CE3 CZ3  doub Y N 305 
TRP CE3 HE3  sing N N 306 
TRP CZ2 CH2  doub Y N 307 
TRP CZ2 HZ2  sing N N 308 
TRP CZ3 CH2  sing Y N 309 
TRP CZ3 HZ3  sing N N 310 
TRP CH2 HH2  sing N N 311 
TRP OXT HXT  sing N N 312 
TYR N   CA   sing N N 313 
TYR N   H    sing N N 314 
TYR N   H2   sing N N 315 
TYR CA  C    sing N N 316 
TYR CA  CB   sing N N 317 
TYR CA  HA   sing N N 318 
TYR C   O    doub N N 319 
TYR C   OXT  sing N N 320 
TYR CB  CG   sing N N 321 
TYR CB  HB2  sing N N 322 
TYR CB  HB3  sing N N 323 
TYR CG  CD1  doub Y N 324 
TYR CG  CD2  sing Y N 325 
TYR CD1 CE1  sing Y N 326 
TYR CD1 HD1  sing N N 327 
TYR CD2 CE2  doub Y N 328 
TYR CD2 HD2  sing N N 329 
TYR CE1 CZ   doub Y N 330 
TYR CE1 HE1  sing N N 331 
TYR CE2 CZ   sing Y N 332 
TYR CE2 HE2  sing N N 333 
TYR CZ  OH   sing N N 334 
TYR OH  HH   sing N N 335 
TYR OXT HXT  sing N N 336 
VAL N   CA   sing N N 337 
VAL N   H    sing N N 338 
VAL N   H2   sing N N 339 
VAL CA  C    sing N N 340 
VAL CA  CB   sing N N 341 
VAL CA  HA   sing N N 342 
VAL C   O    doub N N 343 
VAL C   OXT  sing N N 344 
VAL CB  CG1  sing N N 345 
VAL CB  CG2  sing N N 346 
VAL CB  HB   sing N N 347 
VAL CG1 HG11 sing N N 348 
VAL CG1 HG12 sing N N 349 
VAL CG1 HG13 sing N N 350 
VAL CG2 HG21 sing N N 351 
VAL CG2 HG22 sing N N 352 
VAL CG2 HG23 sing N N 353 
VAL OXT HXT  sing N N 354 
# 
_atom_sites.entry_id                    3CSR 
_atom_sites.fract_transf_matrix[1][1]   -0.01008180 
_atom_sites.fract_transf_matrix[1][2]   0.01097291 
_atom_sites.fract_transf_matrix[1][3]   -0.02872043 
_atom_sites.fract_transf_matrix[2][1]   -0.01348962 
_atom_sites.fract_transf_matrix[2][2]   0.00060186 
_atom_sites.fract_transf_matrix[2][3]   0.00496524 
_atom_sites.fract_transf_matrix[3][1]   0.00216368 
_atom_sites.fract_transf_matrix[3][2]   0.01318928 
_atom_sites.fract_transf_matrix[3][3]   0.00427956 
_atom_sites.fract_transf_vector[1]      0.052147 
_atom_sites.fract_transf_vector[2]      0.353768 
_atom_sites.fract_transf_vector[3]      0.258954 
# 
loop_
_atom_type.symbol 
C 
N 
O 
S 
# 
loop_
_atom_site.group_PDB 
_atom_site.id 
_atom_site.type_symbol 
_atom_site.label_atom_id 
_atom_site.label_alt_id 
_atom_site.label_comp_id 
_atom_site.label_asym_id 
_atom_site.label_entity_id 
_atom_site.label_seq_id 
_atom_site.pdbx_PDB_ins_code 
_atom_site.Cartn_x 
_atom_site.Cartn_y 
_atom_site.Cartn_z 
_atom_site.occupancy 
_atom_site.B_iso_or_equiv 
_atom_site.pdbx_formal_charge 
_atom_site.auth_seq_id 
_atom_site.auth_comp_id 
_atom_site.auth_asym_id 
_atom_site.auth_atom_id 
_atom_site.pdbx_PDB_model_num 
ATOM   1    N N   . MET A 1 1   ? 16.999  5.611   -2.772  1.00 33.24 ? 1   MET A N   1 
ATOM   2    C CA  . MET A 1 1   ? 17.296  4.701   -1.648  1.00 33.34 ? 1   MET A CA  1 
ATOM   3    C C   . MET A 1 1   ? 15.993  4.245   -1.015  1.00 31.01 ? 1   MET A C   1 
ATOM   4    O O   . MET A 1 1   ? 15.241  5.060   -0.470  1.00 30.24 ? 1   MET A O   1 
ATOM   5    C CB  . MET A 1 1   ? 18.159  5.399   -0.606  1.00 33.14 ? 1   MET A CB  1 
ATOM   6    C CG  . MET A 1 1   ? 18.234  4.658   0.709   1.00 35.49 ? 1   MET A CG  1 
ATOM   7    S SD  . MET A 1 1   ? 19.177  5.584   1.923   1.00 39.31 ? 1   MET A SD  1 
ATOM   8    C CE  . MET A 1 1   ? 18.109  6.998   2.220   1.00 40.28 ? 1   MET A CE  1 
ATOM   9    N N   . VAL A 1 2   ? 15.718  2.949   -1.115  1.00 28.65 ? 2   VAL A N   1 
ATOM   10   C CA  . VAL A 1 2   ? 14.581  2.360   -0.393  1.00 27.18 ? 2   VAL A CA  1 
ATOM   11   C C   . VAL A 1 2   ? 15.027  1.077   0.300   1.00 26.25 ? 2   VAL A C   1 
ATOM   12   O O   . VAL A 1 2   ? 16.051  0.502   -0.058  1.00 26.20 ? 2   VAL A O   1 
ATOM   13   C CB  . VAL A 1 2   ? 13.359  2.089   -1.327  1.00 27.19 ? 2   VAL A CB  1 
ATOM   14   C CG1 . VAL A 1 2   ? 12.768  3.405   -1.828  1.00 27.13 ? 2   VAL A CG1 1 
ATOM   15   C CG2 . VAL A 1 2   ? 13.763  1.203   -2.504  1.00 26.10 ? 2   VAL A CG2 1 
ATOM   16   N N   . TYR A 1 3   ? 14.276  0.645   1.305   1.00 25.18 ? 3   TYR A N   1 
ATOM   17   C CA  . TYR A 1 3   ? 14.529  -0.654  1.953   1.00 24.75 ? 3   TYR A CA  1 
ATOM   18   C C   . TYR A 1 3   ? 13.625  -1.694  1.344   1.00 24.86 ? 3   TYR A C   1 
ATOM   19   O O   . TYR A 1 3   ? 12.437  -1.488  1.269   1.00 24.89 ? 3   TYR A O   1 
ATOM   20   C CB  . TYR A 1 3   ? 14.257  -0.570  3.456   1.00 24.76 ? 3   TYR A CB  1 
ATOM   21   C CG  . TYR A 1 3   ? 15.261  0.312   4.163   1.00 24.52 ? 3   TYR A CG  1 
ATOM   22   C CD1 . TYR A 1 3   ? 15.029  1.673   4.307   1.00 25.12 ? 3   TYR A CD1 1 
ATOM   23   C CD2 . TYR A 1 3   ? 16.464  -0.210  4.622   1.00 23.00 ? 3   TYR A CD2 1 
ATOM   24   C CE1 . TYR A 1 3   ? 15.974  2.498   4.926   1.00 26.41 ? 3   TYR A CE1 1 
ATOM   25   C CE2 . TYR A 1 3   ? 17.419  0.618   5.237   1.00 25.50 ? 3   TYR A CE2 1 
ATOM   26   C CZ  . TYR A 1 3   ? 17.146  1.965   5.374   1.00 24.88 ? 3   TYR A CZ  1 
ATOM   27   O OH  . TYR A 1 3   ? 18.044  2.791   6.009   1.00 24.44 ? 3   TYR A OH  1 
ATOM   28   N N   . VAL A 1 4   ? 14.196  -2.817  0.914   1.00 24.56 ? 4   VAL A N   1 
ATOM   29   C CA  . VAL A 1 4   ? 13.402  -3.904  0.353   1.00 24.82 ? 4   VAL A CA  1 
ATOM   30   C C   . VAL A 1 4   ? 13.914  -5.198  0.963   1.00 24.96 ? 4   VAL A C   1 
ATOM   31   O O   . VAL A 1 4   ? 15.010  -5.661  0.640   1.00 23.33 ? 4   VAL A O   1 
ATOM   32   C CB  . VAL A 1 4   ? 13.498  -3.915  -1.176  1.00 24.89 ? 4   VAL A CB  1 
ATOM   33   C CG1 . VAL A 1 4   ? 12.721  -5.115  -1.783  1.00 26.72 ? 4   VAL A CG1 1 
ATOM   34   C CG2 . VAL A 1 4   ? 13.003  -2.543  -1.747  1.00 25.65 ? 4   VAL A CG2 1 
ATOM   35   N N   . SER A 1 5   ? 13.102  -5.787  1.839   1.00 24.55 ? 5   SER A N   1 
ATOM   36   C CA  . SER A 1 5   ? 13.581  -6.943  2.581   1.00 24.43 ? 5   SER A CA  1 
ATOM   37   C C   . SER A 1 5   ? 12.438  -7.758  3.149   1.00 23.87 ? 5   SER A C   1 
ATOM   38   O O   . SER A 1 5   ? 11.296  -7.314  3.123   1.00 24.14 ? 5   SER A O   1 
ATOM   39   C CB  . SER A 1 5   ? 14.491  -6.449  3.712   1.00 23.64 ? 5   SER A CB  1 
ATOM   40   O OG  . SER A 1 5   ? 13.816  -5.597  4.610   1.00 24.70 ? 5   SER A OG  1 
ATOM   41   N N   . ASN A 1 6   ? 12.751  -8.959  3.638   1.00 24.12 ? 6   ASN A N   1 
ATOM   42   C CA  . ASN A 1 6   ? 11.793  -9.800  4.371   1.00 24.01 ? 6   ASN A CA  1 
ATOM   43   C C   . ASN A 1 6   ? 12.010  -9.675  5.888   1.00 24.53 ? 6   ASN A C   1 
ATOM   44   O O   . ASN A 1 6   ? 12.279  -10.673 6.594   1.00 23.25 ? 6   ASN A O   1 
ATOM   45   C CB  . ASN A 1 6   ? 11.888  -11.269 3.953   1.00 24.51 ? 6   ASN A CB  1 
ATOM   46   C CG  . ASN A 1 6   ? 10.752  -12.096 4.504   1.00 24.26 ? 6   ASN A CG  1 
ATOM   47   O OD1 . ASN A 1 6   ? 9.597   -11.659 4.520   1.00 24.85 ? 6   ASN A OD1 1 
ATOM   48   N ND2 . ASN A 1 6   ? 11.065  -13.301 4.953   1.00 24.47 ? 6   ASN A ND2 1 
ATOM   49   N N   . LYS A 1 7   ? 11.814  -8.458  6.372   1.00 24.34 ? 7   LYS A N   1 
ATOM   50   C CA  . LYS A 1 7   ? 12.196  -8.086  7.722   1.00 26.99 ? 7   LYS A CA  1 
ATOM   51   C C   . LYS A 1 7   ? 11.292  -6.906  8.104   1.00 25.00 ? 7   LYS A C   1 
ATOM   52   O O   . LYS A 1 7   ? 11.056  -6.018  7.277   1.00 25.06 ? 7   LYS A O   1 
ATOM   53   C CB  . LYS A 1 7   ? 13.665  -7.642  7.662   1.00 27.04 ? 7   LYS A CB  1 
ATOM   54   C CG  . LYS A 1 7   ? 14.421  -7.608  8.964   1.00 32.83 ? 7   LYS A CG  1 
ATOM   55   C CD  . LYS A 1 7   ? 15.875  -7.178  8.706   1.00 31.68 ? 7   LYS A CD  1 
ATOM   56   C CE  . LYS A 1 7   ? 16.324  -6.067  9.669   1.00 35.57 ? 7   LYS A CE  1 
ATOM   57   N NZ  . LYS A 1 7   ? 15.978  -6.356  11.090  1.00 37.22 ? 7   LYS A NZ  1 
ATOM   58   N N   . TYR A 1 8   ? 10.809  -6.855  9.354   1.00 24.67 ? 8   TYR A N   1 
ATOM   59   C CA  . TYR A 1 8   ? 10.009  -5.707  9.791   1.00 24.26 ? 8   TYR A CA  1 
ATOM   60   C C   . TYR A 1 8   ? 10.902  -4.497  9.945   1.00 24.74 ? 8   TYR A C   1 
ATOM   61   O O   . TYR A 1 8   ? 11.988  -4.605  10.522  1.00 23.57 ? 8   TYR A O   1 
ATOM   62   C CB  . TYR A 1 8   ? 9.236   -6.010  11.093  1.00 24.47 ? 8   TYR A CB  1 
ATOM   63   C CG  . TYR A 1 8   ? 8.228   -7.097  10.869  1.00 23.18 ? 8   TYR A CG  1 
ATOM   64   C CD1 . TYR A 1 8   ? 8.415   -8.365  11.421  1.00 24.87 ? 8   TYR A CD1 1 
ATOM   65   C CD2 . TYR A 1 8   ? 7.119   -6.879  10.050  1.00 26.12 ? 8   TYR A CD2 1 
ATOM   66   C CE1 . TYR A 1 8   ? 7.523   -9.378  11.206  1.00 23.77 ? 8   TYR A CE1 1 
ATOM   67   C CE2 . TYR A 1 8   ? 6.210   -7.882  9.817   1.00 25.89 ? 8   TYR A CE2 1 
ATOM   68   C CZ  . TYR A 1 8   ? 6.432   -9.147  10.394  1.00 24.06 ? 8   TYR A CZ  1 
ATOM   69   O OH  . TYR A 1 8   ? 5.559   -10.154 10.167  1.00 27.07 ? 8   TYR A OH  1 
ATOM   70   N N   . LEU A 1 9   ? 10.477  -3.376  9.362   1.00 25.05 ? 9   LEU A N   1 
ATOM   71   C CA  . LEU A 1 9   ? 11.274  -2.148  9.316   1.00 24.99 ? 9   LEU A CA  1 
ATOM   72   C C   . LEU A 1 9   ? 11.046  -1.313  10.556  1.00 24.88 ? 9   LEU A C   1 
ATOM   73   O O   . LEU A 1 9   ? 9.939   -1.300  11.106  1.00 24.61 ? 9   LEU A O   1 
ATOM   74   C CB  . LEU A 1 9   ? 10.881  -1.296  8.117   1.00 24.58 ? 9   LEU A CB  1 
ATOM   75   C CG  . LEU A 1 9   ? 11.161  -1.899  6.729   1.00 25.07 ? 9   LEU A CG  1 
ATOM   76   C CD1 . LEU A 1 9   ? 10.947  -0.820  5.644   1.00 23.16 ? 9   LEU A CD1 1 
ATOM   77   C CD2 . LEU A 1 9   ? 12.584  -2.491  6.670   1.00 24.08 ? 9   LEU A CD2 1 
ATOM   78   N N   . THR A 1 10  ? 12.075  -0.566  10.946  1.00 24.29 ? 10  THR A N   1 
ATOM   79   C CA  . THR A 1 10  ? 11.957  0.327   12.083  1.00 24.43 ? 10  THR A CA  1 
ATOM   80   C C   . THR A 1 10  ? 11.227  1.582   11.643  1.00 24.50 ? 10  THR A C   1 
ATOM   81   O O   . THR A 1 10  ? 11.029  1.826   10.457  1.00 24.67 ? 10  THR A O   1 
ATOM   82   C CB  . THR A 1 10  ? 13.344  0.711   12.647  1.00 24.50 ? 10  THR A CB  1 
ATOM   83   O OG1 . THR A 1 10  ? 14.117  1.303   11.595  1.00 24.20 ? 10  THR A OG1 1 
ATOM   84   C CG2 . THR A 1 10  ? 14.067  -0.517  13.238  1.00 23.89 ? 10  THR A CG2 1 
ATOM   85   N N   . MET A 1 11  ? 10.869  2.426   12.597  1.00 25.63 ? 11  MET A N   1 
ATOM   86   C CA  . MET A 1 11  ? 10.229  3.668   12.243  1.00 26.47 ? 11  MET A CA  1 
ATOM   87   C C   . MET A 1 11  ? 11.088  4.534   11.313  1.00 26.47 ? 11  MET A C   1 
ATOM   88   O O   . MET A 1 11  ? 10.554  5.228   10.465  1.00 26.73 ? 11  MET A O   1 
ATOM   89   C CB  . MET A 1 11  ? 9.846   4.467   13.495  1.00 27.04 ? 11  MET A CB  1 
ATOM   90   C CG  . MET A 1 11  ? 8.731   5.520   13.232  1.00 31.78 ? 11  MET A CG  1 
ATOM   91   S SD  . MET A 1 11  ? 7.037   4.860   12.924  1.00 39.93 ? 11  MET A SD  1 
ATOM   92   C CE  . MET A 1 11  ? 7.156   3.328   13.848  1.00 34.32 ? 11  MET A CE  1 
ATOM   93   N N   . SER A 1 12  ? 12.411  4.496   11.475  1.00 25.30 ? 12  SER A N   1 
ATOM   94   C CA  . SER A 1 12  ? 13.299  5.298   10.642  1.00 25.72 ? 12  SER A CA  1 
ATOM   95   C C   . SER A 1 12  ? 13.361  4.721   9.235   1.00 25.58 ? 12  SER A C   1 
ATOM   96   O O   . SER A 1 12  ? 13.408  5.455   8.258   1.00 25.40 ? 12  SER A O   1 
ATOM   97   C CB  . SER A 1 12  ? 14.716  5.318   11.209  1.00 24.96 ? 12  SER A CB  1 
ATOM   98   O OG  . SER A 1 12  ? 14.724  5.776   12.576  1.00 29.49 ? 12  SER A OG  1 
ATOM   99   N N   . GLU A 1 13  ? 13.401  3.397   9.150   1.00 25.55 ? 13  GLU A N   1 
ATOM   100  C CA  . GLU A 1 13  ? 13.415  2.739   7.837   1.00 25.48 ? 13  GLU A CA  1 
ATOM   101  C C   . GLU A 1 13  ? 12.109  3.038   7.070   1.00 25.82 ? 13  GLU A C   1 
ATOM   102  O O   . GLU A 1 13  ? 12.131  3.347   5.871   1.00 25.68 ? 13  GLU A O   1 
ATOM   103  C CB  . GLU A 1 13  ? 13.694  1.253   8.013   1.00 26.51 ? 13  GLU A CB  1 
ATOM   104  C CG  . GLU A 1 13  ? 15.137  0.969   8.459   1.00 25.03 ? 13  GLU A CG  1 
ATOM   105  C CD  . GLU A 1 13  ? 15.352  -0.417  9.052   1.00 29.00 ? 13  GLU A CD  1 
ATOM   106  O OE1 . GLU A 1 13  ? 16.531  -0.844  9.204   1.00 29.52 ? 13  GLU A OE1 1 
ATOM   107  O OE2 . GLU A 1 13  ? 14.374  -1.108  9.378   1.00 25.50 ? 13  GLU A OE2 1 
ATOM   108  N N   . MET A 1 14  ? 10.982  2.966   7.779   1.00 24.67 ? 14  MET A N   1 
ATOM   109  C CA  . MET A 1 14  ? 9.676   3.231   7.202   1.00 25.15 ? 14  MET A CA  1 
ATOM   110  C C   . MET A 1 14  ? 9.556   4.624   6.667   1.00 25.18 ? 14  MET A C   1 
ATOM   111  O O   . MET A 1 14  ? 8.963   4.819   5.618   1.00 25.10 ? 14  MET A O   1 
ATOM   112  C CB  . MET A 1 14  ? 8.560   2.967   8.199   1.00 24.86 ? 14  MET A CB  1 
ATOM   113  C CG  . MET A 1 14  ? 8.298   1.496   8.434   1.00 25.78 ? 14  MET A CG  1 
ATOM   114  S SD  . MET A 1 14  ? 6.735   1.234   9.315   1.00 25.55 ? 14  MET A SD  1 
ATOM   115  C CE  . MET A 1 14  ? 7.312   1.177   11.007  1.00 26.22 ? 14  MET A CE  1 
ATOM   116  N N   . LYS A 1 15  ? 10.125  5.606   7.379   1.00 25.54 ? 15  LYS A N   1 
ATOM   117  C CA  . LYS A 1 15  ? 10.041  6.968   6.906   1.00 25.46 ? 15  LYS A CA  1 
ATOM   118  C C   . LYS A 1 15  ? 10.773  7.157   5.575   1.00 26.26 ? 15  LYS A C   1 
ATOM   119  O O   . LYS A 1 15  ? 10.328  7.921   4.718   1.00 26.83 ? 15  LYS A O   1 
ATOM   120  C CB  . LYS A 1 15  ? 10.565  7.945   7.968   1.00 25.95 ? 15  LYS A CB  1 
ATOM   121  C CG  . LYS A 1 15  ? 10.408  9.394   7.569   1.00 25.84 ? 15  LYS A CG  1 
ATOM   122  C CD  . LYS A 1 15  ? 11.074  10.300  8.602   1.00 25.54 ? 15  LYS A CD  1 
ATOM   123  C CE  . LYS A 1 15  ? 10.959  11.747  8.187   1.00 26.41 ? 15  LYS A CE  1 
ATOM   124  N NZ  . LYS A 1 15  ? 11.505  12.591  9.284   1.00 25.85 ? 15  LYS A NZ  1 
ATOM   125  N N   . VAL A 1 16  ? 11.893  6.461   5.394   1.00 26.00 ? 16  VAL A N   1 
ATOM   126  C CA  . VAL A 1 16  ? 12.602  6.499   4.102   1.00 25.13 ? 16  VAL A CA  1 
ATOM   127  C C   . VAL A 1 16  ? 11.672  5.971   3.003   1.00 25.41 ? 16  VAL A C   1 
ATOM   128  O O   . VAL A 1 16  ? 11.462  6.629   1.970   1.00 24.14 ? 16  VAL A O   1 
ATOM   129  C CB  . VAL A 1 16  ? 13.908  5.652   4.150   1.00 25.51 ? 16  VAL A CB  1 
ATOM   130  C CG1 . VAL A 1 16  ? 14.500  5.503   2.770   1.00 26.51 ? 16  VAL A CG1 1 
ATOM   131  C CG2 . VAL A 1 16  ? 14.955  6.298   5.123   1.00 23.68 ? 16  VAL A CG2 1 
ATOM   132  N N   . ASN A 1 17  ? 11.087  4.792   3.239   1.00 24.17 ? 17  ASN A N   1 
ATOM   133  C CA  . ASN A 1 17  ? 10.157  4.250   2.244   1.00 25.04 ? 17  ASN A CA  1 
ATOM   134  C C   . ASN A 1 17  ? 8.906   5.102   1.988   1.00 24.77 ? 17  ASN A C   1 
ATOM   135  O O   . ASN A 1 17  ? 8.464   5.277   0.836   1.00 25.32 ? 17  ASN A O   1 
ATOM   136  C CB  . ASN A 1 17  ? 9.802   2.788   2.589   1.00 24.42 ? 17  ASN A CB  1 
ATOM   137  C CG  . ASN A 1 17  ? 10.942  1.807   2.246   1.00 25.37 ? 17  ASN A CG  1 
ATOM   138  O OD1 . ASN A 1 17  ? 12.060  2.214   1.893   1.00 27.61 ? 17  ASN A OD1 1 
ATOM   139  N ND2 . ASN A 1 17  ? 10.659  0.523   2.356   1.00 23.21 ? 17  ASN A ND2 1 
ATOM   140  N N   . ALA A 1 18  ? 8.320   5.598   3.068   1.00 24.80 ? 18  ALA A N   1 
ATOM   141  C CA  . ALA A 1 18  ? 7.100   6.411   2.962   1.00 25.05 ? 18  ALA A CA  1 
ATOM   142  C C   . ALA A 1 18  ? 7.323   7.714   2.185   1.00 24.69 ? 18  ALA A C   1 
ATOM   143  O O   . ALA A 1 18  ? 6.525   8.056   1.338   1.00 25.74 ? 18  ALA A O   1 
ATOM   144  C CB  . ALA A 1 18  ? 6.531   6.676   4.323   1.00 24.93 ? 18  ALA A CB  1 
ATOM   145  N N   . GLN A 1 19  ? 8.420   8.434   2.433   1.00 24.99 ? 19  GLN A N   1 
ATOM   146  C CA  . GLN A 1 19  ? 8.706   9.622   1.595   1.00 25.17 ? 19  GLN A CA  1 
ATOM   147  C C   . GLN A 1 19  ? 8.849   9.266   0.126   1.00 25.82 ? 19  GLN A C   1 
ATOM   148  O O   . GLN A 1 19  ? 8.373   9.986   -0.724  1.00 25.53 ? 19  GLN A O   1 
ATOM   149  C CB  . GLN A 1 19  ? 9.948   10.402  2.054   1.00 25.29 ? 19  GLN A CB  1 
ATOM   150  C CG  . GLN A 1 19  ? 10.144  11.726  1.252   1.00 26.47 ? 19  GLN A CG  1 
ATOM   151  C CD  . GLN A 1 19  ? 9.081   12.797  1.605   1.00 28.17 ? 19  GLN A CD  1 
ATOM   152  O OE1 . GLN A 1 19  ? 8.425   13.372  0.730   1.00 30.92 ? 19  GLN A OE1 1 
ATOM   153  N NE2 . GLN A 1 19  ? 8.923   13.054  2.884   1.00 26.30 ? 19  GLN A NE2 1 
ATOM   154  N N   . TYR A 1 20  ? 9.518   8.154   -0.179  1.00 25.77 ? 20  TYR A N   1 
ATOM   155  C CA  . TYR A 1 20  ? 9.655   7.745   -1.569  1.00 25.51 ? 20  TYR A CA  1 
ATOM   156  C C   . TYR A 1 20  ? 8.279   7.562   -2.231  1.00 25.38 ? 20  TYR A C   1 
ATOM   157  O O   . TYR A 1 20  ? 8.045   8.045   -3.316  1.00 24.94 ? 20  TYR A O   1 
ATOM   158  C CB  . TYR A 1 20  ? 10.477  6.442   -1.693  1.00 25.34 ? 20  TYR A CB  1 
ATOM   159  C CG  . TYR A 1 20  ? 10.711  6.036   -3.136  1.00 25.86 ? 20  TYR A CG  1 
ATOM   160  C CD1 . TYR A 1 20  ? 9.739   5.360   -3.860  1.00 26.76 ? 20  TYR A CD1 1 
ATOM   161  C CD2 . TYR A 1 20  ? 11.909  6.361   -3.786  1.00 28.26 ? 20  TYR A CD2 1 
ATOM   162  C CE1 . TYR A 1 20  ? 9.946   5.010   -5.177  1.00 25.76 ? 20  TYR A CE1 1 
ATOM   163  C CE2 . TYR A 1 20  ? 12.126  6.017   -5.095  1.00 27.46 ? 20  TYR A CE2 1 
ATOM   164  C CZ  . TYR A 1 20  ? 11.148  5.351   -5.790  1.00 26.88 ? 20  TYR A CZ  1 
ATOM   165  O OH  . TYR A 1 20  ? 11.354  5.022   -7.095  1.00 27.91 ? 20  TYR A OH  1 
ATOM   166  N N   . ILE A 1 21  ? 7.394   6.830   -1.560  1.00 24.60 ? 21  ILE A N   1 
ATOM   167  C CA  . ILE A 1 21  ? 6.052   6.548   -2.061  1.00 24.76 ? 21  ILE A CA  1 
ATOM   168  C C   . ILE A 1 21  ? 5.279   7.842   -2.324  1.00 25.11 ? 21  ILE A C   1 
ATOM   169  O O   . ILE A 1 21  ? 4.685   8.001   -3.380  1.00 24.90 ? 21  ILE A O   1 
ATOM   170  C CB  . ILE A 1 21  ? 5.314   5.584   -1.102  1.00 25.35 ? 21  ILE A CB  1 
ATOM   171  C CG1 . ILE A 1 21  ? 6.033   4.230   -1.168  1.00 23.91 ? 21  ILE A CG1 1 
ATOM   172  C CG2 . ILE A 1 21  ? 3.835   5.465   -1.460  1.00 24.44 ? 21  ILE A CG2 1 
ATOM   173  C CD1 . ILE A 1 21  ? 5.641   3.239   -0.057  1.00 24.70 ? 21  ILE A CD1 1 
ATOM   174  N N   . LEU A 1 22  ? 5.344   8.763   -1.371  1.00 25.05 ? 22  LEU A N   1 
ATOM   175  C CA  . LEU A 1 22  ? 4.641   10.048  -1.461  1.00 25.48 ? 22  LEU A CA  1 
ATOM   176  C C   . LEU A 1 22  ? 5.083   10.803  -2.703  1.00 25.40 ? 22  LEU A C   1 
ATOM   177  O O   . LEU A 1 22  ? 4.265   11.313  -3.457  1.00 24.89 ? 22  LEU A O   1 
ATOM   178  C CB  . LEU A 1 22  ? 4.955   10.872  -0.215  1.00 25.64 ? 22  LEU A CB  1 
ATOM   179  C CG  . LEU A 1 22  ? 3.956   11.888  0.358   1.00 26.86 ? 22  LEU A CG  1 
ATOM   180  C CD1 . LEU A 1 22  ? 4.694   12.869  1.274   1.00 24.72 ? 22  LEU A CD1 1 
ATOM   181  C CD2 . LEU A 1 22  ? 3.048   12.584  -0.628  1.00 28.02 ? 22  LEU A CD2 1 
ATOM   182  N N   . ASN A 1 23  ? 6.398   10.883  -2.912  1.00 26.98 ? 23  ASN A N   1 
ATOM   183  C CA  . ASN A 1 23  ? 6.935   11.547  -4.103  1.00 27.03 ? 23  ASN A CA  1 
ATOM   184  C C   . ASN A 1 23  ? 6.399   10.947  -5.393  1.00 27.41 ? 23  ASN A C   1 
ATOM   185  O O   . ASN A 1 23  ? 5.940   11.672  -6.293  1.00 26.48 ? 23  ASN A O   1 
ATOM   186  C CB  . ASN A 1 23  ? 8.464   11.520  -4.087  1.00 27.42 ? 23  ASN A CB  1 
ATOM   187  C CG  . ASN A 1 23  ? 9.059   12.320  -2.937  1.00 29.02 ? 23  ASN A CG  1 
ATOM   188  O OD1 . ASN A 1 23  ? 10.237  12.139  -2.588  1.00 31.74 ? 23  ASN A OD1 1 
ATOM   189  N ND2 . ASN A 1 23  ? 8.258   13.212  -2.333  1.00 27.84 ? 23  ASN A ND2 1 
ATOM   190  N N   . TYR A 1 24  ? 6.439   9.608   -5.457  1.00 26.35 ? 24  TYR A N   1 
ATOM   191  C CA  . TYR A 1 24  ? 6.122   8.856   -6.661  1.00 27.69 ? 24  TYR A CA  1 
ATOM   192  C C   . TYR A 1 24  ? 4.641   9.018   -7.020  1.00 27.14 ? 24  TYR A C   1 
ATOM   193  O O   . TYR A 1 24  ? 4.280   9.287   -8.174  1.00 26.88 ? 24  TYR A O   1 
ATOM   194  C CB  . TYR A 1 24  ? 6.488   7.358   -6.461  1.00 27.92 ? 24  TYR A CB  1 
ATOM   195  C CG  . TYR A 1 24  ? 6.389   6.521   -7.722  1.00 28.49 ? 24  TYR A CG  1 
ATOM   196  C CD1 . TYR A 1 24  ? 5.161   6.046   -8.159  1.00 29.97 ? 24  TYR A CD1 1 
ATOM   197  C CD2 . TYR A 1 24  ? 7.521   6.202   -8.460  1.00 30.65 ? 24  TYR A CD2 1 
ATOM   198  C CE1 . TYR A 1 24  ? 5.051   5.297   -9.321  1.00 31.39 ? 24  TYR A CE1 1 
ATOM   199  C CE2 . TYR A 1 24  ? 7.418   5.437   -9.650  1.00 32.09 ? 24  TYR A CE2 1 
ATOM   200  C CZ  . TYR A 1 24  ? 6.190   4.994   -10.056 1.00 30.66 ? 24  TYR A CZ  1 
ATOM   201  O OH  . TYR A 1 24  ? 6.062   4.247   -11.194 1.00 32.40 ? 24  TYR A OH  1 
ATOM   202  N N   . LEU A 1 25  ? 3.774   8.849   -6.027  1.00 27.18 ? 25  LEU A N   1 
ATOM   203  C CA  . LEU A 1 25  ? 2.350   8.894   -6.309  1.00 27.06 ? 25  LEU A CA  1 
ATOM   204  C C   . LEU A 1 25  ? 1.800   10.315  -6.514  1.00 27.00 ? 25  LEU A C   1 
ATOM   205  O O   . LEU A 1 25  ? 0.778   10.513  -7.163  1.00 26.86 ? 25  LEU A O   1 
ATOM   206  C CB  . LEU A 1 25  ? 1.573   8.126   -5.248  1.00 27.07 ? 25  LEU A CB  1 
ATOM   207  C CG  . LEU A 1 25  ? 1.842   6.613   -5.307  1.00 26.90 ? 25  LEU A CG  1 
ATOM   208  C CD1 . LEU A 1 25  ? 1.203   5.936   -4.068  1.00 27.77 ? 25  LEU A CD1 1 
ATOM   209  C CD2 . LEU A 1 25  ? 1.277   5.998   -6.552  1.00 27.84 ? 25  LEU A CD2 1 
ATOM   210  N N   . SER A 1 26  ? 2.493   11.294  -5.971  1.00 27.51 ? 26  SER A N   1 
ATOM   211  C CA  . SER A 1 26  ? 2.180   12.695  -6.289  1.00 28.70 ? 26  SER A CA  1 
ATOM   212  C C   . SER A 1 26  ? 2.316   13.033  -7.778  1.00 29.76 ? 26  SER A C   1 
ATOM   213  O O   . SER A 1 26  ? 1.484   13.767  -8.349  1.00 30.17 ? 26  SER A O   1 
ATOM   214  C CB  . SER A 1 26  ? 3.049   13.602  -5.438  1.00 29.15 ? 26  SER A CB  1 
ATOM   215  O OG  . SER A 1 26  ? 2.685   13.421  -4.095  1.00 28.79 ? 26  SER A OG  1 
ATOM   216  N N   . SER A 1 27  ? 3.343   12.471  -8.413  1.00 29.78 ? 27  SER A N   1 
ATOM   217  C CA  . SER A 1 27  ? 3.563   12.652  -9.841  1.00 30.35 ? 27  SER A CA  1 
ATOM   218  C C   . SER A 1 27  ? 2.485   12.002  -10.672 1.00 30.06 ? 27  SER A C   1 
ATOM   219  O O   . SER A 1 27  ? 2.254   12.406  -11.826 1.00 29.60 ? 27  SER A O   1 
ATOM   220  C CB  . SER A 1 27  ? 4.932   12.111  -10.238 1.00 31.33 ? 27  SER A CB  1 
ATOM   221  O OG  . SER A 1 27  ? 5.928   12.730  -9.442  1.00 34.56 ? 27  SER A OG  1 
ATOM   222  N N   . ASN A 1 28  ? 1.798   11.022  -10.070 1.00 29.20 ? 28  ASN A N   1 
ATOM   223  C CA  . ASN A 1 28  ? 0.710   10.341  -10.735 1.00 29.79 ? 28  ASN A CA  1 
ATOM   224  C C   . ASN A 1 28  ? -0.686  10.749  -10.232 1.00 30.05 ? 28  ASN A C   1 
ATOM   225  O O   . ASN A 1 28  ? -1.647  9.971   -10.327 1.00 30.45 ? 28  ASN A O   1 
ATOM   226  C CB  . ASN A 1 28  ? 0.920   8.824   -10.624 1.00 30.06 ? 28  ASN A CB  1 
ATOM   227  C CG  . ASN A 1 28  ? 2.057   8.329   -11.507 1.00 30.88 ? 28  ASN A CG  1 
ATOM   228  O OD1 . ASN A 1 28  ? 1.852   7.974   -12.679 1.00 31.67 ? 28  ASN A OD1 1 
ATOM   229  N ND2 . ASN A 1 28  ? 3.241   8.255   -10.941 1.00 30.79 ? 28  ASN A ND2 1 
ATOM   230  N N   . GLY A 1 29  ? -0.795  11.964  -9.690  1.00 29.47 ? 29  GLY A N   1 
ATOM   231  C CA  . GLY A 1 29  ? -2.106  12.540  -9.428  1.00 28.37 ? 29  GLY A CA  1 
ATOM   232  C C   . GLY A 1 29  ? -2.776  12.316  -8.084  1.00 28.35 ? 29  GLY A C   1 
ATOM   233  O O   . GLY A 1 29  ? -3.868  12.839  -7.856  1.00 28.75 ? 29  GLY A O   1 
ATOM   234  N N   . TRP A 1 30  ? -2.131  11.588  -7.170  1.00 27.28 ? 30  TRP A N   1 
ATOM   235  C CA  . TRP A 1 30  ? -2.729  11.322  -5.852  1.00 26.96 ? 30  TRP A CA  1 
ATOM   236  C C   . TRP A 1 30  ? -2.542  12.493  -4.887  1.00 26.66 ? 30  TRP A C   1 
ATOM   237  O O   . TRP A 1 30  ? -1.474  13.121  -4.854  1.00 24.87 ? 30  TRP A O   1 
ATOM   238  C CB  . TRP A 1 30  ? -2.072  10.090  -5.224  1.00 26.78 ? 30  TRP A CB  1 
ATOM   239  C CG  . TRP A 1 30  ? -2.314  8.762   -5.895  1.00 27.17 ? 30  TRP A CG  1 
ATOM   240  C CD1 . TRP A 1 30  ? -2.241  8.469   -7.224  1.00 27.83 ? 30  TRP A CD1 1 
ATOM   241  C CD2 . TRP A 1 30  ? -2.608  7.526   -5.223  1.00 27.04 ? 30  TRP A CD2 1 
ATOM   242  N NE1 . TRP A 1 30  ? -2.484  7.119   -7.425  1.00 29.24 ? 30  TRP A NE1 1 
ATOM   243  C CE2 . TRP A 1 30  ? -2.718  6.523   -6.214  1.00 27.72 ? 30  TRP A CE2 1 
ATOM   244  C CE3 . TRP A 1 30  ? -2.812  7.179   -3.878  1.00 26.04 ? 30  TRP A CE3 1 
ATOM   245  C CZ2 . TRP A 1 30  ? -3.009  5.176   -5.897  1.00 24.67 ? 30  TRP A CZ2 1 
ATOM   246  C CZ3 . TRP A 1 30  ? -3.099  5.837   -3.560  1.00 28.25 ? 30  TRP A CZ3 1 
ATOM   247  C CH2 . TRP A 1 30  ? -3.206  4.863   -4.571  1.00 27.69 ? 30  TRP A CH2 1 
ATOM   248  N N   . THR A 1 31  ? -3.557  12.769  -4.068  1.00 25.67 ? 31  THR A N   1 
ATOM   249  C CA  . THR A 1 31  ? -3.398  13.735  -2.970  1.00 25.01 ? 31  THR A CA  1 
ATOM   250  C C   . THR A 1 31  ? -2.523  13.216  -1.839  1.00 24.80 ? 31  THR A C   1 
ATOM   251  O O   . THR A 1 31  ? -2.453  12.009  -1.610  1.00 24.33 ? 31  THR A O   1 
ATOM   252  C CB  . THR A 1 31  ? -4.757  14.159  -2.372  1.00 25.04 ? 31  THR A CB  1 
ATOM   253  O OG1 . THR A 1 31  ? -5.371  13.014  -1.758  1.00 24.35 ? 31  THR A OG1 1 
ATOM   254  C CG2 . THR A 1 31  ? -5.656  14.721  -3.458  1.00 24.22 ? 31  THR A CG2 1 
ATOM   255  N N   . LYS A 1 32  ? -1.866  14.114  -1.111  1.00 25.38 ? 32  LYS A N   1 
ATOM   256  C CA  . LYS A 1 32  ? -1.076  13.734  0.061   1.00 25.07 ? 32  LYS A CA  1 
ATOM   257  C C   . LYS A 1 32  ? -1.919  13.002  1.136   1.00 25.09 ? 32  LYS A C   1 
ATOM   258  O O   . LYS A 1 32  ? -1.448  12.039  1.780   1.00 24.59 ? 32  LYS A O   1 
ATOM   259  C CB  . LYS A 1 32  ? -0.364  14.964  0.660   1.00 25.76 ? 32  LYS A CB  1 
ATOM   260  C CG  . LYS A 1 32  ? 0.527   14.653  1.850   1.00 25.41 ? 32  LYS A CG  1 
ATOM   261  C CD  . LYS A 1 32  ? 1.450   15.859  2.207   1.00 25.34 ? 32  LYS A CD  1 
ATOM   262  C CE  . LYS A 1 32  ? 2.145   15.626  3.547   1.00 24.94 ? 32  LYS A CE  1 
ATOM   263  N NZ  . LYS A 1 32  ? 2.982   16.804  3.941   1.00 23.97 ? 32  LYS A NZ  1 
ATOM   264  N N   . GLN A 1 33  ? -3.161  13.464  1.325   1.00 24.94 ? 33  GLN A N   1 
ATOM   265  C CA  . GLN A 1 33  ? -4.096  12.798  2.219   1.00 24.57 ? 33  GLN A CA  1 
ATOM   266  C C   . GLN A 1 33  ? -4.377  11.341  1.796   1.00 24.81 ? 33  GLN A C   1 
ATOM   267  O O   . GLN A 1 33  ? -4.334  10.462  2.640   1.00 23.94 ? 33  GLN A O   1 
ATOM   268  C CB  . GLN A 1 33  ? -5.423  13.572  2.320   1.00 24.65 ? 33  GLN A CB  1 
ATOM   269  C CG  . GLN A 1 33  ? -5.285  15.014  2.868   1.00 25.83 ? 33  GLN A CG  1 
ATOM   270  C CD  . GLN A 1 33  ? -5.137  16.035  1.765   1.00 24.64 ? 33  GLN A CD  1 
ATOM   271  O OE1 . GLN A 1 33  ? -4.657  15.721  0.679   1.00 26.68 ? 33  GLN A OE1 1 
ATOM   272  N NE2 . GLN A 1 33  ? -5.565  17.276  2.031   1.00 23.14 ? 33  GLN A NE2 1 
ATOM   273  N N   . ALA A 1 34  ? -4.667  11.120  0.511   1.00 25.07 ? 34  ALA A N   1 
ATOM   274  C CA  . ALA A 1 34  ? -4.933  9.780   -0.030  1.00 25.47 ? 34  ALA A CA  1 
ATOM   275  C C   . ALA A 1 34  ? -3.726  8.862   0.115   1.00 25.10 ? 34  ALA A C   1 
ATOM   276  O O   . ALA A 1 34  ? -3.846  7.677   0.443   1.00 26.16 ? 34  ALA A O   1 
ATOM   277  C CB  . ALA A 1 34  ? -5.369  9.868   -1.474  1.00 25.30 ? 34  ALA A CB  1 
ATOM   278  N N   . ILE A 1 35  ? -2.548  9.412   -0.145  1.00 24.64 ? 35  ILE A N   1 
ATOM   279  C CA  . ILE A 1 35  ? -1.333  8.640   -0.052  1.00 24.56 ? 35  ILE A CA  1 
ATOM   280  C C   . ILE A 1 35  ? -1.123  8.284   1.401   1.00 24.44 ? 35  ILE A C   1 
ATOM   281  O O   . ILE A 1 35  ? -0.790  7.143   1.714   1.00 23.54 ? 35  ILE A O   1 
ATOM   282  C CB  . ILE A 1 35  ? -0.113  9.448   -0.619  1.00 24.72 ? 35  ILE A CB  1 
ATOM   283  C CG1 . ILE A 1 35  ? -0.295  9.674   -2.120  1.00 25.33 ? 35  ILE A CG1 1 
ATOM   284  C CG2 . ILE A 1 35  ? 1.260   8.752   -0.247  1.00 23.27 ? 35  ILE A CG2 1 
ATOM   285  C CD1 . ILE A 1 35  ? 0.693   10.737  -2.715  1.00 23.21 ? 35  ILE A CD1 1 
ATOM   286  N N   . CYS A 1 36  ? -1.353  9.237   2.309   1.00 24.79 ? 36  CYS A N   1 
ATOM   287  C CA  . CYS A 1 36  ? -1.060  8.981   3.716   1.00 25.71 ? 36  CYS A CA  1 
ATOM   288  C C   . CYS A 1 36  ? -2.047  8.002   4.329   1.00 25.28 ? 36  CYS A C   1 
ATOM   289  O O   . CYS A 1 36  ? -1.658  7.170   5.148   1.00 26.18 ? 36  CYS A O   1 
ATOM   290  C CB  . CYS A 1 36  ? -0.944  10.298  4.543   1.00 24.68 ? 36  CYS A CB  1 
ATOM   291  S SG  . CYS A 1 36  ? 0.643   11.083  4.200   1.00 26.06 ? 36  CYS A SG  1 
ATOM   292  N N   . GLY A 1 37  ? -3.305  8.096   3.915   1.00 25.32 ? 37  GLY A N   1 
ATOM   293  C CA  . GLY A 1 37  ? -4.320  7.070   4.245   1.00 25.26 ? 37  GLY A CA  1 
ATOM   294  C C   . GLY A 1 37  ? -3.830  5.690   3.851   1.00 25.34 ? 37  GLY A C   1 
ATOM   295  O O   . GLY A 1 37  ? -3.882  4.749   4.660   1.00 26.26 ? 37  GLY A O   1 
ATOM   296  N N   . MET A 1 38  ? -3.277  5.589   2.645   1.00 25.01 ? 38  MET A N   1 
ATOM   297  C CA  . MET A 1 38  ? -2.709  4.301   2.178   1.00 25.11 ? 38  MET A CA  1 
ATOM   298  C C   . MET A 1 38  ? -1.448  3.877   2.937   1.00 24.77 ? 38  MET A C   1 
ATOM   299  O O   . MET A 1 38  ? -1.309  2.707   3.314   1.00 24.76 ? 38  MET A O   1 
ATOM   300  C CB  . MET A 1 38  ? -2.521  4.278   0.654   1.00 24.05 ? 38  MET A CB  1 
ATOM   301  C CG  . MET A 1 38  ? -1.862  2.942   0.172   1.00 23.47 ? 38  MET A CG  1 
ATOM   302  S SD  . MET A 1 38  ? -1.969  2.776   -1.613  1.00 25.91 ? 38  MET A SD  1 
ATOM   303  C CE  . MET A 1 38  ? -0.674  3.939   -2.151  1.00 27.20 ? 38  MET A CE  1 
ATOM   304  N N   . LEU A 1 39  ? -0.538  4.825   3.182   1.00 24.32 ? 39  LEU A N   1 
ATOM   305  C CA  . LEU A 1 39  ? 0.628   4.542   4.020   1.00 24.31 ? 39  LEU A CA  1 
ATOM   306  C C   . LEU A 1 39  ? 0.299   4.002   5.406   1.00 25.01 ? 39  LEU A C   1 
ATOM   307  O O   . LEU A 1 39  ? 0.997   3.129   5.906   1.00 24.59 ? 39  LEU A O   1 
ATOM   308  C CB  . LEU A 1 39  ? 1.546   5.763   4.128   1.00 24.38 ? 39  LEU A CB  1 
ATOM   309  C CG  . LEU A 1 39  ? 2.296   6.179   2.869   1.00 21.44 ? 39  LEU A CG  1 
ATOM   310  C CD1 . LEU A 1 39  ? 2.878   7.570   3.087   1.00 22.78 ? 39  LEU A CD1 1 
ATOM   311  C CD2 . LEU A 1 39  ? 3.438   5.174   2.509   1.00 23.90 ? 39  LEU A CD2 1 
ATOM   312  N N   . GLY A 1 40  ? -0.767  4.512   6.031   1.00 25.11 ? 40  GLY A N   1 
ATOM   313  C CA  . GLY A 1 40  ? -1.195  3.985   7.345   1.00 25.17 ? 40  GLY A CA  1 
ATOM   314  C C   . GLY A 1 40  ? -1.565  2.521   7.271   1.00 25.22 ? 40  GLY A C   1 
ATOM   315  O O   . GLY A 1 40  ? -1.300  1.761   8.223   1.00 25.71 ? 40  GLY A O   1 
ATOM   316  N N   . ASN A 1 41  ? -2.165  2.111   6.141   1.00 24.56 ? 41  ASN A N   1 
ATOM   317  C CA  . ASN A 1 41  ? -2.467  0.686   5.911   1.00 24.05 ? 41  ASN A CA  1 
ATOM   318  C C   . ASN A 1 41  ? -1.208  -0.107  5.609   1.00 24.50 ? 41  ASN A C   1 
ATOM   319  O O   . ASN A 1 41  ? -1.023  -1.177  6.151   1.00 24.70 ? 41  ASN A O   1 
ATOM   320  C CB  . ASN A 1 41  ? -3.456  0.505   4.754   1.00 23.11 ? 41  ASN A CB  1 
ATOM   321  C CG  . ASN A 1 41  ? -4.872  0.802   5.175   1.00 24.01 ? 41  ASN A CG  1 
ATOM   322  O OD1 . ASN A 1 41  ? -5.604  -0.107  5.542   1.00 22.86 ? 41  ASN A OD1 1 
ATOM   323  N ND2 . ASN A 1 41  ? -5.242  2.092   5.191   1.00 25.44 ? 41  ASN A ND2 1 
ATOM   324  N N   . MET A 1 42  ? -0.339  0.444   4.765   1.00 24.67 ? 42  MET A N   1 
ATOM   325  C CA  . MET A 1 42  ? 0.906   -0.250  4.414   1.00 24.77 ? 42  MET A CA  1 
ATOM   326  C C   . MET A 1 42  ? 1.805   -0.511  5.646   1.00 24.10 ? 42  MET A C   1 
ATOM   327  O O   . MET A 1 42  ? 2.516   -1.495  5.708   1.00 24.03 ? 42  MET A O   1 
ATOM   328  C CB  . MET A 1 42  ? 1.652   0.576   3.381   1.00 24.56 ? 42  MET A CB  1 
ATOM   329  C CG  . MET A 1 42  ? 0.966   0.615   1.998   1.00 23.79 ? 42  MET A CG  1 
ATOM   330  S SD  . MET A 1 42  ? 2.028   1.595   0.927   1.00 26.36 ? 42  MET A SD  1 
ATOM   331  C CE  . MET A 1 42  ? 1.323   1.217   -0.704  1.00 27.05 ? 42  MET A CE  1 
ATOM   332  N N   . GLN A 1 43  ? 1.776   0.394   6.625   1.00 24.86 ? 43  GLN A N   1 
ATOM   333  C CA  . GLN A 1 43  ? 2.556   0.188   7.847   1.00 24.49 ? 43  GLN A CA  1 
ATOM   334  C C   . GLN A 1 43  ? 2.110   -1.059  8.597   1.00 24.74 ? 43  GLN A C   1 
ATOM   335  O O   . GLN A 1 43  ? 2.949   -1.854  9.034   1.00 25.35 ? 43  GLN A O   1 
ATOM   336  C CB  . GLN A 1 43  ? 2.457   1.399   8.764   1.00 25.28 ? 43  GLN A CB  1 
ATOM   337  C CG  . GLN A 1 43  ? 3.134   1.146   10.114  1.00 23.07 ? 43  GLN A CG  1 
ATOM   338  C CD  . GLN A 1 43  ? 3.310   2.420   10.917  1.00 25.06 ? 43  GLN A CD  1 
ATOM   339  O OE1 . GLN A 1 43  ? 3.746   2.388   12.076  1.00 27.40 ? 43  GLN A OE1 1 
ATOM   340  N NE2 . GLN A 1 43  ? 3.004   3.546   10.302  1.00 20.84 ? 43  GLN A NE2 1 
ATOM   341  N N   . SER A 1 44  ? 0.786   -1.229  8.743   1.00 24.58 ? 44  SER A N   1 
ATOM   342  C CA  . SER A 1 44  ? 0.250   -2.438  9.372   1.00 24.52 ? 44  SER A CA  1 
ATOM   343  C C   . SER A 1 44  ? 0.455   -3.672  8.511   1.00 24.74 ? 44  SER A C   1 
ATOM   344  O O   . SER A 1 44  ? 0.761   -4.758  9.020   1.00 23.76 ? 44  SER A O   1 
ATOM   345  C CB  . SER A 1 44  ? -1.223  -2.277  9.773   1.00 24.78 ? 44  SER A CB  1 
ATOM   346  O OG  . SER A 1 44  ? -1.379  -1.244  10.737  1.00 24.88 ? 44  SER A OG  1 
ATOM   347  N N   . GLU A 1 45  ? 0.291   -3.530  7.189   1.00 24.44 ? 45  GLU A N   1 
ATOM   348  C CA  . GLU A 1 45  ? 0.397   -4.685  6.313   1.00 24.90 ? 45  GLU A CA  1 
ATOM   349  C C   . GLU A 1 45  ? 1.815   -5.281  6.207   1.00 25.32 ? 45  GLU A C   1 
ATOM   350  O O   . GLU A 1 45  ? 2.001   -6.529  6.112   1.00 25.27 ? 45  GLU A O   1 
ATOM   351  C CB  . GLU A 1 45  ? -0.144  -4.323  4.918   1.00 24.88 ? 45  GLU A CB  1 
ATOM   352  C CG  . GLU A 1 45  ? -1.640  -4.020  4.892   1.00 26.67 ? 45  GLU A CG  1 
ATOM   353  C CD  . GLU A 1 45  ? -2.513  -5.243  5.061   1.00 31.19 ? 45  GLU A CD  1 
ATOM   354  O OE1 . GLU A 1 45  ? -1.962  -6.378  5.018   1.00 30.23 ? 45  GLU A OE1 1 
ATOM   355  O OE2 . GLU A 1 45  ? -3.740  -5.065  5.284   1.00 29.09 ? 45  GLU A OE2 1 
ATOM   356  N N   . SER A 1 46  ? 2.803   -4.398  6.160   1.00 24.56 ? 46  SER A N   1 
ATOM   357  C CA  . SER A 1 46  ? 4.174   -4.780  5.800   1.00 24.19 ? 46  SER A CA  1 
ATOM   358  C C   . SER A 1 46  ? 5.277   -3.926  6.409   1.00 23.82 ? 46  SER A C   1 
ATOM   359  O O   . SER A 1 46  ? 6.445   -4.094  6.024   1.00 23.85 ? 46  SER A O   1 
ATOM   360  C CB  . SER A 1 46  ? 4.355   -4.744  4.277   1.00 24.55 ? 46  SER A CB  1 
ATOM   361  O OG  . SER A 1 46  ? 4.204   -3.386  3.814   1.00 24.41 ? 46  SER A OG  1 
ATOM   362  N N   . THR A 1 47  ? 4.951   -3.041  7.354   1.00 23.63 ? 47  THR A N   1 
ATOM   363  C CA  . THR A 1 47  ? 5.892   -1.969  7.731   1.00 24.40 ? 47  THR A CA  1 
ATOM   364  C C   . THR A 1 47  ? 6.436   -1.234  6.462   1.00 24.38 ? 47  THR A C   1 
ATOM   365  O O   . THR A 1 47  ? 7.612   -0.870  6.371   1.00 25.26 ? 47  THR A O   1 
ATOM   366  C CB  . THR A 1 47  ? 7.028   -2.451  8.713   1.00 24.65 ? 47  THR A CB  1 
ATOM   367  O OG1 . THR A 1 47  ? 7.841   -3.490  8.127   1.00 24.31 ? 47  THR A OG1 1 
ATOM   368  C CG2 . THR A 1 47  ? 6.416   -2.958  10.022  1.00 24.20 ? 47  THR A CG2 1 
ATOM   369  N N   . ILE A 1 48  ? 5.557   -1.043  5.478   1.00 24.74 ? 48  ILE A N   1 
ATOM   370  C CA  . ILE A 1 48  ? 5.866   -0.270  4.255   1.00 25.00 ? 48  ILE A CA  1 
ATOM   371  C C   . ILE A 1 48  ? 7.121   -0.856  3.599   1.00 25.33 ? 48  ILE A C   1 
ATOM   372  O O   . ILE A 1 48  ? 8.002   -0.125  3.148   1.00 24.71 ? 48  ILE A O   1 
ATOM   373  C CB  . ILE A 1 48  ? 6.024   1.271   4.523   1.00 25.09 ? 48  ILE A CB  1 
ATOM   374  C CG1 . ILE A 1 48  ? 5.170   1.780   5.705   1.00 25.79 ? 48  ILE A CG1 1 
ATOM   375  C CG2 . ILE A 1 48  ? 5.695   2.121   3.291   1.00 24.75 ? 48  ILE A CG2 1 
ATOM   376  C CD1 . ILE A 1 48  ? 5.189   3.307   5.810   1.00 26.29 ? 48  ILE A CD1 1 
ATOM   377  N N   . ASN A 1 49  ? 7.183   -2.183  3.556   1.00 24.56 ? 49  ASN A N   1 
ATOM   378  C CA  . ASN A 1 49  ? 8.350   -2.887  3.027   1.00 24.21 ? 49  ASN A CA  1 
ATOM   379  C C   . ASN A 1 49  ? 7.947   -3.688  1.765   1.00 24.57 ? 49  ASN A C   1 
ATOM   380  O O   . ASN A 1 49  ? 7.221   -4.685  1.868   1.00 23.78 ? 49  ASN A O   1 
ATOM   381  C CB  . ASN A 1 49  ? 8.943   -3.826  4.110   1.00 25.04 ? 49  ASN A CB  1 
ATOM   382  C CG  . ASN A 1 49  ? 10.273  -4.396  3.713   1.00 24.46 ? 49  ASN A CG  1 
ATOM   383  O OD1 . ASN A 1 49  ? 10.566  -4.454  2.543   1.00 23.22 ? 49  ASN A OD1 1 
ATOM   384  N ND2 . ASN A 1 49  ? 11.083  -4.866  4.694   1.00 23.64 ? 49  ASN A ND2 1 
ATOM   385  N N   . PRO A 1 50  ? 8.427   -3.270  0.579   1.00 25.02 ? 50  PRO A N   1 
ATOM   386  C CA  . PRO A 1 50  ? 8.045   -3.998  -0.659  1.00 25.52 ? 50  PRO A CA  1 
ATOM   387  C C   . PRO A 1 50  ? 8.592   -5.429  -0.742  1.00 25.48 ? 50  PRO A C   1 
ATOM   388  O O   . PRO A 1 50  ? 8.157   -6.196  -1.618  1.00 24.86 ? 50  PRO A O   1 
ATOM   389  C CB  . PRO A 1 50  ? 8.666   -3.174  -1.803  1.00 25.34 ? 50  PRO A CB  1 
ATOM   390  C CG  . PRO A 1 50  ? 9.271   -1.924  -1.160  1.00 27.54 ? 50  PRO A CG  1 
ATOM   391  C CD  . PRO A 1 50  ? 9.339   -2.130  0.333   1.00 24.60 ? 50  PRO A CD  1 
ATOM   392  N N   . GLY A 1 51  ? 9.550   -5.774  0.133   1.00 24.78 ? 51  GLY A N   1 
ATOM   393  C CA  . GLY A 1 51  ? 10.159  -7.100  0.128   1.00 24.90 ? 51  GLY A CA  1 
ATOM   394  C C   . GLY A 1 51  ? 9.560   -8.134  1.071   1.00 25.63 ? 51  GLY A C   1 
ATOM   395  O O   . GLY A 1 51  ? 10.000  -9.286  1.084   1.00 26.01 ? 51  GLY A O   1 
ATOM   396  N N   . LEU A 1 52  ? 8.520   -7.736  1.787   1.00 24.69 ? 52  LEU A N   1 
ATOM   397  C CA  . LEU A 1 52  ? 8.000   -8.498  2.928   1.00 24.62 ? 52  LEU A CA  1 
ATOM   398  C C   . LEU A 1 52  ? 6.930   -9.543  2.586   1.00 24.26 ? 52  LEU A C   1 
ATOM   399  O O   . LEU A 1 52  ? 5.902   -9.271  1.963   1.00 25.14 ? 52  LEU A O   1 
ATOM   400  C CB  . LEU A 1 52  ? 7.501   -7.526  4.009   1.00 23.85 ? 52  LEU A CB  1 
ATOM   401  C CG  . LEU A 1 52  ? 7.221   -8.135  5.397   1.00 26.34 ? 52  LEU A CG  1 
ATOM   402  C CD1 . LEU A 1 52  ? 7.699   -7.202  6.563   1.00 25.93 ? 52  LEU A CD1 1 
ATOM   403  C CD2 . LEU A 1 52  ? 5.752   -8.462  5.533   1.00 27.78 ? 52  LEU A CD2 1 
ATOM   404  N N   . TRP A 1 53  ? 7.184   -10.750 3.039   1.00 24.98 ? 53  TRP A N   1 
ATOM   405  C CA  . TRP A 1 53  ? 6.239   -11.854 2.901   1.00 23.91 ? 53  TRP A CA  1 
ATOM   406  C C   . TRP A 1 53  ? 5.427   -12.004 4.194   1.00 23.71 ? 53  TRP A C   1 
ATOM   407  O O   . TRP A 1 53  ? 5.955   -11.776 5.299   1.00 21.93 ? 53  TRP A O   1 
ATOM   408  C CB  . TRP A 1 53  ? 7.000   -13.144 2.634   1.00 24.91 ? 53  TRP A CB  1 
ATOM   409  C CG  . TRP A 1 53  ? 7.769   -13.184 1.369   1.00 25.97 ? 53  TRP A CG  1 
ATOM   410  C CD1 . TRP A 1 53  ? 9.014   -12.689 1.157   1.00 26.43 ? 53  TRP A CD1 1 
ATOM   411  C CD2 . TRP A 1 53  ? 7.340   -13.756 0.128   1.00 26.41 ? 53  TRP A CD2 1 
ATOM   412  N NE1 . TRP A 1 53  ? 9.405   -12.927 -0.142  1.00 26.66 ? 53  TRP A NE1 1 
ATOM   413  C CE2 . TRP A 1 53  ? 8.394   -13.576 -0.797  1.00 26.04 ? 53  TRP A CE2 1 
ATOM   414  C CE3 . TRP A 1 53  ? 6.159   -14.402 -0.295  1.00 25.72 ? 53  TRP A CE3 1 
ATOM   415  C CZ2 . TRP A 1 53  ? 8.320   -14.017 -2.127  1.00 26.20 ? 53  TRP A CZ2 1 
ATOM   416  C CZ3 . TRP A 1 53  ? 6.086   -14.859 -1.626  1.00 26.80 ? 53  TRP A CZ3 1 
ATOM   417  C CH2 . TRP A 1 53  ? 7.159   -14.654 -2.524  1.00 26.69 ? 53  TRP A CH2 1 
ATOM   418  N N   . GLN A 1 54  ? 4.162   -12.403 4.057   1.00 23.38 ? 54  GLN A N   1 
ATOM   419  C CA  . GLN A 1 54  ? 3.283   -12.577 5.207   1.00 24.49 ? 54  GLN A CA  1 
ATOM   420  C C   . GLN A 1 54  ? 3.960   -13.558 6.185   1.00 23.58 ? 54  GLN A C   1 
ATOM   421  O O   . GLN A 1 54  ? 4.436   -14.592 5.760   1.00 23.72 ? 54  GLN A O   1 
ATOM   422  C CB  . GLN A 1 54  ? 1.920   -13.125 4.776   1.00 24.13 ? 54  GLN A CB  1 
ATOM   423  C CG  . GLN A 1 54  ? 0.966   -13.319 5.948   1.00 26.28 ? 54  GLN A CG  1 
ATOM   424  C CD  . GLN A 1 54  ? -0.416  -13.758 5.571   1.00 26.61 ? 54  GLN A CD  1 
ATOM   425  O OE1 . GLN A 1 54  ? -1.246  -14.014 6.453   1.00 30.78 ? 54  GLN A OE1 1 
ATOM   426  N NE2 . GLN A 1 54  ? -0.695  -13.843 4.268   1.00 22.63 ? 54  GLN A NE2 1 
ATOM   427  N N   . ASN A 1 55  ? 3.989   -13.199 7.470   1.00 24.02 ? 55  ASN A N   1 
ATOM   428  C CA  . ASN A 1 55  ? 4.636   -14.022 8.526   1.00 23.17 ? 55  ASN A CA  1 
ATOM   429  C C   . ASN A 1 55  ? 6.149   -14.159 8.358   1.00 23.08 ? 55  ASN A C   1 
ATOM   430  O O   . ASN A 1 55  ? 6.782   -15.008 9.035   1.00 22.04 ? 55  ASN A O   1 
ATOM   431  C CB  . ASN A 1 55  ? 4.054   -15.439 8.607   1.00 23.75 ? 55  ASN A CB  1 
ATOM   432  C CG  . ASN A 1 55  ? 2.570   -15.473 8.859   1.00 26.74 ? 55  ASN A CG  1 
ATOM   433  O OD1 . ASN A 1 55  ? 1.859   -16.261 8.229   1.00 30.59 ? 55  ASN A OD1 1 
ATOM   434  N ND2 . ASN A 1 55  ? 2.092   -14.679 9.813   1.00 27.18 ? 55  ASN A ND2 1 
ATOM   435  N N   . LEU A 1 56  ? 6.717   -13.364 7.441   1.00 23.07 ? 56  LEU A N   1 
ATOM   436  C CA  . LEU A 1 56  ? 8.113   -13.493 6.968   1.00 23.83 ? 56  LEU A CA  1 
ATOM   437  C C   . LEU A 1 56  ? 8.394   -14.850 6.363   1.00 24.11 ? 56  LEU A C   1 
ATOM   438  O O   . LEU A 1 56  ? 9.521   -15.351 6.421   1.00 25.18 ? 56  LEU A O   1 
ATOM   439  C CB  . LEU A 1 56  ? 9.129   -13.165 8.087   1.00 23.63 ? 56  LEU A CB  1 
ATOM   440  C CG  . LEU A 1 56  ? 8.861   -11.866 8.868   1.00 22.83 ? 56  LEU A CG  1 
ATOM   441  C CD1 . LEU A 1 56  ? 9.991   -11.612 9.858   1.00 24.14 ? 56  LEU A CD1 1 
ATOM   442  C CD2 . LEU A 1 56  ? 8.603   -10.608 7.971   1.00 22.45 ? 56  LEU A CD2 1 
ATOM   443  N N   . ASP A 1 57  ? 7.356   -15.465 5.808   1.00 24.37 ? 57  ASP A N   1 
ATOM   444  C CA  . ASP A 1 57  ? 7.481   -16.783 5.203   1.00 24.41 ? 57  ASP A CA  1 
ATOM   445  C C   . ASP A 1 57  ? 7.937   -16.661 3.727   1.00 24.51 ? 57  ASP A C   1 
ATOM   446  O O   . ASP A 1 57  ? 7.113   -16.682 2.806   1.00 23.28 ? 57  ASP A O   1 
ATOM   447  C CB  . ASP A 1 57  ? 6.147   -17.494 5.359   1.00 24.48 ? 57  ASP A CB  1 
ATOM   448  C CG  . ASP A 1 57  ? 6.227   -18.946 5.044   1.00 27.38 ? 57  ASP A CG  1 
ATOM   449  O OD1 . ASP A 1 57  ? 7.311   -19.405 4.624   1.00 29.13 ? 57  ASP A OD1 1 
ATOM   450  O OD2 . ASP A 1 57  ? 5.186   -19.625 5.203   1.00 29.44 ? 57  ASP A OD2 1 
ATOM   451  N N   . GLU A 1 58  ? 9.251   -16.493 3.528   1.00 24.65 ? 58  GLU A N   1 
ATOM   452  C CA  . GLU A 1 58  ? 9.812   -16.157 2.204   1.00 25.04 ? 58  GLU A CA  1 
ATOM   453  C C   . GLU A 1 58  ? 9.502   -17.224 1.167   1.00 24.66 ? 58  GLU A C   1 
ATOM   454  O O   . GLU A 1 58  ? 9.773   -18.415 1.381   1.00 23.42 ? 58  GLU A O   1 
ATOM   455  C CB  . GLU A 1 58  ? 11.318  -15.935 2.305   1.00 25.63 ? 58  GLU A CB  1 
ATOM   456  C CG  . GLU A 1 58  ? 11.960  -15.487 1.010   1.00 28.89 ? 58  GLU A CG  1 
ATOM   457  C CD  . GLU A 1 58  ? 13.416  -15.101 1.165   1.00 33.30 ? 58  GLU A CD  1 
ATOM   458  O OE1 . GLU A 1 58  ? 14.127  -15.673 2.016   1.00 34.94 ? 58  GLU A OE1 1 
ATOM   459  O OE2 . GLU A 1 58  ? 13.861  -14.219 0.412   1.00 37.41 ? 58  GLU A OE2 1 
ATOM   460  N N   . GLY A 1 59  ? 8.933   -16.794 0.040   1.00 23.71 ? 59  GLY A N   1 
ATOM   461  C CA  . GLY A 1 59  ? 8.622   -17.694 -1.034  1.00 23.73 ? 59  GLY A CA  1 
ATOM   462  C C   . GLY A 1 59  ? 7.274   -18.376 -0.960  1.00 24.12 ? 59  GLY A C   1 
ATOM   463  O O   . GLY A 1 59  ? 6.958   -19.180 -1.825  1.00 22.85 ? 59  GLY A O   1 
ATOM   464  N N   . ASN A 1 60  ? 6.458   -18.066 0.045   1.00 23.93 ? 60  ASN A N   1 
ATOM   465  C CA  . ASN A 1 60  ? 5.135   -18.683 0.084   1.00 24.98 ? 60  ASN A CA  1 
ATOM   466  C C   . ASN A 1 60  ? 4.178   -17.841 -0.762  1.00 25.05 ? 60  ASN A C   1 
ATOM   467  O O   . ASN A 1 60  ? 3.594   -16.872 -0.275  1.00 24.34 ? 60  ASN A O   1 
ATOM   468  C CB  . ASN A 1 60  ? 4.622   -18.863 1.513   1.00 25.11 ? 60  ASN A CB  1 
ATOM   469  C CG  . ASN A 1 60  ? 3.264   -19.598 1.561   1.00 27.12 ? 60  ASN A CG  1 
ATOM   470  O OD1 . ASN A 1 60  ? 2.606   -19.766 0.537   1.00 26.95 ? 60  ASN A OD1 1 
ATOM   471  N ND2 . ASN A 1 60  ? 2.874   -20.059 2.743   1.00 26.62 ? 60  ASN A ND2 1 
ATOM   472  N N   . THR A 1 61  ? 4.004   -18.235 -2.019  1.00 25.96 ? 61  THR A N   1 
ATOM   473  C CA  . THR A 1 61  ? 3.222   -17.406 -2.978  1.00 26.57 ? 61  THR A CA  1 
ATOM   474  C C   . THR A 1 61  ? 1.707   -17.544 -2.795  1.00 26.80 ? 61  THR A C   1 
ATOM   475  O O   . THR A 1 61  ? 0.940   -16.897 -3.516  1.00 26.95 ? 61  THR A O   1 
ATOM   476  C CB  . THR A 1 61  ? 3.569   -17.749 -4.441  1.00 26.65 ? 61  THR A CB  1 
ATOM   477  O OG1 . THR A 1 61  ? 3.379   -19.159 -4.623  1.00 26.85 ? 61  THR A OG1 1 
ATOM   478  C CG2 . THR A 1 61  ? 5.017   -17.361 -4.777  1.00 26.83 ? 61  THR A CG2 1 
ATOM   479  N N   . SER A 1 62  ? 1.280   -18.379 -1.848  1.00 26.52 ? 62  SER A N   1 
ATOM   480  C CA  . SER A 1 62  ? -0.170  -18.584 -1.580  1.00 26.61 ? 62  SER A CA  1 
ATOM   481  C C   . SER A 1 62  ? -0.681  -17.531 -0.633  1.00 26.58 ? 62  SER A C   1 
ATOM   482  O O   . SER A 1 62  ? -1.890  -17.361 -0.441  1.00 26.52 ? 62  SER A O   1 
ATOM   483  C CB  . SER A 1 62  ? -0.443  -19.978 -0.984  1.00 26.64 ? 62  SER A CB  1 
ATOM   484  O OG  . SER A 1 62  ? -0.127  -20.020 0.405   1.00 27.36 ? 62  SER A OG  1 
ATOM   485  N N   . LEU A 1 63  ? 0.241   -16.828 0.003   1.00 26.67 ? 63  LEU A N   1 
ATOM   486  C CA  . LEU A 1 63  ? -0.171  -15.862 0.987   1.00 26.45 ? 63  LEU A CA  1 
ATOM   487  C C   . LEU A 1 63  ? 0.326   -14.450 0.598   1.00 26.17 ? 63  LEU A C   1 
ATOM   488  O O   . LEU A 1 63  ? 0.679   -14.230 -0.560  1.00 25.44 ? 63  LEU A O   1 
ATOM   489  C CB  . LEU A 1 63  ? 0.237   -16.314 2.390   1.00 26.90 ? 63  LEU A CB  1 
ATOM   490  C CG  . LEU A 1 63  ? -0.575  -17.531 2.947   1.00 28.14 ? 63  LEU A CG  1 
ATOM   491  C CD1 . LEU A 1 63  ? -0.170  -17.903 4.342   1.00 28.93 ? 63  LEU A CD1 1 
ATOM   492  C CD2 . LEU A 1 63  ? -2.056  -17.233 2.924   1.00 31.25 ? 63  LEU A CD2 1 
ATOM   493  N N   . GLY A 1 64  ? 0.387   -13.545 1.568   1.00 24.88 ? 64  GLY A N   1 
ATOM   494  C CA  . GLY A 1 64  ? 0.593   -12.106 1.306   1.00 24.56 ? 64  GLY A CA  1 
ATOM   495  C C   . GLY A 1 64  ? 2.020   -11.733 0.941   1.00 24.07 ? 64  GLY A C   1 
ATOM   496  O O   . GLY A 1 64  ? 2.995   -12.344 1.428   1.00 24.95 ? 64  GLY A O   1 
ATOM   497  N N   . PHE A 1 65  ? 2.161   -10.706 0.104   1.00 24.49 ? 65  PHE A N   1 
ATOM   498  C CA  . PHE A 1 65  ? 3.484   -10.174 -0.212  1.00 23.92 ? 65  PHE A CA  1 
ATOM   499  C C   . PHE A 1 65  ? 3.434   -8.683  -0.502  1.00 25.29 ? 65  PHE A C   1 
ATOM   500  O O   . PHE A 1 65  ? 2.497   -8.210  -1.155  1.00 25.95 ? 65  PHE A O   1 
ATOM   501  C CB  . PHE A 1 65  ? 4.067   -10.894 -1.459  1.00 24.56 ? 65  PHE A CB  1 
ATOM   502  C CG  . PHE A 1 65  ? 5.362   -10.289 -1.944  1.00 23.41 ? 65  PHE A CG  1 
ATOM   503  C CD1 . PHE A 1 65  ? 5.377   -9.379  -3.000  1.00 24.76 ? 65  PHE A CD1 1 
ATOM   504  C CD2 . PHE A 1 65  ? 6.562   -10.598 -1.306  1.00 25.68 ? 65  PHE A CD2 1 
ATOM   505  C CE1 . PHE A 1 65  ? 6.599   -8.782  -3.412  1.00 24.01 ? 65  PHE A CE1 1 
ATOM   506  C CE2 . PHE A 1 65  ? 7.784   -10.023 -1.718  1.00 23.68 ? 65  PHE A CE2 1 
ATOM   507  C CZ  . PHE A 1 65  ? 7.775   -9.102  -2.779  1.00 24.76 ? 65  PHE A CZ  1 
ATOM   508  N N   . GLY A 1 66  ? 4.478   -7.957  -0.092  1.00 24.83 ? 66  GLY A N   1 
ATOM   509  C CA  . GLY A 1 66  ? 4.690   -6.572  -0.593  1.00 24.67 ? 66  GLY A CA  1 
ATOM   510  C C   . GLY A 1 66  ? 3.966   -5.521  0.215   1.00 24.22 ? 66  GLY A C   1 
ATOM   511  O O   . GLY A 1 66  ? 3.347   -5.826  1.241   1.00 23.41 ? 66  GLY A O   1 
ATOM   512  N N   . LEU A 1 67  ? 3.983   -4.286  -0.284  1.00 23.90 ? 67  LEU A N   1 
ATOM   513  C CA  . LEU A 1 67  ? 3.529   -3.129  0.489   1.00 23.95 ? 67  LEU A CA  1 
ATOM   514  C C   . LEU A 1 67  ? 2.143   -3.284  1.070   1.00 24.38 ? 67  LEU A C   1 
ATOM   515  O O   . LEU A 1 67  ? 1.922   -2.964  2.255   1.00 24.33 ? 67  LEU A O   1 
ATOM   516  C CB  . LEU A 1 67  ? 3.576   -1.853  -0.365  1.00 24.42 ? 67  LEU A CB  1 
ATOM   517  C CG  . LEU A 1 67  ? 4.952   -1.361  -0.803  1.00 23.68 ? 67  LEU A CG  1 
ATOM   518  C CD1 . LEU A 1 67  ? 4.683   -0.274  -1.882  1.00 24.16 ? 67  LEU A CD1 1 
ATOM   519  C CD2 . LEU A 1 67  ? 5.740   -0.801  0.417   1.00 25.04 ? 67  LEU A CD2 1 
ATOM   520  N N   . VAL A 1 68  ? 1.198   -3.743  0.244   1.00 24.81 ? 68  VAL A N   1 
ATOM   521  C CA  . VAL A 1 68  ? -0.195  -3.865  0.677   1.00 25.14 ? 68  VAL A CA  1 
ATOM   522  C C   . VAL A 1 68  ? -0.596  -5.315  0.999   1.00 26.02 ? 68  VAL A C   1 
ATOM   523  O O   . VAL A 1 68  ? -1.781  -5.610  1.228   1.00 26.16 ? 68  VAL A O   1 
ATOM   524  C CB  . VAL A 1 68  ? -1.174  -3.325  -0.404  1.00 24.75 ? 68  VAL A CB  1 
ATOM   525  C CG1 . VAL A 1 68  ? -1.079  -1.811  -0.578  1.00 24.81 ? 68  VAL A CG1 1 
ATOM   526  C CG2 . VAL A 1 68  ? -1.007  -4.081  -1.702  1.00 24.99 ? 68  VAL A CG2 1 
ATOM   527  N N   . GLN A 1 69  ? 0.393   -6.207  0.999   1.00 25.29 ? 69  GLN A N   1 
ATOM   528  C CA  . GLN A 1 69  ? 0.167   -7.663  1.125   1.00 24.79 ? 69  GLN A CA  1 
ATOM   529  C C   . GLN A 1 69  ? -0.843  -8.207  0.104   1.00 25.18 ? 69  GLN A C   1 
ATOM   530  O O   . GLN A 1 69  ? -1.929  -8.701  0.471   1.00 26.10 ? 69  GLN A O   1 
ATOM   531  C CB  . GLN A 1 69  ? -0.245  -8.013  2.562   1.00 24.78 ? 69  GLN A CB  1 
ATOM   532  C CG  . GLN A 1 69  ? 0.954   -7.686  3.521   1.00 22.81 ? 69  GLN A CG  1 
ATOM   533  C CD  . GLN A 1 69  ? 2.036   -8.781  3.454   1.00 22.28 ? 69  GLN A CD  1 
ATOM   534  O OE1 . GLN A 1 69  ? 1.811   -9.901  3.882   1.00 23.36 ? 69  GLN A OE1 1 
ATOM   535  N NE2 . GLN A 1 69  ? 3.197   -8.455  2.876   1.00 24.08 ? 69  GLN A NE2 1 
ATOM   536  N N   . TRP A 1 70  ? -0.462  -8.111  -1.171  1.00 25.15 ? 70  TRP A N   1 
ATOM   537  C CA  . TRP A 1 70  ? -1.189  -8.774  -2.263  1.00 25.46 ? 70  TRP A CA  1 
ATOM   538  C C   . TRP A 1 70  ? -1.302  -10.248 -1.939  1.00 26.27 ? 70  TRP A C   1 
ATOM   539  O O   . TRP A 1 70  ? -0.299  -10.867 -1.662  1.00 25.43 ? 70  TRP A O   1 
ATOM   540  C CB  . TRP A 1 70  ? -0.388  -8.645  -3.540  1.00 25.80 ? 70  TRP A CB  1 
ATOM   541  C CG  . TRP A 1 70  ? -0.595  -7.283  -4.174  1.00 25.35 ? 70  TRP A CG  1 
ATOM   542  C CD1 . TRP A 1 70  ? -1.687  -6.890  -4.922  1.00 26.10 ? 70  TRP A CD1 1 
ATOM   543  C CD2 . TRP A 1 70  ? 0.285   -6.145  -4.107  1.00 25.04 ? 70  TRP A CD2 1 
ATOM   544  N NE1 . TRP A 1 70  ? -1.527  -5.582  -5.326  1.00 25.01 ? 70  TRP A NE1 1 
ATOM   545  C CE2 . TRP A 1 70  ? -0.341  -5.094  -4.833  1.00 25.57 ? 70  TRP A CE2 1 
ATOM   546  C CE3 . TRP A 1 70  ? 1.540   -5.905  -3.505  1.00 26.36 ? 70  TRP A CE3 1 
ATOM   547  C CZ2 . TRP A 1 70  ? 0.243   -3.832  -4.974  1.00 26.65 ? 70  TRP A CZ2 1 
ATOM   548  C CZ3 . TRP A 1 70  ? 2.130   -4.641  -3.635  1.00 24.74 ? 70  TRP A CZ3 1 
ATOM   549  C CH2 . TRP A 1 70  ? 1.462   -3.607  -4.365  1.00 27.13 ? 70  TRP A CH2 1 
ATOM   550  N N   . THR A 1 71  ? -2.523  -10.772 -1.990  1.00 26.62 ? 71  THR A N   1 
ATOM   551  C CA  . THR A 1 71  ? -2.802  -12.131 -1.594  1.00 26.88 ? 71  THR A CA  1 
ATOM   552  C C   . THR A 1 71  ? -3.827  -12.784 -2.535  1.00 26.94 ? 71  THR A C   1 
ATOM   553  O O   . THR A 1 71  ? -4.842  -12.146 -2.853  1.00 25.91 ? 71  THR A O   1 
ATOM   554  C CB  . THR A 1 71  ? -3.373  -12.204 -0.195  1.00 27.24 ? 71  THR A CB  1 
ATOM   555  O OG1 . THR A 1 71  ? -2.585  -11.409 0.698   1.00 32.27 ? 71  THR A OG1 1 
ATOM   556  C CG2 . THR A 1 71  ? -3.321  -13.661 0.273   1.00 24.96 ? 71  THR A CG2 1 
ATOM   557  N N   . PRO A 1 72  ? -3.522  -13.997 -3.048  1.00 26.08 ? 72  PRO A N   1 
ATOM   558  C CA  . PRO A 1 72  ? -2.221  -14.678 -2.992  1.00 26.84 ? 72  PRO A CA  1 
ATOM   559  C C   . PRO A 1 72  ? -1.162  -13.903 -3.766  1.00 27.22 ? 72  PRO A C   1 
ATOM   560  O O   . PRO A 1 72  ? -1.465  -13.340 -4.828  1.00 27.23 ? 72  PRO A O   1 
ATOM   561  C CB  . PRO A 1 72  ? -2.494  -16.017 -3.693  1.00 25.97 ? 72  PRO A CB  1 
ATOM   562  C CG  . PRO A 1 72  ? -3.599  -15.707 -4.640  1.00 26.58 ? 72  PRO A CG  1 
ATOM   563  C CD  . PRO A 1 72  ? -4.492  -14.798 -3.816  1.00 26.19 ? 72  PRO A CD  1 
ATOM   564  N N   . ALA A 1 73  ? 0.062   -13.874 -3.239  1.00 26.89 ? 73  ALA A N   1 
ATOM   565  C CA  . ALA A 1 73  ? 1.192   -13.207 -3.894  1.00 27.24 ? 73  ALA A CA  1 
ATOM   566  C C   . ALA A 1 73  ? 1.290   -13.495 -5.384  1.00 27.21 ? 73  ALA A C   1 
ATOM   567  O O   . ALA A 1 73  ? 1.637   -12.610 -6.171  1.00 26.85 ? 73  ALA A O   1 
ATOM   568  C CB  . ALA A 1 73  ? 2.504   -13.600 -3.238  1.00 27.02 ? 73  ALA A CB  1 
ATOM   569  N N   . SER A 1 74  ? 1.006   -14.741 -5.762  1.00 26.23 ? 74  SER A N   1 
ATOM   570  C CA  . SER A 1 74  ? 1.150   -15.162 -7.152  1.00 26.56 ? 74  SER A CA  1 
ATOM   571  C C   . SER A 1 74  ? 0.407   -14.264 -8.171  1.00 27.14 ? 74  SER A C   1 
ATOM   572  O O   . SER A 1 74  ? 0.857   -14.135 -9.308  1.00 28.35 ? 74  SER A O   1 
ATOM   573  C CB  . SER A 1 74  ? 0.659   -16.597 -7.306  1.00 26.71 ? 74  SER A CB  1 
ATOM   574  O OG  . SER A 1 74  ? -0.685  -16.651 -6.907  1.00 26.20 ? 74  SER A OG  1 
ATOM   575  N N   . ASN A 1 75  ? -0.720  -13.683 -7.781  1.00 26.84 ? 75  ASN A N   1 
ATOM   576  C CA  . ASN A 1 75  ? -1.465  -12.843 -8.711  1.00 28.62 ? 75  ASN A CA  1 
ATOM   577  C C   . ASN A 1 75  ? -0.689  -11.590 -9.057  1.00 27.05 ? 75  ASN A C   1 
ATOM   578  O O   . ASN A 1 75  ? -0.550  -11.256 -10.234 1.00 27.26 ? 75  ASN A O   1 
ATOM   579  C CB  . ASN A 1 75  ? -2.865  -12.535 -8.199  1.00 29.38 ? 75  ASN A CB  1 
ATOM   580  C CG  . ASN A 1 75  ? -3.766  -13.753 -8.251  1.00 32.11 ? 75  ASN A CG  1 
ATOM   581  O OD1 . ASN A 1 75  ? -4.776  -13.811 -7.554  1.00 38.37 ? 75  ASN A OD1 1 
ATOM   582  N ND2 . ASN A 1 75  ? -3.394  -14.749 -9.079  1.00 34.43 ? 75  ASN A ND2 1 
ATOM   583  N N   . TYR A 1 76  ? -0.145  -10.934 -8.031  1.00 26.29 ? 76  TYR A N   1 
ATOM   584  C CA  . TYR A 1 76  ? 0.776   -9.833  -8.256  1.00 25.84 ? 76  TYR A CA  1 
ATOM   585  C C   . TYR A 1 76  ? 2.030   -10.290 -9.004  1.00 25.78 ? 76  TYR A C   1 
ATOM   586  O O   . TYR A 1 76  ? 2.463   -9.661  -9.960  1.00 24.37 ? 76  TYR A O   1 
ATOM   587  C CB  . TYR A 1 76  ? 1.162   -9.119  -6.943  1.00 25.56 ? 76  TYR A CB  1 
ATOM   588  C CG  . TYR A 1 76  ? 2.379   -8.258  -7.153  1.00 25.75 ? 76  TYR A CG  1 
ATOM   589  C CD1 . TYR A 1 76  ? 3.611   -8.606  -6.584  1.00 27.03 ? 76  TYR A CD1 1 
ATOM   590  C CD2 . TYR A 1 76  ? 2.298   -7.091  -7.921  1.00 24.60 ? 76  TYR A CD2 1 
ATOM   591  C CE1 . TYR A 1 76  ? 4.752   -7.823  -6.799  1.00 25.49 ? 76  TYR A CE1 1 
ATOM   592  C CE2 . TYR A 1 76  ? 3.433   -6.293  -8.153  1.00 25.40 ? 76  TYR A CE2 1 
ATOM   593  C CZ  . TYR A 1 76  ? 4.650   -6.680  -7.592  1.00 24.05 ? 76  TYR A CZ  1 
ATOM   594  O OH  . TYR A 1 76  ? 5.776   -5.935  -7.819  1.00 25.66 ? 76  TYR A OH  1 
ATOM   595  N N   . ILE A 1 77  ? 2.621   -11.390 -8.552  1.00 25.41 ? 77  ILE A N   1 
ATOM   596  C CA  . ILE A 1 77  ? 3.854   -11.842 -9.148  1.00 26.18 ? 77  ILE A CA  1 
ATOM   597  C C   . ILE A 1 77  ? 3.647   -12.141 -10.642 1.00 26.36 ? 77  ILE A C   1 
ATOM   598  O O   . ILE A 1 77  ? 4.486   -11.748 -11.453 1.00 26.90 ? 77  ILE A O   1 
ATOM   599  C CB  . ILE A 1 77  ? 4.418   -13.070 -8.383  1.00 25.66 ? 77  ILE A CB  1 
ATOM   600  C CG1 . ILE A 1 77  ? 4.840   -12.634 -6.958  1.00 24.75 ? 77  ILE A CG1 1 
ATOM   601  C CG2 . ILE A 1 77  ? 5.576   -13.711 -9.166  1.00 27.95 ? 77  ILE A CG2 1 
ATOM   602  C CD1 . ILE A 1 77  ? 5.121   -13.763 -5.990  1.00 26.81 ? 77  ILE A CD1 1 
ATOM   603  N N   . ASN A 1 78  ? 2.551   -12.850 -10.964 1.00 27.33 ? 78  ASN A N   1 
ATOM   604  C CA  . ASN A 1 78  ? 2.153   -13.162 -12.355 1.00 27.63 ? 78  ASN A CA  1 
ATOM   605  C C   . ASN A 1 78  ? 1.999   -11.867 -13.142 1.00 27.20 ? 78  ASN A C   1 
ATOM   606  O O   . ASN A 1 78  ? 2.380   -11.782 -14.333 1.00 26.17 ? 78  ASN A O   1 
ATOM   607  C CB  . ASN A 1 78  ? 0.777   -13.850 -12.422 1.00 29.18 ? 78  ASN A CB  1 
ATOM   608  C CG  . ASN A 1 78  ? 0.791   -15.347 -12.050 1.00 32.67 ? 78  ASN A CG  1 
ATOM   609  O OD1 . ASN A 1 78  ? -0.251  -15.894 -11.667 1.00 37.48 ? 78  ASN A OD1 1 
ATOM   610  N ND2 . ASN A 1 78  ? 1.933   -15.992 -12.156 1.00 33.54 ? 78  ASN A ND2 1 
ATOM   611  N N   . TRP A 1 79  ? 1.382   -10.861 -12.507 1.00 25.32 ? 79  TRP A N   1 
ATOM   612  C CA  . TRP A 1 79  ? 1.182   -9.582  -13.178 1.00 25.73 ? 79  TRP A CA  1 
ATOM   613  C C   . TRP A 1 79  ? 2.535   -8.940  -13.516 1.00 25.61 ? 79  TRP A C   1 
ATOM   614  O O   . TRP A 1 79  ? 2.753   -8.489  -14.639 1.00 26.69 ? 79  TRP A O   1 
ATOM   615  C CB  . TRP A 1 79  ? 0.265   -8.624  -12.379 1.00 25.50 ? 79  TRP A CB  1 
ATOM   616  C CG  . TRP A 1 79  ? 0.172   -7.245  -12.991 1.00 25.95 ? 79  TRP A CG  1 
ATOM   617  C CD1 . TRP A 1 79  ? -0.725  -6.817  -13.960 1.00 26.77 ? 79  TRP A CD1 1 
ATOM   618  C CD2 . TRP A 1 79  ? 1.013   -6.135  -12.711 1.00 25.93 ? 79  TRP A CD2 1 
ATOM   619  N NE1 . TRP A 1 79  ? -0.491  -5.504  -14.276 1.00 27.32 ? 79  TRP A NE1 1 
ATOM   620  C CE2 . TRP A 1 79  ? 0.576   -5.055  -13.540 1.00 25.75 ? 79  TRP A CE2 1 
ATOM   621  C CE3 . TRP A 1 79  ? 2.123   -5.933  -11.852 1.00 27.07 ? 79  TRP A CE3 1 
ATOM   622  C CZ2 . TRP A 1 79  ? 1.194   -3.818  -13.530 1.00 26.28 ? 79  TRP A CZ2 1 
ATOM   623  C CZ3 . TRP A 1 79  ? 2.738   -4.683  -11.848 1.00 26.11 ? 79  TRP A CZ3 1 
ATOM   624  C CH2 . TRP A 1 79  ? 2.263   -3.635  -12.670 1.00 25.98 ? 79  TRP A CH2 1 
ATOM   625  N N   . ALA A 1 80  ? 3.452   -8.901  -12.557 1.00 25.83 ? 80  ALA A N   1 
ATOM   626  C CA  . ALA A 1 80  ? 4.770   -8.333  -12.809 1.00 25.87 ? 80  ALA A CA  1 
ATOM   627  C C   . ALA A 1 80  ? 5.520   -9.027  -13.981 1.00 26.58 ? 80  ALA A C   1 
ATOM   628  O O   . ALA A 1 80  ? 6.089   -8.359  -14.842 1.00 25.87 ? 80  ALA A O   1 
ATOM   629  C CB  . ALA A 1 80  ? 5.610   -8.391  -11.522 1.00 25.19 ? 80  ALA A CB  1 
ATOM   630  N N   . ASN A 1 81  ? 5.518   -10.349 -13.979 1.00 27.81 ? 81  ASN A N   1 
ATOM   631  C CA  . ASN A 1 81  ? 6.178   -11.107 -15.029 1.00 29.77 ? 81  ASN A CA  1 
ATOM   632  C C   . ASN A 1 81  ? 5.586   -10.739 -16.399 1.00 29.95 ? 81  ASN A C   1 
ATOM   633  O O   . ASN A 1 81  ? 6.317   -10.482 -17.356 1.00 30.42 ? 81  ASN A O   1 
ATOM   634  C CB  . ASN A 1 81  ? 6.081   -12.612 -14.739 1.00 30.12 ? 81  ASN A CB  1 
ATOM   635  C CG  . ASN A 1 81  ? 6.901   -13.031 -13.524 1.00 34.09 ? 81  ASN A CG  1 
ATOM   636  O OD1 . ASN A 1 81  ? 7.907   -12.397 -13.187 1.00 35.65 ? 81  ASN A OD1 1 
ATOM   637  N ND2 . ASN A 1 81  ? 6.484   -14.105 -12.870 1.00 36.36 ? 81  ASN A ND2 1 
ATOM   638  N N   . SER A 1 82  ? 4.262   -10.630 -16.470 1.00 30.32 ? 82  SER A N   1 
ATOM   639  C CA  A SER A 1 82  ? 3.579   -10.350 -17.746 0.50 30.18 ? 82  SER A CA  1 
ATOM   640  C CA  B SER A 1 82  ? 3.548   -10.316 -17.834 0.50 30.14 ? 82  SER A CA  1 
ATOM   641  C C   . SER A 1 82  ? 3.907   -8.959  -18.264 1.00 30.30 ? 82  SER A C   1 
ATOM   642  O O   . SER A 1 82  ? 3.840   -8.695  -19.471 1.00 29.77 ? 82  SER A O   1 
ATOM   643  C CB  A SER A 1 82  ? 2.065   -10.542 -17.585 0.50 30.44 ? 82  SER A CB  1 
ATOM   644  C CB  B SER A 1 82  ? 2.034   -10.508 -17.673 0.50 30.43 ? 82  SER A CB  1 
ATOM   645  O OG  A SER A 1 82  ? 1.795   -11.832 -17.048 0.50 30.87 ? 82  SER A OG  1 
ATOM   646  O OG  B SER A 1 82  ? 1.519   -9.545  -16.760 0.50 30.94 ? 82  SER A OG  1 
ATOM   647  N N   . GLN A 1 83  ? 4.304   -8.083  -17.340 1.00 29.24 ? 83  GLN A N   1 
ATOM   648  C CA  . GLN A 1 83  ? 4.681   -6.719  -17.625 1.00 28.91 ? 83  GLN A CA  1 
ATOM   649  C C   . GLN A 1 83  ? 6.185   -6.552  -17.822 1.00 28.29 ? 83  GLN A C   1 
ATOM   650  O O   . GLN A 1 83  ? 6.630   -5.467  -18.121 1.00 28.12 ? 83  GLN A O   1 
ATOM   651  C CB  . GLN A 1 83  ? 4.211   -5.816  -16.484 1.00 29.10 ? 83  GLN A CB  1 
ATOM   652  C CG  . GLN A 1 83  ? 2.696   -5.686  -16.413 1.00 31.55 ? 83  GLN A CG  1 
ATOM   653  C CD  . GLN A 1 83  ? 2.149   -4.874  -17.572 1.00 33.65 ? 83  GLN A CD  1 
ATOM   654  O OE1 . GLN A 1 83  ? 2.434   -3.689  -17.695 1.00 36.97 ? 83  GLN A OE1 1 
ATOM   655  N NE2 . GLN A 1 83  ? 1.370   -5.512  -18.423 1.00 31.05 ? 83  GLN A NE2 1 
ATOM   656  N N   . GLY A 1 84  ? 6.950   -7.620  -17.608 1.00 27.73 ? 84  GLY A N   1 
ATOM   657  C CA  . GLY A 1 84  ? 8.404   -7.569  -17.769 1.00 27.51 ? 84  GLY A CA  1 
ATOM   658  C C   . GLY A 1 84  ? 9.064   -6.829  -16.622 1.00 28.05 ? 84  GLY A C   1 
ATOM   659  O O   . GLY A 1 84  ? 10.149  -6.290  -16.766 1.00 28.43 ? 84  GLY A O   1 
ATOM   660  N N   . LEU A 1 85  ? 8.395   -6.817  -15.473 1.00 27.18 ? 85  LEU A N   1 
ATOM   661  C CA  . LEU A 1 85  ? 8.851   -6.043  -14.307 1.00 27.73 ? 85  LEU A CA  1 
ATOM   662  C C   . LEU A 1 85  ? 9.327   -6.974  -13.200 1.00 27.40 ? 85  LEU A C   1 
ATOM   663  O O   . LEU A 1 85  ? 8.726   -8.027  -12.982 1.00 27.64 ? 85  LEU A O   1 
ATOM   664  C CB  . LEU A 1 85  ? 7.681   -5.233  -13.743 1.00 27.57 ? 85  LEU A CB  1 
ATOM   665  C CG  . LEU A 1 85  ? 7.153   -4.027  -14.541 1.00 29.91 ? 85  LEU A CG  1 
ATOM   666  C CD1 . LEU A 1 85  ? 5.835   -3.600  -13.948 1.00 29.88 ? 85  LEU A CD1 1 
ATOM   667  C CD2 . LEU A 1 85  ? 8.180   -2.888  -14.502 1.00 33.37 ? 85  LEU A CD2 1 
ATOM   668  N N   . PRO A 1 86  ? 10.370  -6.570  -12.458 1.00 27.50 ? 86  PRO A N   1 
ATOM   669  C CA  . PRO A 1 86  ? 10.809  -7.439  -11.350 1.00 27.31 ? 86  PRO A CA  1 
ATOM   670  C C   . PRO A 1 86  ? 9.801   -7.351  -10.218 1.00 26.56 ? 86  PRO A C   1 
ATOM   671  O O   . PRO A 1 86  ? 9.396   -6.247  -9.867  1.00 27.18 ? 86  PRO A O   1 
ATOM   672  C CB  . PRO A 1 86  ? 12.124  -6.802  -10.911 1.00 27.48 ? 86  PRO A CB  1 
ATOM   673  C CG  . PRO A 1 86  ? 11.969  -5.349  -11.232 1.00 27.68 ? 86  PRO A CG  1 
ATOM   674  C CD  . PRO A 1 86  ? 11.174  -5.342  -12.547 1.00 27.73 ? 86  PRO A CD  1 
ATOM   675  N N   . TYR A 1 87  ? 9.382   -8.481  -9.654  1.00 26.39 ? 87  TYR A N   1 
ATOM   676  C CA  . TYR A 1 87  ? 8.275   -8.407  -8.698  1.00 26.01 ? 87  TYR A CA  1 
ATOM   677  C C   . TYR A 1 87  ? 8.726   -7.807  -7.358  1.00 26.70 ? 87  TYR A C   1 
ATOM   678  O O   . TYR A 1 87  ? 7.972   -7.074  -6.690  1.00 25.63 ? 87  TYR A O   1 
ATOM   679  C CB  . TYR A 1 87  ? 7.593   -9.773  -8.530  1.00 26.76 ? 87  TYR A CB  1 
ATOM   680  C CG  . TYR A 1 87  ? 8.353   -10.715 -7.653  1.00 27.34 ? 87  TYR A CG  1 
ATOM   681  C CD1 . TYR A 1 87  ? 8.121   -10.736 -6.274  1.00 27.14 ? 87  TYR A CD1 1 
ATOM   682  C CD2 . TYR A 1 87  ? 9.334   -11.565 -8.176  1.00 29.04 ? 87  TYR A CD2 1 
ATOM   683  C CE1 . TYR A 1 87  ? 8.829   -11.605 -5.430  1.00 29.37 ? 87  TYR A CE1 1 
ATOM   684  C CE2 . TYR A 1 87  ? 10.067  -12.442 -7.328  1.00 31.37 ? 87  TYR A CE2 1 
ATOM   685  C CZ  . TYR A 1 87  ? 9.795   -12.445 -5.957  1.00 32.38 ? 87  TYR A CZ  1 
ATOM   686  O OH  . TYR A 1 87  ? 10.472  -13.279 -5.070  1.00 32.26 ? 87  TYR A OH  1 
ATOM   687  N N   . LYS A 1 88  ? 9.946   -8.134  -6.955  1.00 25.81 ? 88  LYS A N   1 
ATOM   688  C CA  . LYS A 1 88  ? 10.414  -7.691  -5.623  1.00 26.31 ? 88  LYS A CA  1 
ATOM   689  C C   . LYS A 1 88  ? 11.077  -6.313  -5.733  1.00 26.27 ? 88  LYS A C   1 
ATOM   690  O O   . LYS A 1 88  ? 12.320  -6.189  -5.772  1.00 25.47 ? 88  LYS A O   1 
ATOM   691  C CB  . LYS A 1 88  ? 11.311  -8.759  -4.979  1.00 26.77 ? 88  LYS A CB  1 
ATOM   692  C CG  . LYS A 1 88  ? 11.637  -8.406  -3.509  1.00 28.22 ? 88  LYS A CG  1 
ATOM   693  C CD  . LYS A 1 88  ? 12.692  -9.309  -2.917  1.00 33.94 ? 88  LYS A CD  1 
ATOM   694  C CE  . LYS A 1 88  ? 12.347  -10.762 -2.919  1.00 35.66 ? 88  LYS A CE  1 
ATOM   695  N NZ  . LYS A 1 88  ? 13.624  -11.478 -2.633  1.00 39.83 ? 88  LYS A NZ  1 
ATOM   696  N N   . ASN A 1 89  ? 10.245  -5.267  -5.804  1.00 26.07 ? 89  ASN A N   1 
ATOM   697  C CA  . ASN A 1 89  ? 10.737  -3.986  -6.291  1.00 25.85 ? 89  ASN A CA  1 
ATOM   698  C C   . ASN A 1 89  ? 9.699   -2.925  -5.949  1.00 25.31 ? 89  ASN A C   1 
ATOM   699  O O   . ASN A 1 89  ? 8.490   -3.119  -6.146  1.00 25.24 ? 89  ASN A O   1 
ATOM   700  C CB  . ASN A 1 89  ? 10.974  -4.094  -7.815  1.00 25.18 ? 89  ASN A CB  1 
ATOM   701  C CG  . ASN A 1 89  ? 11.454  -2.792  -8.447  1.00 27.67 ? 89  ASN A CG  1 
ATOM   702  O OD1 . ASN A 1 89  ? 10.690  -1.806  -8.590  1.00 24.82 ? 89  ASN A OD1 1 
ATOM   703  N ND2 . ASN A 1 89  ? 12.720  -2.785  -8.854  1.00 26.71 ? 89  ASN A ND2 1 
ATOM   704  N N   . MET A 1 90  ? 10.175  -1.808  -5.415  1.00 24.29 ? 90  MET A N   1 
ATOM   705  C CA  . MET A 1 90  ? 9.285   -0.734  -4.982  1.00 23.83 ? 90  MET A CA  1 
ATOM   706  C C   . MET A 1 90  ? 8.452   -0.206  -6.161  1.00 24.48 ? 90  MET A C   1 
ATOM   707  O O   . MET A 1 90  ? 7.233   -0.112  -6.084  1.00 24.31 ? 90  MET A O   1 
ATOM   708  C CB  . MET A 1 90  ? 10.098  0.392   -4.346  1.00 24.26 ? 90  MET A CB  1 
ATOM   709  C CG  . MET A 1 90  ? 9.253   1.663   -4.018  1.00 23.72 ? 90  MET A CG  1 
ATOM   710  S SD  . MET A 1 90  ? 8.168   1.438   -2.601  1.00 26.18 ? 90  MET A SD  1 
ATOM   711  C CE  . MET A 1 90  ? 9.291   1.729   -1.222  1.00 27.93 ? 90  MET A CE  1 
ATOM   712  N N   . ASP A 1 91  ? 9.127   0.176   -7.240  1.00 25.20 ? 91  ASP A N   1 
ATOM   713  C CA  . ASP A 1 91  ? 8.419   0.753   -8.368  1.00 25.34 ? 91  ASP A CA  1 
ATOM   714  C C   . ASP A 1 91  ? 7.445   -0.216  -9.008  1.00 26.13 ? 91  ASP A C   1 
ATOM   715  O O   . ASP A 1 91  ? 6.384   0.212   -9.432  1.00 25.41 ? 91  ASP A O   1 
ATOM   716  C CB  . ASP A 1 91  ? 9.401   1.314   -9.409  1.00 25.82 ? 91  ASP A CB  1 
ATOM   717  C CG  . ASP A 1 91  ? 10.053  2.612   -8.949  1.00 27.14 ? 91  ASP A CG  1 
ATOM   718  O OD1 . ASP A 1 91  ? 9.722   3.103   -7.853  1.00 26.87 ? 91  ASP A OD1 1 
ATOM   719  O OD2 . ASP A 1 91  ? 10.905  3.161   -9.691  1.00 27.85 ? 91  ASP A OD2 1 
ATOM   720  N N   . SER A 1 92  ? 7.812   -1.505  -9.114  1.00 24.97 ? 92  SER A N   1 
ATOM   721  C CA  . SER A 1 92  ? 6.881   -2.516  -9.646  1.00 25.52 ? 92  SER A CA  1 
ATOM   722  C C   . SER A 1 92  ? 5.584   -2.556  -8.845  1.00 26.25 ? 92  SER A C   1 
ATOM   723  O O   . SER A 1 92  ? 4.501   -2.663  -9.417  1.00 26.25 ? 92  SER A O   1 
ATOM   724  C CB  . SER A 1 92  ? 7.542   -3.903  -9.693  1.00 24.79 ? 92  SER A CB  1 
ATOM   725  O OG  . SER A 1 92  ? 8.693   -3.871  -10.546 1.00 24.98 ? 92  SER A OG  1 
ATOM   726  N N   . GLU A 1 93  ? 5.689   -2.491  -7.508  1.00 24.51 ? 93  GLU A N   1 
ATOM   727  C CA  . GLU A 1 93  ? 4.513   -2.549  -6.668  1.00 25.01 ? 93  GLU A CA  1 
ATOM   728  C C   . GLU A 1 93  ? 3.703   -1.268  -6.766  1.00 25.16 ? 93  GLU A C   1 
ATOM   729  O O   . GLU A 1 93  ? 2.502   -1.325  -6.779  1.00 24.94 ? 93  GLU A O   1 
ATOM   730  C CB  . GLU A 1 93  ? 4.950   -2.824  -5.204  1.00 25.50 ? 93  GLU A CB  1 
ATOM   731  C CG  . GLU A 1 93  ? 5.545   -4.217  -5.141  1.00 23.73 ? 93  GLU A CG  1 
ATOM   732  C CD  . GLU A 1 93  ? 6.101   -4.640  -3.780  1.00 24.59 ? 93  GLU A CD  1 
ATOM   733  O OE1 . GLU A 1 93  ? 5.603   -4.139  -2.772  1.00 24.39 ? 93  GLU A OE1 1 
ATOM   734  O OE2 . GLU A 1 93  ? 7.021   -5.500  -3.757  1.00 24.88 ? 93  GLU A OE2 1 
ATOM   735  N N   . LEU A 1 94  ? 4.381   -0.135  -6.894  1.00 24.81 ? 94  LEU A N   1 
ATOM   736  C CA  . LEU A 1 94  ? 3.664   1.133   -7.059  1.00 25.77 ? 94  LEU A CA  1 
ATOM   737  C C   . LEU A 1 94  ? 2.967   1.182   -8.427  1.00 25.03 ? 94  LEU A C   1 
ATOM   738  O O   . LEU A 1 94  ? 1.836   1.712   -8.540  1.00 26.07 ? 94  LEU A O   1 
ATOM   739  C CB  . LEU A 1 94  ? 4.593   2.330   -6.837  1.00 25.03 ? 94  LEU A CB  1 
ATOM   740  C CG  . LEU A 1 94  ? 5.063   2.561   -5.390  1.00 25.31 ? 94  LEU A CG  1 
ATOM   741  C CD1 . LEU A 1 94  ? 6.028   3.712   -5.319  1.00 26.23 ? 94  LEU A CD1 1 
ATOM   742  C CD2 . LEU A 1 94  ? 3.886   2.797   -4.438  1.00 26.63 ? 94  LEU A CD2 1 
ATOM   743  N N   . LYS A 1 95  ? 3.609   0.600   -9.440  1.00 24.25 ? 95  LYS A N   1 
ATOM   744  C CA  . LYS A 1 95  ? 2.963   0.432   -10.745 1.00 24.98 ? 95  LYS A CA  1 
ATOM   745  C C   . LYS A 1 95  ? 1.729   -0.451  -10.679 1.00 24.80 ? 95  LYS A C   1 
ATOM   746  O O   . LYS A 1 95  ? 0.758   -0.200  -11.387 1.00 24.31 ? 95  LYS A O   1 
ATOM   747  C CB  . LYS A 1 95  ? 3.930   -0.084  -11.808 1.00 24.48 ? 95  LYS A CB  1 
ATOM   748  C CG  . LYS A 1 95  ? 4.926   0.960   -12.225 1.00 24.35 ? 95  LYS A CG  1 
ATOM   749  C CD  . LYS A 1 95  ? 6.070   0.293   -12.950 1.00 28.63 ? 95  LYS A CD  1 
ATOM   750  C CE  . LYS A 1 95  ? 7.017   1.355   -13.461 1.00 33.43 ? 95  LYS A CE  1 
ATOM   751  N NZ  . LYS A 1 95  ? 7.741   0.864   -14.672 1.00 38.39 ? 95  LYS A NZ  1 
ATOM   752  N N   . ARG A 1 96  ? 1.774   -1.494  -9.848  1.00 24.49 ? 96  ARG A N   1 
ATOM   753  C CA  . ARG A 1 96  ? 0.605   -2.357  -9.688  1.00 24.53 ? 96  ARG A CA  1 
ATOM   754  C C   . ARG A 1 96  ? -0.570  -1.557  -9.112  1.00 24.69 ? 96  ARG A C   1 
ATOM   755  O O   . ARG A 1 96  ? -1.716  -1.700  -9.560  1.00 23.18 ? 96  ARG A O   1 
ATOM   756  C CB  . ARG A 1 96  ? 0.931   -3.597  -8.821  1.00 24.20 ? 96  ARG A CB  1 
ATOM   757  C CG  . ARG A 1 96  ? -0.298  -4.434  -8.447  1.00 25.12 ? 96  ARG A CG  1 
ATOM   758  C CD  . ARG A 1 96  ? -0.984  -5.105  -9.654  1.00 24.48 ? 96  ARG A CD  1 
ATOM   759  N NE  . ARG A 1 96  ? -2.218  -5.754  -9.191  1.00 23.98 ? 96  ARG A NE  1 
ATOM   760  C CZ  . ARG A 1 96  ? -2.922  -6.655  -9.859  1.00 26.49 ? 96  ARG A CZ  1 
ATOM   761  N NH1 . ARG A 1 96  ? -2.503  -7.092  -11.056 1.00 25.24 ? 96  ARG A NH1 1 
ATOM   762  N NH2 . ARG A 1 96  ? -4.023  -7.160  -9.299  1.00 23.91 ? 96  ARG A NH2 1 
ATOM   763  N N   . ILE A 1 97  ? -0.283  -0.737  -8.115  1.00 23.52 ? 97  ILE A N   1 
ATOM   764  C CA  . ILE A 1 97  ? -1.324  0.097   -7.501  1.00 24.96 ? 97  ILE A CA  1 
ATOM   765  C C   . ILE A 1 97  ? -1.946  1.072   -8.522  1.00 24.72 ? 97  ILE A C   1 
ATOM   766  O O   . ILE A 1 97  ? -3.162  1.153   -8.634  1.00 25.69 ? 97  ILE A O   1 
ATOM   767  C CB  . ILE A 1 97  ? -0.826  0.810   -6.245  1.00 24.43 ? 97  ILE A CB  1 
ATOM   768  C CG1 . ILE A 1 97  ? -0.404  -0.251  -5.192  1.00 24.31 ? 97  ILE A CG1 1 
ATOM   769  C CG2 . ILE A 1 97  ? -1.954  1.684   -5.637  1.00 27.15 ? 97  ILE A CG2 1 
ATOM   770  C CD1 . ILE A 1 97  ? 0.266   0.376   -3.949  1.00 25.23 ? 97  ILE A CD1 1 
ATOM   771  N N   . ILE A 1 98  ? -1.122  1.748   -9.302  1.00 25.84 ? 98  ILE A N   1 
ATOM   772  C CA  . ILE A 1 98  ? -1.638  2.592   -10.403 1.00 24.92 ? 98  ILE A CA  1 
ATOM   773  C C   . ILE A 1 98  ? -2.489  1.800   -11.419 1.00 25.20 ? 98  ILE A C   1 
ATOM   774  O O   . ILE A 1 98  ? -3.580  2.257   -11.833 1.00 24.11 ? 98  ILE A O   1 
ATOM   775  C CB  . ILE A 1 98  ? -0.478  3.362   -11.070 1.00 26.01 ? 98  ILE A CB  1 
ATOM   776  C CG1 . ILE A 1 98  ? 0.042   4.410   -10.078 1.00 26.70 ? 98  ILE A CG1 1 
ATOM   777  C CG2 . ILE A 1 98  ? -0.919  4.026   -12.403 1.00 24.51 ? 98  ILE A CG2 1 
ATOM   778  C CD1 . ILE A 1 98  ? 1.449   4.897   -10.352 1.00 29.68 ? 98  ILE A CD1 1 
ATOM   779  N N   . TRP A 1 99  ? -2.011  0.614   -11.793 1.00 24.08 ? 99  TRP A N   1 
ATOM   780  C CA  . TRP A 1 99  ? -2.739  -0.285  -12.699 1.00 24.12 ? 99  TRP A CA  1 
ATOM   781  C C   . TRP A 1 99  ? -4.111  -0.668  -12.121 1.00 23.66 ? 99  TRP A C   1 
ATOM   782  O O   . TRP A 1 99  ? -5.111  -0.792  -12.848 1.00 23.58 ? 99  TRP A O   1 
ATOM   783  C CB  . TRP A 1 99  ? -1.901  -1.546  -12.927 1.00 24.03 ? 99  TRP A CB  1 
ATOM   784  C CG  . TRP A 1 99  ? -2.523  -2.607  -13.836 1.00 24.32 ? 99  TRP A CG  1 
ATOM   785  C CD1 . TRP A 1 99  ? -2.263  -2.791  -15.166 1.00 23.73 ? 99  TRP A CD1 1 
ATOM   786  C CD2 . TRP A 1 99  ? -3.433  -3.630  -13.451 1.00 23.94 ? 99  TRP A CD2 1 
ATOM   787  N NE1 . TRP A 1 99  ? -3.001  -3.868  -15.654 1.00 23.84 ? 99  TRP A NE1 1 
ATOM   788  C CE2 . TRP A 1 99  ? -3.712  -4.409  -14.616 1.00 24.29 ? 99  TRP A CE2 1 
ATOM   789  C CE3 . TRP A 1 99  ? -4.041  -3.984  -12.230 1.00 23.37 ? 99  TRP A CE3 1 
ATOM   790  C CZ2 . TRP A 1 99  ? -4.583  -5.492  -14.592 1.00 25.42 ? 99  TRP A CZ2 1 
ATOM   791  C CZ3 . TRP A 1 99  ? -4.931  -5.057  -12.219 1.00 24.52 ? 99  TRP A CZ3 1 
ATOM   792  C CH2 . TRP A 1 99  ? -5.189  -5.793  -13.392 1.00 24.37 ? 99  TRP A CH2 1 
ATOM   793  N N   . GLU A 1 100 ? -4.145  -0.918  -10.805 1.00 23.47 ? 100 GLU A N   1 
ATOM   794  C CA  . GLU A 1 100 ? -5.399  -1.241  -10.149 1.00 23.04 ? 100 GLU A CA  1 
ATOM   795  C C   . GLU A 1 100 ? -6.404  -0.071  -10.168 1.00 23.91 ? 100 GLU A C   1 
ATOM   796  O O   . GLU A 1 100 ? -7.582  -0.274  -10.422 1.00 23.33 ? 100 GLU A O   1 
ATOM   797  C CB  . GLU A 1 100 ? -5.103  -1.650  -8.699  1.00 24.17 ? 100 GLU A CB  1 
ATOM   798  C CG  . GLU A 1 100 ? -4.596  -3.082  -8.610  1.00 23.46 ? 100 GLU A CG  1 
ATOM   799  C CD  . GLU A 1 100 ? -3.926  -3.357  -7.260  1.00 26.49 ? 100 GLU A CD  1 
ATOM   800  O OE1 . GLU A 1 100 ? -3.779  -2.375  -6.474  1.00 26.36 ? 100 GLU A OE1 1 
ATOM   801  O OE2 . GLU A 1 100 ? -3.525  -4.523  -7.037  1.00 25.76 ? 100 GLU A OE2 1 
ATOM   802  N N   . VAL A 1 101 ? -5.935  1.122   -9.840  1.00 23.82 ? 101 VAL A N   1 
ATOM   803  C CA  . VAL A 1 101 ? -6.773  2.337   -9.989  1.00 25.34 ? 101 VAL A CA  1 
ATOM   804  C C   . VAL A 1 101 ? -7.338  2.453   -11.411 1.00 24.59 ? 101 VAL A C   1 
ATOM   805  O O   . VAL A 1 101 ? -8.527  2.690   -11.597 1.00 23.94 ? 101 VAL A O   1 
ATOM   806  C CB  . VAL A 1 101 ? -6.005  3.627   -9.655  1.00 25.36 ? 101 VAL A CB  1 
ATOM   807  C CG1 . VAL A 1 101 ? -6.879  4.862   -10.012 1.00 27.38 ? 101 VAL A CG1 1 
ATOM   808  C CG2 . VAL A 1 101 ? -5.639  3.671   -8.169  1.00 26.35 ? 101 VAL A CG2 1 
ATOM   809  N N   . ASN A 1 102 ? -6.467  2.271   -12.403 1.00 24.43 ? 102 ASN A N   1 
ATOM   810  C CA  . ASN A 1 102 ? -6.839  2.463   -13.806 1.00 24.36 ? 102 ASN A CA  1 
ATOM   811  C C   . ASN A 1 102 ? -7.808  1.423   -14.331 1.00 24.69 ? 102 ASN A C   1 
ATOM   812  O O   . ASN A 1 102 ? -8.622  1.735   -15.196 1.00 24.24 ? 102 ASN A O   1 
ATOM   813  C CB  . ASN A 1 102 ? -5.586  2.543   -14.694 1.00 24.26 ? 102 ASN A CB  1 
ATOM   814  C CG  . ASN A 1 102 ? -4.998  3.934   -14.731 1.00 24.17 ? 102 ASN A CG  1 
ATOM   815  O OD1 . ASN A 1 102 ? -5.428  4.776   -15.530 1.00 25.33 ? 102 ASN A OD1 1 
ATOM   816  N ND2 . ASN A 1 102 ? -4.043  4.215   -13.836 1.00 24.30 ? 102 ASN A ND2 1 
ATOM   817  N N   . ASN A 1 103 ? -7.751  0.200   -13.801 1.00 25.01 ? 103 ASN A N   1 
ATOM   818  C CA  . ASN A 1 103 ? -8.563  -0.881  -14.309 1.00 25.36 ? 103 ASN A CA  1 
ATOM   819  C C   . ASN A 1 103 ? -9.667  -1.320  -13.344 1.00 25.96 ? 103 ASN A C   1 
ATOM   820  O O   . ASN A 1 103 ? -10.296 -2.332  -13.560 1.00 27.00 ? 103 ASN A O   1 
ATOM   821  C CB  . ASN A 1 103 ? -7.652  -2.041  -14.735 1.00 24.62 ? 103 ASN A CB  1 
ATOM   822  C CG  . ASN A 1 103 ? -6.642  -1.605  -15.797 1.00 27.05 ? 103 ASN A CG  1 
ATOM   823  O OD1 . ASN A 1 103 ? -5.427  -1.530  -15.545 1.00 29.18 ? 103 ASN A OD1 1 
ATOM   824  N ND2 . ASN A 1 103 ? -7.157  -1.247  -16.976 1.00 24.72 ? 103 ASN A ND2 1 
ATOM   825  N N   . ASN A 1 104 ? -9.900  -0.530  -12.310 1.00 26.29 ? 104 ASN A N   1 
ATOM   826  C CA  . ASN A 1 104 ? -10.837 -0.862  -11.227 1.00 27.72 ? 104 ASN A CA  1 
ATOM   827  C C   . ASN A 1 104 ? -10.708 -2.273  -10.682 1.00 27.14 ? 104 ASN A C   1 
ATOM   828  O O   . ASN A 1 104 ? -11.691 -3.031  -10.618 1.00 27.25 ? 104 ASN A O   1 
ATOM   829  C CB  . ASN A 1 104 ? -12.291 -0.610  -11.602 1.00 29.34 ? 104 ASN A CB  1 
ATOM   830  C CG  . ASN A 1 104 ? -13.170 -0.448  -10.373 1.00 33.23 ? 104 ASN A CG  1 
ATOM   831  O OD1 . ASN A 1 104 ? -12.752 0.169   -9.378  1.00 36.41 ? 104 ASN A OD1 1 
ATOM   832  N ND2 . ASN A 1 104 ? -14.372 -1.007  -10.420 1.00 35.23 ? 104 ASN A ND2 1 
ATOM   833  N N   . ALA A 1 105 ? -9.483  -2.619  -10.322 1.00 26.00 ? 105 ALA A N   1 
ATOM   834  C CA  . ALA A 1 105 ? -9.200  -3.887  -9.683  1.00 25.83 ? 105 ALA A CA  1 
ATOM   835  C C   . ALA A 1 105 ? -9.058  -3.658  -8.187  1.00 25.30 ? 105 ALA A C   1 
ATOM   836  O O   . ALA A 1 105 ? -8.859  -2.520  -7.730  1.00 25.44 ? 105 ALA A O   1 
ATOM   837  C CB  . ALA A 1 105 ? -7.920  -4.461  -10.226 1.00 26.22 ? 105 ALA A CB  1 
ATOM   838  N N   . GLN A 1 106 ? -9.226  -4.757  -7.457  1.00 25.32 ? 106 GLN A N   1 
ATOM   839  C CA  . GLN A 1 106 ? -8.978  -4.858  -6.001  1.00 25.36 ? 106 GLN A CA  1 
ATOM   840  C C   . GLN A 1 106 ? -10.029 -4.162  -5.125  1.00 25.18 ? 106 GLN A C   1 
ATOM   841  O O   . GLN A 1 106 ? -10.586 -4.777  -4.214  1.00 26.16 ? 106 GLN A O   1 
ATOM   842  C CB  . GLN A 1 106 ? -7.572  -4.409  -5.620  1.00 25.46 ? 106 GLN A CB  1 
ATOM   843  C CG  . GLN A 1 106 ? -7.266  -4.701  -4.134  1.00 28.21 ? 106 GLN A CG  1 
ATOM   844  C CD  . GLN A 1 106 ? -7.347  -6.169  -3.796  1.00 29.81 ? 106 GLN A CD  1 
ATOM   845  O OE1 . GLN A 1 106 ? -7.080  -7.037  -4.648  1.00 26.95 ? 106 GLN A OE1 1 
ATOM   846  N NE2 . GLN A 1 106 ? -7.674  -6.472  -2.533  1.00 28.04 ? 106 GLN A NE2 1 
ATOM   847  N N   . TRP A 1 107 ? -10.272 -2.892  -5.417  1.00 24.92 ? 107 TRP A N   1 
ATOM   848  C CA  . TRP A 1 107 ? -11.202 -2.046  -4.699  1.00 25.14 ? 107 TRP A CA  1 
ATOM   849  C C   . TRP A 1 107 ? -12.669 -2.513  -4.795  1.00 25.22 ? 107 TRP A C   1 
ATOM   850  O O   . TRP A 1 107 ? -13.217 -2.751  -5.902  1.00 23.66 ? 107 TRP A O   1 
ATOM   851  C CB  . TRP A 1 107 ? -11.112 -0.633  -5.292  1.00 25.89 ? 107 TRP A CB  1 
ATOM   852  C CG  . TRP A 1 107 ? -11.790 0.429   -4.482  1.00 23.76 ? 107 TRP A CG  1 
ATOM   853  C CD1 . TRP A 1 107 ? -13.124 0.816   -4.547  1.00 25.44 ? 107 TRP A CD1 1 
ATOM   854  C CD2 . TRP A 1 107 ? -11.174 1.269   -3.522  1.00 24.43 ? 107 TRP A CD2 1 
ATOM   855  N NE1 . TRP A 1 107 ? -13.358 1.827   -3.653  1.00 25.83 ? 107 TRP A NE1 1 
ATOM   856  C CE2 . TRP A 1 107 ? -12.172 2.152   -3.035  1.00 23.17 ? 107 TRP A CE2 1 
ATOM   857  C CE3 . TRP A 1 107 ? -9.851  1.388   -3.028  1.00 27.11 ? 107 TRP A CE3 1 
ATOM   858  C CZ2 . TRP A 1 107 ? -11.900 3.105   -2.066  1.00 24.63 ? 107 TRP A CZ2 1 
ATOM   859  C CZ3 . TRP A 1 107 ? -9.584  2.326   -2.071  1.00 25.74 ? 107 TRP A CZ3 1 
ATOM   860  C CH2 . TRP A 1 107 ? -10.600 3.193   -1.602  1.00 24.82 ? 107 TRP A CH2 1 
ATOM   861  N N   . ILE A 1 108 ? -13.318 -2.577  -3.639  1.00 24.39 ? 108 ILE A N   1 
ATOM   862  C CA  . ILE A 1 108 ? -14.748 -2.807  -3.589  1.00 24.36 ? 108 ILE A CA  1 
ATOM   863  C C   . ILE A 1 108 ? -15.371 -1.641  -2.835  1.00 23.96 ? 108 ILE A C   1 
ATOM   864  O O   . ILE A 1 108 ? -14.980 -1.300  -1.696  1.00 23.15 ? 108 ILE A O   1 
ATOM   865  C CB  . ILE A 1 108 ? -15.131 -4.150  -2.891  1.00 24.93 ? 108 ILE A CB  1 
ATOM   866  C CG1 . ILE A 1 108 ? -14.601 -5.363  -3.688  1.00 25.96 ? 108 ILE A CG1 1 
ATOM   867  C CG2 . ILE A 1 108 ? -16.665 -4.244  -2.664  1.00 25.28 ? 108 ILE A CG2 1 
ATOM   868  C CD1 . ILE A 1 108 ? -14.644 -6.647  -2.865  1.00 25.48 ? 108 ILE A CD1 1 
ATOM   869  N N   . ASN A 1 109 ? -16.346 -1.023  -3.480  1.00 23.08 ? 109 ASN A N   1 
ATOM   870  C CA  . ASN A 1 109 ? -16.933 0.204   -2.967  1.00 23.70 ? 109 ASN A CA  1 
ATOM   871  C C   . ASN A 1 109 ? -17.939 -0.076  -1.848  1.00 23.22 ? 109 ASN A C   1 
ATOM   872  O O   . ASN A 1 109 ? -19.138 -0.273  -2.094  1.00 23.69 ? 109 ASN A O   1 
ATOM   873  C CB  . ASN A 1 109 ? -17.573 0.996   -4.103  1.00 23.77 ? 109 ASN A CB  1 
ATOM   874  C CG  . ASN A 1 109 ? -18.016 2.358   -3.658  1.00 25.68 ? 109 ASN A CG  1 
ATOM   875  O OD1 . ASN A 1 109 ? -17.992 2.678   -2.459  1.00 25.49 ? 109 ASN A OD1 1 
ATOM   876  N ND2 . ASN A 1 109 ? -18.440 3.180   -4.623  1.00 27.66 ? 109 ASN A ND2 1 
ATOM   877  N N   . LEU A 1 110 ? -17.430 -0.086  -0.616  1.00 23.69 ? 110 LEU A N   1 
ATOM   878  C CA  . LEU A 1 110 ? -18.231 -0.447  0.544   1.00 23.76 ? 110 LEU A CA  1 
ATOM   879  C C   . LEU A 1 110 ? -18.578 0.769   1.360   1.00 24.55 ? 110 LEU A C   1 
ATOM   880  O O   . LEU A 1 110 ? -19.342 0.677   2.320   1.00 24.80 ? 110 LEU A O   1 
ATOM   881  C CB  . LEU A 1 110 ? -17.487 -1.472  1.416   1.00 24.39 ? 110 LEU A CB  1 
ATOM   882  C CG  . LEU A 1 110 ? -17.240 -2.846  0.772   1.00 22.41 ? 110 LEU A CG  1 
ATOM   883  C CD1 . LEU A 1 110 ? -16.479 -3.781  1.710   1.00 23.56 ? 110 LEU A CD1 1 
ATOM   884  C CD2 . LEU A 1 110 ? -18.588 -3.450  0.341   1.00 21.61 ? 110 LEU A CD2 1 
ATOM   885  N N   . ARG A 1 111 ? -17.952 1.894   1.002   1.00 25.14 ? 111 ARG A N   1 
ATOM   886  C CA  . ARG A 1 111 ? -18.022 3.132   1.766   1.00 25.71 ? 111 ARG A CA  1 
ATOM   887  C C   . ARG A 1 111 ? -18.504 4.309   0.890   1.00 25.99 ? 111 ARG A C   1 
ATOM   888  O O   . ARG A 1 111 ? -18.230 5.471   1.198   1.00 27.52 ? 111 ARG A O   1 
ATOM   889  C CB  . ARG A 1 111 ? -16.647 3.432   2.409   1.00 25.28 ? 111 ARG A CB  1 
ATOM   890  C CG  . ARG A 1 111 ? -16.135 2.410   3.483   1.00 25.79 ? 111 ARG A CG  1 
ATOM   891  C CD  . ARG A 1 111 ? -17.068 2.334   4.709   1.00 26.81 ? 111 ARG A CD  1 
ATOM   892  N NE  . ARG A 1 111 ? -16.616 1.347   5.692   1.00 26.54 ? 111 ARG A NE  1 
ATOM   893  C CZ  . ARG A 1 111 ? -16.976 0.066   5.720   1.00 28.44 ? 111 ARG A CZ  1 
ATOM   894  N NH1 . ARG A 1 111 ? -17.804 -0.440  4.824   1.00 27.59 ? 111 ARG A NH1 1 
ATOM   895  N NH2 . ARG A 1 111 ? -16.511 -0.728  6.666   1.00 27.53 ? 111 ARG A NH2 1 
ATOM   896  N N   . ASP A 1 112 ? -19.240 4.024   -0.178  1.00 26.20 ? 112 ASP A N   1 
ATOM   897  C CA  . ASP A 1 112 ? -19.635 5.052   -1.162  1.00 26.05 ? 112 ASP A CA  1 
ATOM   898  C C   . ASP A 1 112 ? -18.427 5.924   -1.529  1.00 25.87 ? 112 ASP A C   1 
ATOM   899  O O   . ASP A 1 112 ? -18.479 7.158   -1.472  1.00 26.05 ? 112 ASP A O   1 
ATOM   900  C CB  . ASP A 1 112 ? -20.812 5.909   -0.650  1.00 26.56 ? 112 ASP A CB  1 
ATOM   901  C CG  . ASP A 1 112 ? -21.434 6.797   -1.728  1.00 29.27 ? 112 ASP A CG  1 
ATOM   902  O OD1 . ASP A 1 112 ? -21.359 6.468   -2.954  1.00 30.91 ? 112 ASP A OD1 1 
ATOM   903  O OD2 . ASP A 1 112 ? -22.024 7.833   -1.333  1.00 31.19 ? 112 ASP A OD2 1 
ATOM   904  N N   . MET A 1 113 ? -17.314 5.266   -1.853  1.00 25.00 ? 113 MET A N   1 
ATOM   905  C CA  . MET A 1 113 ? -16.178 5.938   -2.462  1.00 24.77 ? 113 MET A CA  1 
ATOM   906  C C   . MET A 1 113 ? -15.514 4.975   -3.456  1.00 25.20 ? 113 MET A C   1 
ATOM   907  O O   . MET A 1 113 ? -15.175 3.846   -3.082  1.00 25.36 ? 113 MET A O   1 
ATOM   908  C CB  . MET A 1 113 ? -15.185 6.421   -1.415  1.00 24.50 ? 113 MET A CB  1 
ATOM   909  C CG  . MET A 1 113 ? -13.949 7.117   -2.005  1.00 24.91 ? 113 MET A CG  1 
ATOM   910  S SD  . MET A 1 113 ? -12.895 7.898   -0.801  1.00 26.30 ? 113 MET A SD  1 
ATOM   911  C CE  . MET A 1 113 ? -13.944 9.250   -0.244  1.00 27.34 ? 113 MET A CE  1 
ATOM   912  N N   . THR A 1 114 ? -15.350 5.411   -4.712  1.00 24.92 ? 114 THR A N   1 
ATOM   913  C CA  . THR A 1 114 ? -14.629 4.605   -5.715  1.00 24.56 ? 114 THR A CA  1 
ATOM   914  C C   . THR A 1 114 ? -13.124 4.822   -5.555  1.00 24.92 ? 114 THR A C   1 
ATOM   915  O O   . THR A 1 114 ? -12.676 5.784   -4.917  1.00 24.22 ? 114 THR A O   1 
ATOM   916  C CB  . THR A 1 114 ? -14.984 5.023   -7.162  1.00 25.46 ? 114 THR A CB  1 
ATOM   917  O OG1 . THR A 1 114 ? -14.514 6.372   -7.370  1.00 24.06 ? 114 THR A OG1 1 
ATOM   918  C CG2 . THR A 1 114 ? -16.484 4.943   -7.405  1.00 24.46 ? 114 THR A CG2 1 
ATOM   919  N N   . PHE A 1 115 ? -12.322 3.953   -6.171  1.00 25.13 ? 115 PHE A N   1 
ATOM   920  C CA  . PHE A 1 115 ? -10.861 4.113   -6.062  1.00 25.37 ? 115 PHE A CA  1 
ATOM   921  C C   . PHE A 1 115 ? -10.428 5.452   -6.671  1.00 25.55 ? 115 PHE A C   1 
ATOM   922  O O   . PHE A 1 115 ? -9.572  6.160   -6.118  1.00 25.33 ? 115 PHE A O   1 
ATOM   923  C CB  . PHE A 1 115 ? -10.155 2.942   -6.765  1.00 25.86 ? 115 PHE A CB  1 
ATOM   924  C CG  . PHE A 1 115 ? -8.795  2.581   -6.166  1.00 25.87 ? 115 PHE A CG  1 
ATOM   925  C CD1 . PHE A 1 115 ? -8.134  3.446   -5.283  1.00 25.66 ? 115 PHE A CD1 1 
ATOM   926  C CD2 . PHE A 1 115 ? -8.193  1.358   -6.491  1.00 27.68 ? 115 PHE A CD2 1 
ATOM   927  C CE1 . PHE A 1 115 ? -6.886  3.101   -4.741  1.00 29.45 ? 115 PHE A CE1 1 
ATOM   928  C CE2 . PHE A 1 115 ? -6.958  1.023   -5.973  1.00 27.91 ? 115 PHE A CE2 1 
ATOM   929  C CZ  . PHE A 1 115 ? -6.305  1.893   -5.086  1.00 28.16 ? 115 PHE A CZ  1 
ATOM   930  N N   . LYS A 1 116 ? -11.052 5.820   -7.789  1.00 25.52 ? 116 LYS A N   1 
ATOM   931  C CA  . LYS A 1 116 ? -10.718 7.092   -8.481  1.00 26.11 ? 116 LYS A CA  1 
ATOM   932  C C   . LYS A 1 116 ? -11.079 8.326   -7.657  1.00 26.38 ? 116 LYS A C   1 
ATOM   933  O O   . LYS A 1 116 ? -10.362 9.358   -7.673  1.00 27.03 ? 116 LYS A O   1 
ATOM   934  C CB  . LYS A 1 116 ? -11.408 7.138   -9.862  1.00 26.49 ? 116 LYS A CB  1 
ATOM   935  C CG  . LYS A 1 116 ? -10.634 6.424   -10.926 1.00 28.58 ? 116 LYS A CG  1 
ATOM   936  C CD  . LYS A 1 116 ? -11.508 6.028   -12.126 1.00 33.78 ? 116 LYS A CD  1 
ATOM   937  C CE  . LYS A 1 116 ? -10.633 5.402   -13.243 1.00 36.90 ? 116 LYS A CE  1 
ATOM   938  N NZ  . LYS A 1 116 ? -9.263  6.020   -13.316 1.00 37.64 ? 116 LYS A NZ  1 
ATOM   939  N N   . GLU A 1 117 ? -12.190 8.251   -6.926  1.00 25.94 ? 117 GLU A N   1 
ATOM   940  C CA  . GLU A 1 117 ? -12.495 9.297   -5.943  1.00 26.52 ? 117 GLU A CA  1 
ATOM   941  C C   . GLU A 1 117 ? -11.440 9.342   -4.846  1.00 26.07 ? 117 GLU A C   1 
ATOM   942  O O   . GLU A 1 117 ? -10.977 10.410  -4.433  1.00 25.65 ? 117 GLU A O   1 
ATOM   943  C CB  . GLU A 1 117 ? -13.874 9.072   -5.307  1.00 26.49 ? 117 GLU A CB  1 
ATOM   944  C CG  . GLU A 1 117 ? -15.025 9.310   -6.250  1.00 28.94 ? 117 GLU A CG  1 
ATOM   945  C CD  . GLU A 1 117 ? -16.373 9.143   -5.564  1.00 32.31 ? 117 GLU A CD  1 
ATOM   946  O OE1 . GLU A 1 117 ? -16.557 8.131   -4.850  1.00 31.64 ? 117 GLU A OE1 1 
ATOM   947  O OE2 . GLU A 1 117 ? -17.251 10.028  -5.746  1.00 31.55 ? 117 GLU A OE2 1 
ATOM   948  N N   . TYR A 1 118 ? -11.071 8.159   -4.361  1.00 25.34 ? 118 TYR A N   1 
ATOM   949  C CA  . TYR A 1 118 ? -10.162 8.051   -3.247  1.00 25.16 ? 118 TYR A CA  1 
ATOM   950  C C   . TYR A 1 118 ? -8.852  8.806   -3.506  1.00 24.89 ? 118 TYR A C   1 
ATOM   951  O O   . TYR A 1 118 ? -8.404  9.560   -2.647  1.00 24.94 ? 118 TYR A O   1 
ATOM   952  C CB  . TYR A 1 118 ? -9.906  6.572   -2.881  1.00 25.48 ? 118 TYR A CB  1 
ATOM   953  C CG  . TYR A 1 118 ? -8.893  6.417   -1.766  1.00 25.25 ? 118 TYR A CG  1 
ATOM   954  C CD1 . TYR A 1 118 ? -7.519  6.349   -2.052  1.00 24.88 ? 118 TYR A CD1 1 
ATOM   955  C CD2 . TYR A 1 118 ? -9.285  6.404   -0.426  1.00 26.22 ? 118 TYR A CD2 1 
ATOM   956  C CE1 . TYR A 1 118 ? -6.576  6.247   -1.049  1.00 24.33 ? 118 TYR A CE1 1 
ATOM   957  C CE2 . TYR A 1 118 ? -8.315  6.262   0.609   1.00 25.30 ? 118 TYR A CE2 1 
ATOM   958  C CZ  . TYR A 1 118 ? -6.964  6.204   0.269   1.00 25.65 ? 118 TYR A CZ  1 
ATOM   959  O OH  . TYR A 1 118 ? -5.991  6.109   1.240   1.00 26.76 ? 118 TYR A OH  1 
ATOM   960  N N   . ILE A 1 119 ? -8.244  8.626   -4.682  1.00 24.75 ? 119 ILE A N   1 
ATOM   961  C CA  . ILE A 1 119 ? -6.885  9.152   -4.881  1.00 24.41 ? 119 ILE A CA  1 
ATOM   962  C C   . ILE A 1 119 ? -6.870  10.684  -4.990  1.00 24.58 ? 119 ILE A C   1 
ATOM   963  O O   . ILE A 1 119 ? -5.825  11.306  -4.845  1.00 24.16 ? 119 ILE A O   1 
ATOM   964  C CB  . ILE A 1 119 ? -6.122  8.471   -6.060  1.00 24.46 ? 119 ILE A CB  1 
ATOM   965  C CG1 . ILE A 1 119 ? -6.799  8.758   -7.412  1.00 24.31 ? 119 ILE A CG1 1 
ATOM   966  C CG2 . ILE A 1 119 ? -6.053  6.960   -5.831  1.00 23.09 ? 119 ILE A CG2 1 
ATOM   967  C CD1 . ILE A 1 119 ? -5.912  8.564   -8.676  1.00 25.00 ? 119 ILE A CD1 1 
ATOM   968  N N   . LYS A 1 120 ? -8.061  11.249  -5.191  1.00 24.63 ? 120 LYS A N   1 
ATOM   969  C CA  . LYS A 1 120 ? -8.279  12.705  -5.335  1.00 25.75 ? 120 LYS A CA  1 
ATOM   970  C C   . LYS A 1 120 ? -8.842  13.339  -4.080  1.00 25.81 ? 120 LYS A C   1 
ATOM   971  O O   . LYS A 1 120 ? -9.118  14.540  -4.062  1.00 26.17 ? 120 LYS A O   1 
ATOM   972  C CB  . LYS A 1 120 ? -9.277  12.971  -6.466  1.00 25.76 ? 120 LYS A CB  1 
ATOM   973  C CG  . LYS A 1 120 ? -8.803  12.548  -7.823  1.00 28.20 ? 120 LYS A CG  1 
ATOM   974  C CD  . LYS A 1 120 ? -7.490  13.246  -8.149  1.00 34.39 ? 120 LYS A CD  1 
ATOM   975  C CE  . LYS A 1 120 ? -6.721  12.476  -9.184  1.00 34.81 ? 120 LYS A CE  1 
ATOM   976  N NZ  . LYS A 1 120 ? -5.528  13.292  -9.534  1.00 38.42 ? 120 LYS A NZ  1 
ATOM   977  N N   . SER A 1 121 ? -9.029  12.547  -3.030  1.00 26.00 ? 121 SER A N   1 
ATOM   978  C CA  . SER A 1 121 ? -9.743  13.010  -1.852  1.00 25.65 ? 121 SER A CA  1 
ATOM   979  C C   . SER A 1 121 ? -8.914  13.861  -0.881  1.00 25.69 ? 121 SER A C   1 
ATOM   980  O O   . SER A 1 121 ? -7.722  13.613  -0.642  1.00 26.17 ? 121 SER A O   1 
ATOM   981  C CB  . SER A 1 121 ? -10.402 11.837  -1.117  1.00 25.51 ? 121 SER A CB  1 
ATOM   982  O OG  . SER A 1 121 ? -11.075 12.285  0.048   1.00 26.04 ? 121 SER A OG  1 
ATOM   983  N N   . THR A 1 122 ? -9.568  14.877  -0.314  1.00 25.40 ? 122 THR A N   1 
ATOM   984  C CA  . THR A 1 122 ? -8.938  15.684  0.718   1.00 25.50 ? 122 THR A CA  1 
ATOM   985  C C   . THR A 1 122 ? -9.595  15.519  2.078   1.00 25.93 ? 122 THR A C   1 
ATOM   986  O O   . THR A 1 122 ? -9.466  16.384  2.950   1.00 25.89 ? 122 THR A O   1 
ATOM   987  C CB  . THR A 1 122 ? -8.877  17.175  0.338   1.00 25.92 ? 122 THR A CB  1 
ATOM   988  O OG1 . THR A 1 122 ? -10.168 17.588  -0.107  1.00 23.14 ? 122 THR A OG1 1 
ATOM   989  C CG2 . THR A 1 122 ? -7.825  17.420  -0.764  1.00 26.51 ? 122 THR A CG2 1 
ATOM   990  N N   . LYS A 1 123 ? -10.285 14.396  2.280   1.00 26.19 ? 123 LYS A N   1 
ATOM   991  C CA  . LYS A 1 123 ? -10.706 14.017  3.621   1.00 26.84 ? 123 LYS A CA  1 
ATOM   992  C C   . LYS A 1 123 ? -9.471  13.786  4.483   1.00 26.11 ? 123 LYS A C   1 
ATOM   993  O O   . LYS A 1 123 ? -8.341  13.760  3.973   1.00 26.29 ? 123 LYS A O   1 
ATOM   994  C CB  . LYS A 1 123 ? -11.576 12.756  3.580   1.00 26.92 ? 123 LYS A CB  1 
ATOM   995  C CG  . LYS A 1 123 ? -12.893 12.930  2.861   1.00 27.83 ? 123 LYS A CG  1 
ATOM   996  C CD  . LYS A 1 123 ? -13.730 11.654  2.969   1.00 29.81 ? 123 LYS A CD  1 
ATOM   997  C CE  . LYS A 1 123 ? -14.986 11.717  2.098   1.00 31.01 ? 123 LYS A CE  1 
ATOM   998  N NZ  . LYS A 1 123 ? -16.021 12.667  2.645   1.00 35.29 ? 123 LYS A NZ  1 
ATOM   999  N N   . THR A 1 124 ? -9.650  13.593  5.783   1.00 25.56 ? 124 THR A N   1 
ATOM   1000 C CA  . THR A 1 124 ? -8.483  13.407  6.657   1.00 24.79 ? 124 THR A CA  1 
ATOM   1001 C C   . THR A 1 124 ? -7.729  12.096  6.332   1.00 24.92 ? 124 THR A C   1 
ATOM   1002 O O   . THR A 1 124 ? -8.329  11.132  5.832   1.00 23.91 ? 124 THR A O   1 
ATOM   1003 C CB  . THR A 1 124 ? -8.847  13.452  8.140   1.00 24.69 ? 124 THR A CB  1 
ATOM   1004 O OG1 . THR A 1 124 ? -9.528  12.244  8.516   1.00 25.21 ? 124 THR A OG1 1 
ATOM   1005 C CG2 . THR A 1 124 ? -9.728  14.672  8.421   1.00 23.35 ? 124 THR A CG2 1 
ATOM   1006 N N   . PRO A 1 125 ? -6.411  12.074  6.579   1.00 25.07 ? 125 PRO A N   1 
ATOM   1007 C CA  . PRO A 1 125 ? -5.709  10.786  6.438   1.00 24.86 ? 125 PRO A CA  1 
ATOM   1008 C C   . PRO A 1 125 ? -6.307  9.684   7.295   1.00 25.17 ? 125 PRO A C   1 
ATOM   1009 O O   . PRO A 1 125 ? -6.259  8.531   6.898   1.00 24.89 ? 125 PRO A O   1 
ATOM   1010 C CB  . PRO A 1 125 ? -4.291  11.111  6.902   1.00 25.08 ? 125 PRO A CB  1 
ATOM   1011 C CG  . PRO A 1 125 ? -4.124  12.578  6.506   1.00 24.31 ? 125 PRO A CG  1 
ATOM   1012 C CD  . PRO A 1 125 ? -5.475  13.171  6.896   1.00 25.27 ? 125 PRO A CD  1 
ATOM   1013 N N   . ARG A 1 126 ? -6.839  10.021  8.474   1.00 24.85 ? 126 ARG A N   1 
ATOM   1014 C CA  . ARG A 1 126 ? -7.535  9.006   9.277   1.00 25.17 ? 126 ARG A CA  1 
ATOM   1015 C C   . ARG A 1 126 ? -8.731  8.425   8.536   1.00 25.35 ? 126 ARG A C   1 
ATOM   1016 O O   . ARG A 1 126 ? -8.875  7.209   8.450   1.00 25.01 ? 126 ARG A O   1 
ATOM   1017 C CB  . ARG A 1 126 ? -7.995  9.552   10.645  1.00 24.81 ? 126 ARG A CB  1 
ATOM   1018 C CG  . ARG A 1 126 ? -8.506  8.433   11.614  1.00 24.71 ? 126 ARG A CG  1 
ATOM   1019 C CD  . ARG A 1 126 ? -8.905  8.971   13.014  1.00 24.52 ? 126 ARG A CD  1 
ATOM   1020 N NE  . ARG A 1 126 ? -7.889  9.846   13.560  1.00 25.12 ? 126 ARG A NE  1 
ATOM   1021 C CZ  . ARG A 1 126 ? -6.791  9.442   14.184  1.00 27.00 ? 126 ARG A CZ  1 
ATOM   1022 N NH1 . ARG A 1 126 ? -6.550  8.153   14.370  1.00 27.87 ? 126 ARG A NH1 1 
ATOM   1023 N NH2 . ARG A 1 126 ? -5.932  10.345  14.643  1.00 29.65 ? 126 ARG A NH2 1 
ATOM   1024 N N   . GLU A 1 127 ? -9.603  9.287   8.016   1.00 25.87 ? 127 GLU A N   1 
ATOM   1025 C CA  . GLU A 1 127 ? -10.842 8.825   7.364   1.00 26.57 ? 127 GLU A CA  1 
ATOM   1026 C C   . GLU A 1 127 ? -10.455 8.001   6.142   1.00 25.63 ? 127 GLU A C   1 
ATOM   1027 O O   . GLU A 1 127 ? -11.026 6.923   5.874   1.00 24.51 ? 127 GLU A O   1 
ATOM   1028 C CB  . GLU A 1 127 ? -11.725 9.981   6.873   1.00 26.34 ? 127 GLU A CB  1 
ATOM   1029 C CG  . GLU A 1 127 ? -12.136 11.049  7.869   1.00 29.05 ? 127 GLU A CG  1 
ATOM   1030 C CD  . GLU A 1 127 ? -12.695 12.267  7.119   1.00 29.82 ? 127 GLU A CD  1 
ATOM   1031 O OE1 . GLU A 1 127 ? -13.763 12.133  6.496   1.00 36.21 ? 127 GLU A OE1 1 
ATOM   1032 O OE2 . GLU A 1 127 ? -12.044 13.317  7.072   1.00 32.43 ? 127 GLU A OE2 1 
ATOM   1033 N N   . LEU A 1 128 ? -9.451  8.499   5.426   1.00 24.43 ? 128 LEU A N   1 
ATOM   1034 C CA  . LEU A 1 128 ? -8.973  7.809   4.223   1.00 24.74 ? 128 LEU A CA  1 
ATOM   1035 C C   . LEU A 1 128 ? -8.342  6.465   4.572   1.00 24.72 ? 128 LEU A C   1 
ATOM   1036 O O   . LEU A 1 128 ? -8.545  5.497   3.838   1.00 25.04 ? 128 LEU A O   1 
ATOM   1037 C CB  . LEU A 1 128 ? -8.017  8.694   3.415   1.00 24.39 ? 128 LEU A CB  1 
ATOM   1038 C CG  . LEU A 1 128 ? -8.730  9.878   2.740   1.00 24.60 ? 128 LEU A CG  1 
ATOM   1039 C CD1 . LEU A 1 128 ? -7.700  10.793  2.059   1.00 23.02 ? 128 LEU A CD1 1 
ATOM   1040 C CD2 . LEU A 1 128 ? -9.855  9.485   1.733   1.00 23.61 ? 128 LEU A CD2 1 
ATOM   1041 N N   . ALA A 1 129 ? -7.588  6.408   5.674   1.00 23.97 ? 129 ALA A N   1 
ATOM   1042 C CA  . ALA A 1 129 ? -7.033  5.132   6.142   1.00 23.76 ? 129 ALA A CA  1 
ATOM   1043 C C   . ALA A 1 129 ? -8.167  4.135   6.363   1.00 23.57 ? 129 ALA A C   1 
ATOM   1044 O O   . ALA A 1 129 ? -8.085  2.993   5.920   1.00 23.78 ? 129 ALA A O   1 
ATOM   1045 C CB  . ALA A 1 129 ? -6.219  5.300   7.396   1.00 23.96 ? 129 ALA A CB  1 
ATOM   1046 N N   . MET A 1 130 ? -9.232  4.550   7.045   1.00 22.60 ? 130 MET A N   1 
ATOM   1047 C CA  . MET A 1 130 ? -10.358 3.623   7.287   1.00 23.20 ? 130 MET A CA  1 
ATOM   1048 C C   . MET A 1 130 ? -11.117 3.170   6.004   1.00 23.79 ? 130 MET A C   1 
ATOM   1049 O O   . MET A 1 130 ? -11.536 2.007   5.891   1.00 23.27 ? 130 MET A O   1 
ATOM   1050 C CB  . MET A 1 130 ? -11.288 4.212   8.365   1.00 23.70 ? 130 MET A CB  1 
ATOM   1051 C CG  . MET A 1 130 ? -10.561 4.493   9.701   1.00 24.96 ? 130 MET A CG  1 
ATOM   1052 S SD  . MET A 1 130 ? -9.475  3.203   10.391  1.00 33.91 ? 130 MET A SD  1 
ATOM   1053 C CE  . MET A 1 130 ? -10.708 2.019   10.729  1.00 30.32 ? 130 MET A CE  1 
ATOM   1054 N N   . ILE A 1 131 ? -11.263 4.072   5.028   1.00 24.14 ? 131 ILE A N   1 
ATOM   1055 C CA  . ILE A 1 131 ? -11.898 3.748   3.755   1.00 23.82 ? 131 ILE A CA  1 
ATOM   1056 C C   . ILE A 1 131 ? -11.027 2.767   2.993   1.00 24.37 ? 131 ILE A C   1 
ATOM   1057 O O   . ILE A 1 131 ? -11.516 1.785   2.458   1.00 23.66 ? 131 ILE A O   1 
ATOM   1058 C CB  . ILE A 1 131 ? -12.175 5.008   2.894   1.00 24.25 ? 131 ILE A CB  1 
ATOM   1059 C CG1 . ILE A 1 131 ? -13.242 5.873   3.594   1.00 24.59 ? 131 ILE A CG1 1 
ATOM   1060 C CG2 . ILE A 1 131 ? -12.689 4.620   1.480   1.00 24.43 ? 131 ILE A CG2 1 
ATOM   1061 C CD1 . ILE A 1 131 ? -13.247 7.350   3.171   1.00 27.27 ? 131 ILE A CD1 1 
ATOM   1062 N N   . PHE A 1 132 ? -9.728  3.043   2.962   1.00 23.58 ? 132 PHE A N   1 
ATOM   1063 C CA  . PHE A 1 132 ? -8.795  2.160   2.272   1.00 23.79 ? 132 PHE A CA  1 
ATOM   1064 C C   . PHE A 1 132 ? -8.742  0.781   2.945   1.00 23.69 ? 132 PHE A C   1 
ATOM   1065 O O   . PHE A 1 132 ? -8.696  -0.230  2.252   1.00 23.74 ? 132 PHE A O   1 
ATOM   1066 C CB  . PHE A 1 132 ? -7.404  2.821   2.216   1.00 23.77 ? 132 PHE A CB  1 
ATOM   1067 C CG  . PHE A 1 132 ? -6.436  2.111   1.302   1.00 23.39 ? 132 PHE A CG  1 
ATOM   1068 C CD1 . PHE A 1 132 ? -5.664  1.050   1.772   1.00 23.44 ? 132 PHE A CD1 1 
ATOM   1069 C CD2 . PHE A 1 132 ? -6.314  2.504   -0.034  1.00 23.85 ? 132 PHE A CD2 1 
ATOM   1070 C CE1 . PHE A 1 132 ? -4.771  0.366   0.926   1.00 26.11 ? 132 PHE A CE1 1 
ATOM   1071 C CE2 . PHE A 1 132 ? -5.437  1.830   -0.911  1.00 26.10 ? 132 PHE A CE2 1 
ATOM   1072 C CZ  . PHE A 1 132 ? -4.658  0.751   -0.427  1.00 27.02 ? 132 PHE A CZ  1 
ATOM   1073 N N   . LEU A 1 133 ? -8.735  0.742   4.287   1.00 22.89 ? 133 LEU A N   1 
ATOM   1074 C CA  . LEU A 1 133 ? -8.820  -0.527  5.014   1.00 23.08 ? 133 LEU A CA  1 
ATOM   1075 C C   . LEU A 1 133 ? -10.042 -1.341  4.571   1.00 23.94 ? 133 LEU A C   1 
ATOM   1076 O O   . LEU A 1 133 ? -9.923  -2.514  4.149   1.00 24.88 ? 133 LEU A O   1 
ATOM   1077 C CB  . LEU A 1 133 ? -8.835  -0.283  6.540   1.00 23.45 ? 133 LEU A CB  1 
ATOM   1078 C CG  . LEU A 1 133 ? -9.210  -1.487  7.404   1.00 23.39 ? 133 LEU A CG  1 
ATOM   1079 C CD1 . LEU A 1 133 ? -8.137  -2.533  7.220   1.00 25.08 ? 133 LEU A CD1 1 
ATOM   1080 C CD2 . LEU A 1 133 ? -9.283  -1.038  8.862   1.00 23.04 ? 133 LEU A CD2 1 
ATOM   1081 N N   . ALA A 1 134 ? -11.208 -0.699  4.579   1.00 22.79 ? 134 ALA A N   1 
ATOM   1082 C CA  . ALA A 1 134 ? -12.462 -1.400  4.275   1.00 23.35 ? 134 ALA A CA  1 
ATOM   1083 C C   . ALA A 1 134 ? -12.666 -1.756  2.800   1.00 23.73 ? 134 ALA A C   1 
ATOM   1084 O O   . ALA A 1 134 ? -13.301 -2.770  2.482   1.00 24.17 ? 134 ALA A O   1 
ATOM   1085 C CB  . ALA A 1 134 ? -13.651 -0.571  4.760   1.00 23.47 ? 134 ALA A CB  1 
ATOM   1086 N N   . SER A 1 135 ? -12.163 -0.914  1.908   1.00 23.35 ? 135 SER A N   1 
ATOM   1087 C CA  . SER A 1 135 ? -12.445 -1.073  0.474   1.00 23.38 ? 135 SER A CA  1 
ATOM   1088 C C   . SER A 1 135 ? -11.394 -1.845  -0.282  1.00 24.69 ? 135 SER A C   1 
ATOM   1089 O O   . SER A 1 135 ? -11.728 -2.543  -1.250  1.00 24.97 ? 135 SER A O   1 
ATOM   1090 C CB  . SER A 1 135 ? -12.605 0.274   -0.212  1.00 23.46 ? 135 SER A CB  1 
ATOM   1091 O OG  . SER A 1 135 ? -13.415 1.130   0.544   1.00 23.17 ? 135 SER A OG  1 
ATOM   1092 N N   . TYR A 1 136 ? -10.129 -1.666  0.116   1.00 24.18 ? 136 TYR A N   1 
ATOM   1093 C CA  . TYR A 1 136 ? -8.991  -2.287  -0.576  1.00 24.73 ? 136 TYR A CA  1 
ATOM   1094 C C   . TYR A 1 136 ? -8.400  -3.491  0.184   1.00 25.97 ? 136 TYR A C   1 
ATOM   1095 O O   . TYR A 1 136 ? -8.211  -4.589  -0.404  1.00 25.32 ? 136 TYR A O   1 
ATOM   1096 C CB  . TYR A 1 136 ? -7.903  -1.229  -0.823  1.00 24.32 ? 136 TYR A CB  1 
ATOM   1097 C CG  . TYR A 1 136 ? -6.711  -1.720  -1.674  1.00 24.71 ? 136 TYR A CG  1 
ATOM   1098 C CD1 . TYR A 1 136 ? -5.757  -2.551  -1.133  1.00 26.80 ? 136 TYR A CD1 1 
ATOM   1099 C CD2 . TYR A 1 136 ? -6.550  -1.307  -3.019  1.00 23.16 ? 136 TYR A CD2 1 
ATOM   1100 C CE1 . TYR A 1 136 ? -4.680  -3.015  -1.910  1.00 27.36 ? 136 TYR A CE1 1 
ATOM   1101 C CE2 . TYR A 1 136 ? -5.473  -1.760  -3.808  1.00 23.86 ? 136 TYR A CE2 1 
ATOM   1102 C CZ  . TYR A 1 136 ? -4.544  -2.620  -3.226  1.00 24.87 ? 136 TYR A CZ  1 
ATOM   1103 O OH  . TYR A 1 136 ? -3.464  -3.066  -3.943  1.00 26.19 ? 136 TYR A OH  1 
ATOM   1104 N N   . GLU A 1 137 ? -8.065  -3.297  1.470   1.00 26.28 ? 137 GLU A N   1 
ATOM   1105 C CA  . GLU A 1 137 ? -7.246  -4.301  2.178   1.00 27.71 ? 137 GLU A CA  1 
ATOM   1106 C C   . GLU A 1 137 ? -8.098  -5.451  2.682   1.00 28.82 ? 137 GLU A C   1 
ATOM   1107 O O   . GLU A 1 137 ? -7.730  -6.619  2.519   1.00 28.75 ? 137 GLU A O   1 
ATOM   1108 C CB  . GLU A 1 137 ? -6.471  -3.694  3.368   1.00 26.94 ? 137 GLU A CB  1 
ATOM   1109 C CG  . GLU A 1 137 ? -5.476  -2.581  2.964   1.00 28.09 ? 137 GLU A CG  1 
ATOM   1110 C CD  . GLU A 1 137 ? -4.140  -3.116  2.442   1.00 28.86 ? 137 GLU A CD  1 
ATOM   1111 O OE1 . GLU A 1 137 ? -3.180  -2.323  2.330   1.00 28.86 ? 137 GLU A OE1 1 
ATOM   1112 O OE2 . GLU A 1 137 ? -4.054  -4.319  2.116   1.00 29.52 ? 137 GLU A OE2 1 
ATOM   1113 N N   . ARG A 1 138 ? -9.210  -5.095  3.324   1.00 30.64 ? 138 ARG A N   1 
ATOM   1114 C CA  . ARG A 1 138 ? -10.228 -6.043  3.817   1.00 32.92 ? 138 ARG A CA  1 
ATOM   1115 C C   . ARG A 1 138 ? -9.625  -7.246  4.554   1.00 34.14 ? 138 ARG A C   1 
ATOM   1116 O O   . ARG A 1 138 ? -9.858  -8.384  4.154   1.00 34.29 ? 138 ARG A O   1 
ATOM   1117 C CB  . ARG A 1 138 ? -11.107 -6.522  2.660   1.00 32.67 ? 138 ARG A CB  1 
ATOM   1118 C CG  . ARG A 1 138 ? -11.622 -5.384  1.771   1.00 35.08 ? 138 ARG A CG  1 
ATOM   1119 C CD  . ARG A 1 138 ? -12.699 -5.878  0.836   1.00 36.65 ? 138 ARG A CD  1 
ATOM   1120 N NE  . ARG A 1 138 ? -12.225 -6.948  -0.046  1.00 36.99 ? 138 ARG A NE  1 
ATOM   1121 C CZ  . ARG A 1 138 ? -11.620 -6.731  -1.212  1.00 38.40 ? 138 ARG A CZ  1 
ATOM   1122 N NH1 . ARG A 1 138 ? -11.399 -5.485  -1.642  1.00 33.87 ? 138 ARG A NH1 1 
ATOM   1123 N NH2 . ARG A 1 138 ? -11.248 -7.754  -1.959  1.00 39.54 ? 138 ARG A NH2 1 
ATOM   1124 N N   . PRO A 1 139 ? -8.817  -7.002  5.598   1.00 35.67 ? 139 PRO A N   1 
ATOM   1125 C CA  . PRO A 1 139 ? -8.192  -8.120  6.318   1.00 36.51 ? 139 PRO A CA  1 
ATOM   1126 C C   . PRO A 1 139 ? -9.192  -8.919  7.159   1.00 37.10 ? 139 PRO A C   1 
ATOM   1127 O O   . PRO A 1 139 ? -10.322 -8.476  7.371   1.00 37.27 ? 139 PRO A O   1 
ATOM   1128 C CB  . PRO A 1 139 ? -7.155  -7.426  7.208   1.00 36.60 ? 139 PRO A CB  1 
ATOM   1129 C CG  . PRO A 1 139 ? -7.733  -6.087  7.456   1.00 37.15 ? 139 PRO A CG  1 
ATOM   1130 C CD  . PRO A 1 139 ? -8.438  -5.704  6.186   1.00 35.94 ? 139 PRO A CD  1 
ATOM   1131 N N   . ALA A 1 140 ? -8.791  -10.100 7.612   1.00 38.31 ? 140 ALA A N   1 
ATOM   1132 C CA  . ALA A 1 140 ? -9.676  -10.923 8.455   1.00 39.00 ? 140 ALA A CA  1 
ATOM   1133 C C   . ALA A 1 140 ? -10.207 -10.109 9.634   1.00 39.44 ? 140 ALA A C   1 
ATOM   1134 O O   . ALA A 1 140 ? -11.398 -10.159 9.934   1.00 39.46 ? 140 ALA A O   1 
ATOM   1135 C CB  . ALA A 1 140 ? -8.952  -12.160 8.944   1.00 39.27 ? 140 ALA A CB  1 
ATOM   1136 N N   . ASN A 1 141 ? -9.319  -9.342  10.276  1.00 39.34 ? 141 ASN A N   1 
ATOM   1137 C CA  . ASN A 1 141 ? -9.679  -8.474  11.404  1.00 40.11 ? 141 ASN A CA  1 
ATOM   1138 C C   . ASN A 1 141 ? -9.877  -7.029  10.962  1.00 39.64 ? 141 ASN A C   1 
ATOM   1139 O O   . ASN A 1 141 ? -8.902  -6.320  10.713  1.00 39.70 ? 141 ASN A O   1 
ATOM   1140 C CB  . ASN A 1 141 ? -8.608  -8.561  12.499  1.00 40.37 ? 141 ASN A CB  1 
ATOM   1141 C CG  . ASN A 1 141 ? -8.876  -7.637  13.701  1.00 42.19 ? 141 ASN A CG  1 
ATOM   1142 O OD1 . ASN A 1 141 ? -9.881  -6.915  13.771  1.00 42.44 ? 141 ASN A OD1 1 
ATOM   1143 N ND2 . ASN A 1 141 ? -7.962  -7.684  14.669  1.00 43.42 ? 141 ASN A ND2 1 
ATOM   1144 N N   . PRO A 1 142 ? -11.143 -6.578  10.905  1.00 39.43 ? 142 PRO A N   1 
ATOM   1145 C CA  . PRO A 1 142 ? -11.464 -5.243  10.376  1.00 39.06 ? 142 PRO A CA  1 
ATOM   1146 C C   . PRO A 1 142 ? -11.159 -4.122  11.365  1.00 39.17 ? 142 PRO A C   1 
ATOM   1147 O O   . PRO A 1 142 ? -11.133 -2.956  10.968  1.00 39.33 ? 142 PRO A O   1 
ATOM   1148 C CB  . PRO A 1 142 ? -12.970 -5.325  10.144  1.00 38.84 ? 142 PRO A CB  1 
ATOM   1149 C CG  . PRO A 1 142 ? -13.451 -6.261  11.220  1.00 39.41 ? 142 PRO A CG  1 
ATOM   1150 C CD  . PRO A 1 142 ? -12.356 -7.303  11.341  1.00 39.35 ? 142 PRO A CD  1 
ATOM   1151 N N   . ASN A 1 143 ? -10.941 -4.483  12.636  1.00 38.34 ? 143 ASN A N   1 
ATOM   1152 C CA  . ASN A 1 143 ? -10.736 -3.521  13.724  1.00 37.82 ? 143 ASN A CA  1 
ATOM   1153 C C   . ASN A 1 143 ? -9.272  -3.191  13.904  1.00 36.81 ? 143 ASN A C   1 
ATOM   1154 O O   . ASN A 1 143 ? -8.571  -3.777  14.753  1.00 36.02 ? 143 ASN A O   1 
ATOM   1155 C CB  . ASN A 1 143 ? -11.279 -4.064  15.047  1.00 38.71 ? 143 ASN A CB  1 
ATOM   1156 C CG  . ASN A 1 143 ? -12.738 -4.380  14.983  1.00 40.89 ? 143 ASN A CG  1 
ATOM   1157 O OD1 . ASN A 1 143 ? -13.145 -5.524  15.224  1.00 43.38 ? 143 ASN A OD1 1 
ATOM   1158 N ND2 . ASN A 1 143 ? -13.551 -3.372  14.650  1.00 42.83 ? 143 ASN A ND2 1 
ATOM   1159 N N   . GLN A 1 144 ? -8.799  -2.258  13.095  1.00 35.26 ? 144 GLN A N   1 
ATOM   1160 C CA  . GLN A 1 144 ? -7.424  -1.831  13.197  1.00 33.46 ? 144 GLN A CA  1 
ATOM   1161 C C   . GLN A 1 144 ? -7.360  -0.319  13.146  1.00 32.15 ? 144 GLN A C   1 
ATOM   1162 O O   . GLN A 1 144 ? -6.781  0.250   12.211  1.00 31.95 ? 144 GLN A O   1 
ATOM   1163 C CB  . GLN A 1 144 ? -6.583  -2.471  12.090  1.00 34.35 ? 144 GLN A CB  1 
ATOM   1164 C CG  . GLN A 1 144 ? -6.909  -3.947  11.837  1.00 34.80 ? 144 GLN A CG  1 
ATOM   1165 C CD  . GLN A 1 144 ? -5.858  -4.662  11.030  1.00 34.40 ? 144 GLN A CD  1 
ATOM   1166 O OE1 . GLN A 1 144 ? -4.708  -4.224  10.951  1.00 30.60 ? 144 GLN A OE1 1 
ATOM   1167 N NE2 . GLN A 1 144 ? -6.240  -5.799  10.444  1.00 35.92 ? 144 GLN A NE2 1 
ATOM   1168 N N   . PRO A 1 145 ? -7.951  0.354   14.164  1.00 30.70 ? 145 PRO A N   1 
ATOM   1169 C CA  . PRO A 1 145 ? -7.961  1.809   14.204  1.00 29.18 ? 145 PRO A CA  1 
ATOM   1170 C C   . PRO A 1 145 ? -6.550  2.405   14.199  1.00 28.09 ? 145 PRO A C   1 
ATOM   1171 O O   . PRO A 1 145 ? -6.374  3.560   13.831  1.00 26.45 ? 145 PRO A O   1 
ATOM   1172 C CB  . PRO A 1 145 ? -8.673  2.107   15.537  1.00 29.40 ? 145 PRO A CB  1 
ATOM   1173 C CG  . PRO A 1 145 ? -8.478  0.878   16.353  1.00 29.98 ? 145 PRO A CG  1 
ATOM   1174 C CD  . PRO A 1 145 ? -8.595  -0.221  15.362  1.00 30.36 ? 145 PRO A CD  1 
ATOM   1175 N N   . GLU A 1 146 ? -5.562  1.608   14.611  1.00 28.19 ? 146 GLU A N   1 
ATOM   1176 C CA  . GLU A 1 146 ? -4.150  1.987   14.528  1.00 28.06 ? 146 GLU A CA  1 
ATOM   1177 C C   . GLU A 1 146 ? -3.755  2.478   13.127  1.00 27.61 ? 146 GLU A C   1 
ATOM   1178 O O   . GLU A 1 146 ? -2.829  3.302   12.975  1.00 27.08 ? 146 GLU A O   1 
ATOM   1179 C CB  . GLU A 1 146 ? -3.248  0.815   14.977  1.00 29.02 ? 146 GLU A CB  1 
ATOM   1180 C CG  . GLU A 1 146 ? -2.713  -0.135  13.854  1.00 32.67 ? 146 GLU A CG  1 
ATOM   1181 C CD  . GLU A 1 146 ? -3.355  -1.548  13.757  1.00 37.33 ? 146 GLU A CD  1 
ATOM   1182 O OE1 . GLU A 1 146 ? -4.129  -1.955  14.654  1.00 33.95 ? 146 GLU A OE1 1 
ATOM   1183 O OE2 . GLU A 1 146 ? -3.046  -2.284  12.754  1.00 37.66 ? 146 GLU A OE2 1 
ATOM   1184 N N   . ARG A 1 147 ? -4.425  1.950   12.100  1.00 26.18 ? 147 ARG A N   1 
ATOM   1185 C CA  . ARG A 1 147 ? -4.123  2.342   10.723  1.00 26.14 ? 147 ARG A CA  1 
ATOM   1186 C C   . ARG A 1 147 ? -4.393  3.832   10.461  1.00 26.24 ? 147 ARG A C   1 
ATOM   1187 O O   . ARG A 1 147 ? -3.682  4.472   9.666   1.00 25.51 ? 147 ARG A O   1 
ATOM   1188 C CB  . ARG A 1 147 ? -4.873  1.442   9.726   1.00 25.78 ? 147 ARG A CB  1 
ATOM   1189 C CG  . ARG A 1 147 ? -4.271  0.045   9.637   1.00 26.72 ? 147 ARG A CG  1 
ATOM   1190 C CD  . ARG A 1 147 ? -5.130  -0.906  8.792   1.00 26.98 ? 147 ARG A CD  1 
ATOM   1191 N NE  . ARG A 1 147 ? -4.685  -2.308  8.894   1.00 25.75 ? 147 ARG A NE  1 
ATOM   1192 C CZ  . ARG A 1 147 ? -4.393  -3.074  7.849   1.00 26.50 ? 147 ARG A CZ  1 
ATOM   1193 N NH1 . ARG A 1 147 ? -4.490  -2.578  6.615   1.00 27.48 ? 147 ARG A NH1 1 
ATOM   1194 N NH2 . ARG A 1 147 ? -4.010  -4.345  8.031   1.00 25.26 ? 147 ARG A NH2 1 
ATOM   1195 N N   . GLY A 1 148 ? -5.436  4.371   11.103  1.00 25.08 ? 148 GLY A N   1 
ATOM   1196 C CA  . GLY A 1 148 ? -5.714  5.810   11.046  1.00 25.43 ? 148 GLY A CA  1 
ATOM   1197 C C   . GLY A 1 148 ? -4.723  6.664   11.844  1.00 25.58 ? 148 GLY A C   1 
ATOM   1198 O O   . GLY A 1 148 ? -4.311  7.744   11.393  1.00 26.07 ? 148 GLY A O   1 
ATOM   1199 N N   . ASP A 1 149 ? -4.347  6.197   13.037  1.00 25.40 ? 149 ASP A N   1 
ATOM   1200 C CA  . ASP A 1 149 ? -3.269  6.846   13.804  1.00 25.13 ? 149 ASP A CA  1 
ATOM   1201 C C   . ASP A 1 149 ? -2.013  6.974   12.912  1.00 25.50 ? 149 ASP A C   1 
ATOM   1202 O O   . ASP A 1 149 ? -1.480  8.074   12.671  1.00 25.16 ? 149 ASP A O   1 
ATOM   1203 C CB  . ASP A 1 149 ? -3.004  6.066   15.106  1.00 25.47 ? 149 ASP A CB  1 
ATOM   1204 C CG  . ASP A 1 149 ? -4.216  6.087   16.083  1.00 27.41 ? 149 ASP A CG  1 
ATOM   1205 O OD1 . ASP A 1 149 ? -5.081  6.962   15.934  1.00 27.11 ? 149 ASP A OD1 1 
ATOM   1206 O OD2 . ASP A 1 149 ? -4.292  5.237   17.009  1.00 29.82 ? 149 ASP A OD2 1 
ATOM   1207 N N   . GLN A 1 150 ? -1.600  5.850   12.342  1.00 24.67 ? 150 GLN A N   1 
ATOM   1208 C CA  . GLN A 1 150 ? -0.430  5.816   11.478  1.00 25.65 ? 150 GLN A CA  1 
ATOM   1209 C C   . GLN A 1 150 ? -0.527  6.730   10.239  1.00 26.25 ? 150 GLN A C   1 
ATOM   1210 O O   . GLN A 1 150 ? 0.479   7.337   9.837   1.00 26.31 ? 150 GLN A O   1 
ATOM   1211 C CB  . GLN A 1 150 ? -0.143  4.371   11.093  1.00 25.88 ? 150 GLN A CB  1 
ATOM   1212 C CG  . GLN A 1 150 ? 0.195   3.483   12.276  1.00 25.99 ? 150 GLN A CG  1 
ATOM   1213 C CD  . GLN A 1 150 ? 0.003   2.021   12.004  1.00 28.44 ? 150 GLN A CD  1 
ATOM   1214 O OE1 . GLN A 1 150 ? -0.358  1.612   10.885  1.00 29.41 ? 150 GLN A OE1 1 
ATOM   1215 N NE2 . GLN A 1 150 ? 0.238   1.202   13.023  1.00 25.54 ? 150 GLN A NE2 1 
ATOM   1216 N N   . ALA A 1 151 ? -1.711  6.832   9.630   1.00 24.98 ? 151 ALA A N   1 
ATOM   1217 C CA  . ALA A 1 151 ? -1.906  7.706   8.489   1.00 25.41 ? 151 ALA A CA  1 
ATOM   1218 C C   . ALA A 1 151 ? -1.637  9.151   8.875   1.00 25.97 ? 151 ALA A C   1 
ATOM   1219 O O   . ALA A 1 151 ? -0.971  9.890   8.159   1.00 25.85 ? 151 ALA A O   1 
ATOM   1220 C CB  . ALA A 1 151 ? -3.309  7.580   7.936   1.00 26.09 ? 151 ALA A CB  1 
ATOM   1221 N N   . GLU A 1 152 ? -2.185  9.541   10.026  1.00 25.76 ? 152 GLU A N   1 
ATOM   1222 C CA  . GLU A 1 152 ? -1.950  10.872  10.566  1.00 26.45 ? 152 GLU A CA  1 
ATOM   1223 C C   . GLU A 1 152 ? -0.464  11.094  10.922  1.00 26.73 ? 152 GLU A C   1 
ATOM   1224 O O   . GLU A 1 152 ? 0.075   12.156  10.637  1.00 26.03 ? 152 GLU A O   1 
ATOM   1225 C CB  . GLU A 1 152 ? -2.894  11.127  11.757  1.00 26.20 ? 152 GLU A CB  1 
ATOM   1226 C CG  . GLU A 1 152 ? -4.375  11.039  11.393  1.00 26.92 ? 152 GLU A CG  1 
ATOM   1227 C CD  . GLU A 1 152 ? -4.874  12.227  10.570  1.00 27.53 ? 152 GLU A CD  1 
ATOM   1228 O OE1 . GLU A 1 152 ? -4.139  13.230  10.429  1.00 25.37 ? 152 GLU A OE1 1 
ATOM   1229 O OE2 . GLU A 1 152 ? -6.013  12.176  10.067  1.00 28.52 ? 152 GLU A OE2 1 
ATOM   1230 N N   . TYR A 1 153 ? 0.191   10.084  11.490  1.00 27.21 ? 153 TYR A N   1 
ATOM   1231 C CA  . TYR A 1 153 ? 1.627   10.153  11.802  1.00 28.18 ? 153 TYR A CA  1 
ATOM   1232 C C   . TYR A 1 153 ? 2.460   10.446  10.542  1.00 28.20 ? 153 TYR A C   1 
ATOM   1233 O O   . TYR A 1 153 ? 3.404   11.264  10.591  1.00 29.29 ? 153 TYR A O   1 
ATOM   1234 C CB  . TYR A 1 153 ? 2.085   8.861   12.491  1.00 28.48 ? 153 TYR A CB  1 
ATOM   1235 C CG  . TYR A 1 153 ? 3.571   8.786   12.785  1.00 28.65 ? 153 TYR A CG  1 
ATOM   1236 C CD1 . TYR A 1 153 ? 4.474   8.375   11.805  1.00 29.39 ? 153 TYR A CD1 1 
ATOM   1237 C CD2 . TYR A 1 153 ? 4.073   9.139   14.039  1.00 29.87 ? 153 TYR A CD2 1 
ATOM   1238 C CE1 . TYR A 1 153 ? 5.833   8.307   12.065  1.00 30.16 ? 153 TYR A CE1 1 
ATOM   1239 C CE2 . TYR A 1 153 ? 5.432   9.077   14.315  1.00 30.71 ? 153 TYR A CE2 1 
ATOM   1240 C CZ  . TYR A 1 153 ? 6.306   8.653   13.319  1.00 30.49 ? 153 TYR A CZ  1 
ATOM   1241 O OH  . TYR A 1 153 ? 7.666   8.588   13.569  1.00 30.67 ? 153 TYR A OH  1 
ATOM   1242 N N   . TRP A 1 154 ? 2.110   9.813   9.413   1.00 27.90 ? 154 TRP A N   1 
ATOM   1243 C CA  . TRP A 1 154 ? 2.844   10.048  8.156   1.00 27.71 ? 154 TRP A CA  1 
ATOM   1244 C C   . TRP A 1 154 ? 2.508   11.390  7.540   1.00 27.81 ? 154 TRP A C   1 
ATOM   1245 O O   . TRP A 1 154 ? 3.355   12.031  6.909   1.00 27.55 ? 154 TRP A O   1 
ATOM   1246 C CB  . TRP A 1 154 ? 2.646   8.901   7.121   1.00 26.83 ? 154 TRP A CB  1 
ATOM   1247 C CG  . TRP A 1 154 ? 3.189   7.617   7.629   1.00 26.94 ? 154 TRP A CG  1 
ATOM   1248 C CD1 . TRP A 1 154 ? 2.494   6.488   7.869   1.00 25.64 ? 154 TRP A CD1 1 
ATOM   1249 C CD2 . TRP A 1 154 ? 4.552   7.349   8.033   1.00 26.51 ? 154 TRP A CD2 1 
ATOM   1250 N NE1 . TRP A 1 154 ? 3.326   5.516   8.384   1.00 26.02 ? 154 TRP A NE1 1 
ATOM   1251 C CE2 . TRP A 1 154 ? 4.593   6.029   8.498   1.00 26.57 ? 154 TRP A CE2 1 
ATOM   1252 C CE3 . TRP A 1 154 ? 5.737   8.117   8.066   1.00 26.73 ? 154 TRP A CE3 1 
ATOM   1253 C CZ2 . TRP A 1 154 ? 5.770   5.434   8.971   1.00 25.78 ? 154 TRP A CZ2 1 
ATOM   1254 C CZ3 . TRP A 1 154 ? 6.906   7.522   8.534   1.00 25.21 ? 154 TRP A CZ3 1 
ATOM   1255 C CH2 . TRP A 1 154 ? 6.915   6.204   8.978   1.00 27.40 ? 154 TRP A CH2 1 
ATOM   1256 N N   . TYR A 1 155 ? 1.270   11.830  7.726   1.00 28.54 ? 155 TYR A N   1 
ATOM   1257 C CA  . TYR A 1 155 ? 0.850   13.109  7.170   1.00 29.17 ? 155 TYR A CA  1 
ATOM   1258 C C   . TYR A 1 155 ? 1.603   14.252  7.830   1.00 30.03 ? 155 TYR A C   1 
ATOM   1259 O O   . TYR A 1 155 ? 1.956   15.223  7.169   1.00 29.86 ? 155 TYR A O   1 
ATOM   1260 C CB  . TYR A 1 155 ? -0.641  13.311  7.376   1.00 29.93 ? 155 TYR A CB  1 
ATOM   1261 C CG  . TYR A 1 155 ? -1.210  14.490  6.642   1.00 29.25 ? 155 TYR A CG  1 
ATOM   1262 C CD1 . TYR A 1 155 ? -1.589  15.647  7.334   1.00 30.63 ? 155 TYR A CD1 1 
ATOM   1263 C CD2 . TYR A 1 155 ? -1.394  14.447  5.262   1.00 29.44 ? 155 TYR A CD2 1 
ATOM   1264 C CE1 . TYR A 1 155 ? -2.134  16.734  6.654   1.00 30.66 ? 155 TYR A CE1 1 
ATOM   1265 C CE2 . TYR A 1 155 ? -1.934  15.509  4.578   1.00 31.62 ? 155 TYR A CE2 1 
ATOM   1266 C CZ  . TYR A 1 155 ? -2.302  16.653  5.278   1.00 30.83 ? 155 TYR A CZ  1 
ATOM   1267 O OH  . TYR A 1 155 ? -2.850  17.688  4.572   1.00 31.10 ? 155 TYR A OH  1 
ATOM   1268 N N   . LYS A 1 156 ? 1.843   14.102  9.132   1.00 30.82 ? 156 LYS A N   1 
ATOM   1269 C CA  . LYS A 1 156 ? 2.543   15.099  9.941   1.00 31.76 ? 156 LYS A CA  1 
ATOM   1270 C C   . LYS A 1 156 ? 4.053   15.085  9.701   1.00 31.75 ? 156 LYS A C   1 
ATOM   1271 O O   . LYS A 1 156 ? 4.677   16.139  9.642   1.00 31.84 ? 156 LYS A O   1 
ATOM   1272 C CB  . LYS A 1 156 ? 2.268   14.853  11.429  1.00 31.56 ? 156 LYS A CB  1 
ATOM   1273 C CG  . LYS A 1 156 ? 2.599   16.051  12.328  1.00 32.97 ? 156 LYS A CG  1 
ATOM   1274 C CD  . LYS A 1 156 ? 2.180   15.815  13.771  1.00 33.35 ? 156 LYS A CD  1 
ATOM   1275 C CE  . LYS A 1 156 ? 3.151   14.893  14.504  1.00 35.83 ? 156 LYS A CE  1 
ATOM   1276 N NZ  . LYS A 1 156 ? 4.293   15.618  15.126  1.00 36.49 ? 156 LYS A NZ  1 
ATOM   1277 N N   . ASN A 1 157 ? 4.631   13.889  9.572   1.00 32.28 ? 157 ASN A N   1 
ATOM   1278 C CA  . ASN A 1 157 ? 6.081   13.710  9.602   1.00 32.48 ? 157 ASN A CA  1 
ATOM   1279 C C   . ASN A 1 157 ? 6.788   13.608  8.239   1.00 32.65 ? 157 ASN A C   1 
ATOM   1280 O O   . ASN A 1 157 ? 8.019   13.708  8.190   1.00 32.52 ? 157 ASN A O   1 
ATOM   1281 C CB  . ASN A 1 157 ? 6.457   12.532  10.517  1.00 33.17 ? 157 ASN A CB  1 
ATOM   1282 C CG  . ASN A 1 157 ? 6.072   12.778  11.974  1.00 34.98 ? 157 ASN A CG  1 
ATOM   1283 O OD1 . ASN A 1 157 ? 6.843   13.354  12.755  1.00 36.55 ? 157 ASN A OD1 1 
ATOM   1284 N ND2 . ASN A 1 157 ? 4.874   12.350  12.344  1.00 37.05 ? 157 ASN A ND2 1 
ATOM   1285 N N   . LEU A 1 158 ? 6.027   13.427  7.154   1.00 32.20 ? 158 LEU A N   1 
ATOM   1286 C CA  . LEU A 1 158 ? 6.585   13.445  5.789   1.00 33.04 ? 158 LEU A CA  1 
ATOM   1287 C C   . LEU A 1 158 ? 6.412   14.821  5.129   1.00 34.26 ? 158 LEU A C   1 
ATOM   1288 O O   . LEU A 1 158 ? 5.629   15.650  5.605   1.00 33.93 ? 158 LEU A O   1 
ATOM   1289 C CB  . LEU A 1 158 ? 5.942   12.370  4.886   1.00 32.61 ? 158 LEU A CB  1 
ATOM   1290 C CG  . LEU A 1 158 ? 5.921   10.891  5.283   1.00 32.38 ? 158 LEU A CG  1 
ATOM   1291 C CD1 . LEU A 1 158 ? 5.126   10.144  4.237   1.00 29.61 ? 158 LEU A CD1 1 
ATOM   1292 C CD2 . LEU A 1 158 ? 7.324   10.286  5.432   1.00 32.53 ? 158 LEU A CD2 1 
ATOM   1293 N N   . SER A 1 159 ? 7.117   15.041  4.020   1.00 35.24 ? 159 SER A N   1 
ATOM   1294 C CA  . SER A 1 159 ? 7.089   16.317  3.297   1.00 36.73 ? 159 SER A CA  1 
ATOM   1295 C C   . SER A 1 159 ? 6.227   16.270  2.028   1.00 37.46 ? 159 SER A C   1 
ATOM   1296 O O   . SER A 1 159 ? 5.033   16.601  2.064   1.00 37.51 ? 159 SER A O   1 
ATOM   1297 C CB  . SER A 1 159 ? 8.520   16.766  2.979   1.00 37.39 ? 159 SER A CB  1 
ATOM   1298 O OG  . SER A 1 159 ? 9.329   16.700  4.145   1.00 38.58 ? 159 SER A OG  1 
ATOM   1299 O OXT . SER A 1 159 ? 6.665   15.904  0.929   1.00 37.34 ? 159 SER A OXT 1 
HETATM 1300 O O   . HOH B 2 .   ? -1.541  -10.862 -5.727  1.00 22.86 ? 160 HOH A O   1 
HETATM 1301 O O   . HOH B 2 .   ? -16.818 -3.790  5.753   1.00 21.38 ? 161 HOH A O   1 
HETATM 1302 O O   . HOH B 2 .   ? 14.529  -3.631  10.373  1.00 38.48 ? 162 HOH A O   1 
HETATM 1303 O O   . HOH B 2 .   ? 2.879   -18.214 6.154   1.00 37.21 ? 163 HOH A O   1 
HETATM 1304 O O   . HOH B 2 .   ? 4.475   -15.946 -12.372 1.00 34.49 ? 164 HOH A O   1 
HETATM 1305 O O   . HOH B 2 .   ? 3.137   -16.425 4.194   1.00 26.23 ? 165 HOH A O   1 
HETATM 1306 O O   . HOH B 2 .   ? 3.089   -15.221 1.731   1.00 27.65 ? 166 HOH A O   1 
HETATM 1307 O O   . HOH B 2 .   ? -12.593 3.786   -9.492  1.00 23.37 ? 167 HOH A O   1 
HETATM 1308 O O   A HOH B 2 .   ? -12.517 15.343  -1.160  0.50 19.75 ? 168 HOH A O   1 
HETATM 1309 O O   B HOH B 2 .   ? -11.842 16.225  -3.258  0.50 39.96 ? 168 HOH A O   1 
HETATM 1310 O O   . HOH B 2 .   ? -4.951  -6.824  -6.590  1.00 15.98 ? 169 HOH A O   1 
HETATM 1311 O O   . HOH B 2 .   ? -15.557 2.482   -0.553  1.00 21.24 ? 170 HOH A O   1 
HETATM 1312 O O   . HOH B 2 .   ? -5.103  -7.176  4.474   1.00 29.35 ? 171 HOH A O   1 
HETATM 1313 O O   . HOH B 2 .   ? 11.991  -8.877  11.285  1.00 22.27 ? 172 HOH A O   1 
HETATM 1314 O O   . HOH B 2 .   ? -13.638 1.712   -7.718  1.00 22.93 ? 173 HOH A O   1 
HETATM 1315 O O   . HOH B 2 .   ? -4.597  -8.838  -2.817  1.00 21.32 ? 174 HOH A O   1 
HETATM 1316 O O   . HOH B 2 .   ? -21.861 8.243   1.255   1.00 26.19 ? 175 HOH A O   1 
HETATM 1317 O O   . HOH B 2 .   ? -19.262 6.162   -4.853  1.00 27.43 ? 176 HOH A O   1 
HETATM 1318 O O   . HOH B 2 .   ? 12.220  -9.616  -8.133  1.00 23.15 ? 177 HOH A O   1 
HETATM 1319 O O   . HOH B 2 .   ? 9.923   8.823   -5.453  1.00 24.89 ? 178 HOH A O   1 
HETATM 1320 O O   . HOH B 2 .   ? 12.337  0.645   -7.260  1.00 24.11 ? 179 HOH A O   1 
HETATM 1321 O O   . HOH B 2 .   ? -14.371 -4.424  4.385   1.00 18.36 ? 180 HOH A O   1 
HETATM 1322 O O   . HOH B 2 .   ? -0.392  -10.431 5.394   1.00 24.81 ? 181 HOH A O   1 
HETATM 1323 O O   . HOH B 2 .   ? -4.214  -5.946  -3.187  1.00 19.46 ? 182 HOH A O   1 
HETATM 1324 O O   . HOH B 2 .   ? 11.967  -10.872 0.280   1.00 28.89 ? 183 HOH A O   1 
HETATM 1325 O O   . HOH B 2 .   ? 9.147   -10.492 -11.703 1.00 27.36 ? 184 HOH A O   1 
HETATM 1326 O O   . HOH B 2 .   ? 3.542   5.521   11.748  1.00 37.45 ? 185 HOH A O   1 
HETATM 1327 O O   . HOH B 2 .   ? -0.015  -12.991 9.418   1.00 30.91 ? 186 HOH A O   1 
HETATM 1328 O O   . HOH B 2 .   ? 13.705  -11.294 -6.731  1.00 26.05 ? 187 HOH A O   1 
HETATM 1329 O O   . HOH B 2 .   ? 13.424  3.870   14.244  1.00 25.49 ? 188 HOH A O   1 
HETATM 1330 O O   . HOH B 2 .   ? -9.698  -7.324  -8.797  1.00 24.55 ? 189 HOH A O   1 
HETATM 1331 O O   . HOH B 2 .   ? 1.279   -0.309  -14.372 1.00 34.39 ? 190 HOH A O   1 
HETATM 1332 O O   . HOH B 2 .   ? 11.808  10.259  -4.179  1.00 29.46 ? 191 HOH A O   1 
HETATM 1333 O O   . HOH B 2 .   ? -4.030  -9.519  -5.653  1.00 25.09 ? 192 HOH A O   1 
HETATM 1334 O O   . HOH B 2 .   ? -2.451  7.177   -10.396 1.00 31.87 ? 193 HOH A O   1 
HETATM 1335 O O   . HOH B 2 .   ? -20.879 1.785   -1.351  1.00 30.66 ? 194 HOH A O   1 
HETATM 1336 O O   . HOH B 2 .   ? 1.123   -20.172 6.790   1.00 30.04 ? 195 HOH A O   1 
HETATM 1337 O O   . HOH B 2 .   ? -1.147  9.363   15.112  1.00 28.63 ? 196 HOH A O   1 
HETATM 1338 O O   . HOH B 2 .   ? -2.759  6.789   -13.429 1.00 26.77 ? 197 HOH A O   1 
HETATM 1339 O O   . HOH B 2 .   ? 16.645  4.314   7.987   1.00 31.05 ? 198 HOH A O   1 
HETATM 1340 O O   . HOH B 2 .   ? -11.066 2.588   -11.005 1.00 34.10 ? 199 HOH A O   1 
HETATM 1341 O O   . HOH B 2 .   ? -3.804  -9.181  -12.563 1.00 26.06 ? 200 HOH A O   1 
HETATM 1342 O O   . HOH B 2 .   ? -12.422 0.428   7.997   1.00 34.23 ? 201 HOH A O   1 
HETATM 1343 O O   . HOH B 2 .   ? 15.968  3.590   -5.186  1.00 28.32 ? 202 HOH A O   1 
HETATM 1344 O O   . HOH B 2 .   ? 16.590  2.051   12.106  1.00 30.61 ? 203 HOH A O   1 
HETATM 1345 O O   . HOH B 2 .   ? -10.443 -0.208  -8.263  1.00 38.39 ? 204 HOH A O   1 
HETATM 1346 O O   . HOH B 2 .   ? 15.348  -7.799  -0.779  1.00 29.30 ? 205 HOH A O   1 
HETATM 1347 O O   . HOH B 2 .   ? -15.499 7.435   -9.399  1.00 32.02 ? 206 HOH A O   1 
HETATM 1348 O O   . HOH B 2 .   ? 14.424  -7.687  -8.556  1.00 24.47 ? 207 HOH A O   1 
HETATM 1349 O O   A HOH B 2 .   ? 5.602   7.727   -11.789 0.50 18.70 ? 208 HOH A O   1 
HETATM 1350 O O   B HOH B 2 .   ? 7.352   9.358   -11.673 0.50 22.55 ? 208 HOH A O   1 
HETATM 1351 O O   . HOH B 2 .   ? -17.494 -2.287  -5.811  1.00 29.39 ? 209 HOH A O   1 
HETATM 1352 O O   . HOH B 2 .   ? -7.009  -9.229  -1.663  1.00 24.44 ? 210 HOH A O   1 
HETATM 1353 O O   . HOH B 2 .   ? 10.877  7.871   -7.831  1.00 31.20 ? 211 HOH A O   1 
HETATM 1354 O O   . HOH B 2 .   ? -2.210  -11.506 -12.291 1.00 27.25 ? 212 HOH A O   1 
HETATM 1355 O O   . HOH B 2 .   ? 12.954  8.399   0.769   1.00 28.00 ? 213 HOH A O   1 
HETATM 1356 O O   . HOH B 2 .   ? -13.600 12.751  -1.412  1.00 27.47 ? 214 HOH A O   1 
HETATM 1357 O O   . HOH B 2 .   ? 14.867  -5.086  -9.022  1.00 28.14 ? 215 HOH A O   1 
HETATM 1358 O O   . HOH B 2 .   ? 11.637  -10.901 -10.660 1.00 21.25 ? 216 HOH A O   1 
HETATM 1359 O O   . HOH B 2 .   ? -22.612 1.506   0.508   1.00 28.92 ? 217 HOH A O   1 
HETATM 1360 O O   . HOH B 2 .   ? 13.607  -10.210 -12.460 1.00 29.95 ? 218 HOH A O   1 
HETATM 1361 O O   . HOH B 2 .   ? -5.350  -11.834 -6.130  1.00 40.14 ? 219 HOH A O   1 
HETATM 1362 O O   . HOH B 2 .   ? 18.608  0.723   8.727   1.00 34.84 ? 220 HOH A O   1 
HETATM 1363 O O   . HOH B 2 .   ? -1.158  -21.440 2.042   1.00 29.07 ? 221 HOH A O   1 
HETATM 1364 O O   . HOH B 2 .   ? -15.310 -2.168  13.443  1.00 29.57 ? 222 HOH A O   1 
HETATM 1365 O O   A HOH B 2 .   ? -10.675 12.417  10.954  0.50 17.71 ? 223 HOH A O   1 
HETATM 1366 O O   B HOH B 2 .   ? -12.264 11.064  11.658  0.50 29.27 ? 223 HOH A O   1 
HETATM 1367 O O   . HOH B 2 .   ? -4.413  -7.320  9.021   1.00 29.33 ? 224 HOH A O   1 
HETATM 1368 O O   . HOH B 2 .   ? -14.642 1.972   8.077   1.00 32.35 ? 225 HOH A O   1 
HETATM 1369 O O   . HOH B 2 .   ? -18.853 1.866   -7.312  1.00 29.18 ? 226 HOH A O   1 
HETATM 1370 O O   . HOH B 2 .   ? 17.775  3.386   10.287  1.00 31.21 ? 227 HOH A O   1 
HETATM 1371 O O   . HOH B 2 .   ? -5.659  -9.028  -10.922 1.00 34.29 ? 228 HOH A O   1 
HETATM 1372 O O   . HOH B 2 .   ? 1.292   -1.833  13.122  1.00 27.33 ? 229 HOH A O   1 
HETATM 1373 O O   . HOH B 2 .   ? -8.252  5.712   13.528  1.00 28.73 ? 230 HOH A O   1 
HETATM 1374 O O   . HOH B 2 .   ? -16.209 1.117   -7.227  1.00 29.33 ? 231 HOH A O   1 
HETATM 1375 O O   . HOH B 2 .   ? 15.709  -8.278  -3.463  1.00 43.35 ? 232 HOH A O   1 
HETATM 1376 O O   . HOH B 2 .   ? -5.928  12.826  -12.031 1.00 36.58 ? 233 HOH A O   1 
HETATM 1377 O O   . HOH B 2 .   ? -20.483 -1.450  -3.842  1.00 31.87 ? 234 HOH A O   1 
HETATM 1378 O O   . HOH B 2 .   ? 1.122   1.597   15.563  1.00 31.33 ? 235 HOH A O   1 
HETATM 1379 O O   . HOH B 2 .   ? 0.904   -21.461 4.123   1.00 33.52 ? 236 HOH A O   1 
HETATM 1380 O O   . HOH B 2 .   ? -6.388  -8.406  0.771   1.00 35.04 ? 237 HOH A O   1 
HETATM 1381 O O   . HOH B 2 .   ? -7.831  16.885  4.609   1.00 41.68 ? 238 HOH A O   1 
HETATM 1382 O O   . HOH B 2 .   ? 10.112  -19.852 3.686   1.00 33.69 ? 239 HOH A O   1 
HETATM 1383 O O   . HOH B 2 .   ? -3.481  9.928   16.207  1.00 37.40 ? 240 HOH A O   1 
HETATM 1384 O O   . HOH B 2 .   ? -5.050  15.566  9.653   1.00 34.80 ? 241 HOH A O   1 
HETATM 1385 O O   . HOH B 2 .   ? 8.376   8.568   15.704  1.00 33.04 ? 242 HOH A O   1 
HETATM 1386 O O   . HOH B 2 .   ? 3.658   -10.388 8.448   1.00 30.19 ? 243 HOH A O   1 
HETATM 1387 O O   . HOH B 2 .   ? 13.358  -6.797  11.908  1.00 30.85 ? 244 HOH A O   1 
HETATM 1388 O O   . HOH B 2 .   ? 12.484  -4.092  13.155  1.00 32.81 ? 245 HOH A O   1 
HETATM 1389 O O   . HOH B 2 .   ? -3.967  -18.424 -1.143  1.00 37.93 ? 246 HOH A O   1 
HETATM 1390 O O   . HOH B 2 .   ? 12.291  10.221  4.989   1.00 43.51 ? 247 HOH A O   1 
HETATM 1391 O O   . HOH B 2 .   ? 6.620   0.058   -16.667 1.00 36.00 ? 248 HOH A O   1 
HETATM 1392 O O   . HOH B 2 .   ? -3.735  17.821  10.231  1.00 37.04 ? 249 HOH A O   1 
HETATM 1393 O O   . HOH B 2 .   ? 10.433  -1.670  -11.459 1.00 31.60 ? 250 HOH A O   1 
HETATM 1394 O O   . HOH B 2 .   ? 8.960   16.381  -3.958  1.00 50.13 ? 251 HOH A O   1 
HETATM 1395 O O   . HOH B 2 .   ? -0.309  -11.481 -20.070 1.00 29.52 ? 252 HOH A O   1 
HETATM 1396 O O   . HOH B 2 .   ? -14.739 4.312   6.884   1.00 29.32 ? 253 HOH A O   1 
HETATM 1397 O O   . HOH B 2 .   ? 14.452  9.913   6.625   1.00 37.84 ? 254 HOH A O   1 
HETATM 1398 O O   . HOH B 2 .   ? -0.315  3.670   16.107  1.00 27.64 ? 255 HOH A O   1 
HETATM 1399 O O   . HOH B 2 .   ? 12.765  -1.575  -5.340  1.00 21.85 ? 256 HOH A O   1 
HETATM 1400 O O   . HOH B 2 .   ? -5.788  -0.698  15.635  1.00 39.80 ? 257 HOH A O   1 
HETATM 1401 O O   . HOH B 2 .   ? 11.210  -17.368 5.563   1.00 30.26 ? 258 HOH A O   1 
HETATM 1402 O O   . HOH B 2 .   ? 3.521   -11.599 -20.976 1.00 38.97 ? 259 HOH A O   1 
HETATM 1403 O O   . HOH B 2 .   ? -12.191 12.782  -4.296  1.00 33.13 ? 260 HOH A O   1 
HETATM 1404 O O   . HOH B 2 .   ? -7.619  16.444  -5.398  1.00 36.69 ? 261 HOH A O   1 
# 
